data_1SGW
# 
_entry.id   1SGW 
# 
_audit_conform.dict_name       mmcif_pdbx.dic 
_audit_conform.dict_version    5.386 
_audit_conform.dict_location   http://mmcif.pdb.org/dictionaries/ascii/mmcif_pdbx.dic 
# 
loop_
_database_2.database_id 
_database_2.database_code 
_database_2.pdbx_database_accession 
_database_2.pdbx_DOI 
PDB   1SGW         pdb_00001sgw 10.2210/pdb1sgw/pdb 
RCSB  RCSB021697   ?            ?                   
WWPDB D_1000021697 ?            ?                   
# 
loop_
_pdbx_audit_revision_history.ordinal 
_pdbx_audit_revision_history.data_content_type 
_pdbx_audit_revision_history.major_revision 
_pdbx_audit_revision_history.minor_revision 
_pdbx_audit_revision_history.revision_date 
1 'Structure model' 1 0 2004-08-10 
2 'Structure model' 1 1 2008-04-29 
3 'Structure model' 1 2 2011-07-13 
4 'Structure model' 1 3 2017-10-11 
5 'Structure model' 1 4 2024-02-14 
# 
_pdbx_audit_revision_details.ordinal             1 
_pdbx_audit_revision_details.revision_ordinal    1 
_pdbx_audit_revision_details.data_content_type   'Structure model' 
_pdbx_audit_revision_details.provider            repository 
_pdbx_audit_revision_details.type                'Initial release' 
_pdbx_audit_revision_details.description         ? 
_pdbx_audit_revision_details.details             ? 
# 
loop_
_pdbx_audit_revision_group.ordinal 
_pdbx_audit_revision_group.revision_ordinal 
_pdbx_audit_revision_group.data_content_type 
_pdbx_audit_revision_group.group 
1 2 'Structure model' 'Version format compliance' 
2 3 'Structure model' 'Source and taxonomy'       
3 3 'Structure model' 'Version format compliance' 
4 4 'Structure model' 'Refinement description'    
5 5 'Structure model' 'Data collection'           
6 5 'Structure model' 'Database references'       
7 5 'Structure model' 'Derived calculations'      
# 
loop_
_pdbx_audit_revision_category.ordinal 
_pdbx_audit_revision_category.revision_ordinal 
_pdbx_audit_revision_category.data_content_type 
_pdbx_audit_revision_category.category 
1 4 'Structure model' software           
2 5 'Structure model' chem_comp_atom     
3 5 'Structure model' chem_comp_bond     
4 5 'Structure model' database_2         
5 5 'Structure model' struct_ref_seq_dif 
6 5 'Structure model' struct_site        
# 
loop_
_pdbx_audit_revision_item.ordinal 
_pdbx_audit_revision_item.revision_ordinal 
_pdbx_audit_revision_item.data_content_type 
_pdbx_audit_revision_item.item 
1 5 'Structure model' '_database_2.pdbx_DOI'                
2 5 'Structure model' '_database_2.pdbx_database_accession' 
3 5 'Structure model' '_struct_ref_seq_dif.details'         
4 5 'Structure model' '_struct_site.pdbx_auth_asym_id'      
5 5 'Structure model' '_struct_site.pdbx_auth_comp_id'      
6 5 'Structure model' '_struct_site.pdbx_auth_seq_id'       
# 
_pdbx_database_status.entry_id                        1SGW 
_pdbx_database_status.deposit_site                    RCSB 
_pdbx_database_status.process_site                    RCSB 
_pdbx_database_status.recvd_initial_deposition_date   2004-02-24 
_pdbx_database_status.status_code                     REL 
_pdbx_database_status.SG_entry                        Y 
_pdbx_database_status.status_code_sf                  REL 
_pdbx_database_status.status_code_mr                  ? 
_pdbx_database_status.pdb_format_compatible           Y 
_pdbx_database_status.status_code_cs                  ? 
_pdbx_database_status.methods_development_category    ? 
_pdbx_database_status.status_code_nmr_data            ? 
# 
_pdbx_database_related.db_name        TargetDB 
_pdbx_database_related.db_id          Pfu-867808-001 
_pdbx_database_related.details        . 
_pdbx_database_related.content_type   unspecified 
# 
loop_
_audit_author.name 
_audit_author.pdbx_ordinal 
'Liu, Z.J.'                                               1  
'Tempel, W.'                                              2  
'Shah, A.'                                                3  
'Chen, L.'                                                4  
'Lee, D.'                                                 5  
'Kelley, L.-L.C.'                                         6  
'Dillard, B.D.'                                           7  
'Rose, J.P.'                                              8  
'Eneh, J.C.'                                              9  
'Hopkins, R.C.'                                           10 
'Jenney Jr., F.E.'                                        11 
'Lee, H.S.'                                               12 
'Poole II, F.L.'                                          13 
'Shah, C.'                                                14 
'Sugar, F.J.'                                             15 
'Adams, M.W.W.'                                           16 
'Richardson, D.C.'                                        17 
'Richardson, J.S.'                                        18 
'Wang, B.C.'                                              19 
'Southeast Collaboratory for Structural Genomics (SECSG)' 20 
# 
_citation.id                        primary 
_citation.title                     'Putative ABC transporter (ATP-binding protein) from Pyrococcus furiosus Pfu-867808-001' 
_citation.journal_abbrev            'To be Published' 
_citation.journal_volume            ? 
_citation.page_first                ? 
_citation.page_last                 ? 
_citation.year                      ? 
_citation.journal_id_ASTM           ? 
_citation.country                   ? 
_citation.journal_id_ISSN           ? 
_citation.journal_id_CSD            0353 
_citation.book_publisher            ? 
_citation.pdbx_database_id_PubMed   ? 
_citation.pdbx_database_id_DOI      ? 
# 
loop_
_citation_author.citation_id 
_citation_author.name 
_citation_author.ordinal 
_citation_author.identifier_ORCID 
primary 'Liu, Z.J.'                                       1  ? 
primary 'Tempel, W.'                                      2  ? 
primary 'Shah, A.'                                        3  ? 
primary 'Chen, L.'                                        4  ? 
primary 'Lee, D.'                                         5  ? 
primary 'Kelley, L.-L.C.'                                 6  ? 
primary 'Dillard, B.D.'                                   7  ? 
primary 'Rose, J.P.'                                      8  ? 
primary 'Eneh, J.C.'                                      9  ? 
primary 'Hopkins, R.C.'                                   10 ? 
primary 'Jenney Jr., F.E.'                                11 ? 
primary 'Lee, H.S.'                                       12 ? 
primary 'Poole II, F.L.'                                  13 ? 
primary 'Shah, C.'                                        14 ? 
primary 'Sugar, F.J.'                                     15 ? 
primary 'Adams, M.W.W.'                                   16 ? 
primary 'Richardson, D.C.'                                17 ? 
primary 'Richardson, J.S.'                                18 ? 
primary 'Wang, B.C.'                                      19 ? 
primary 'Southeast Collaboratory for Structural Genomics' 20 ? 
# 
loop_
_entity.id 
_entity.type 
_entity.src_method 
_entity.pdbx_description 
_entity.formula_weight 
_entity.pdbx_number_of_molecules 
_entity.pdbx_ec 
_entity.pdbx_mutation 
_entity.pdbx_fragment 
_entity.details 
1 polymer     man 'putative ABC transporter' 24100.098 1  ? ? ? 
;THE PROTEIN WAS CLONED, EXPRESSED AND PURIFIED BY THE SECSG PYROCOCCUS PROTEIN PRODUCTION GROUP (M.W.W.ADAMS, P.S.BRERETON, M.IZUMI, F.E.JENNEY JR., H.-S.LEE, F.L.POOLE II, C.SHAH, F.SUGAR) UNDER THE DIRECTION OF M.W.W.ADAMS.
;
2 non-polymer syn 'CHLORIDE ION'             35.453    2  ? ? ? ? 
3 non-polymer syn 'SODIUM ION'               22.990    1  ? ? ? ? 
4 water       nat water                      18.015    96 ? ? ? ? 
# 
_entity_poly.entity_id                      1 
_entity_poly.type                           'polypeptide(L)' 
_entity_poly.nstd_linkage                   no 
_entity_poly.nstd_monomer                   no 
_entity_poly.pdbx_seq_one_letter_code       
;AHHHHHHGSKLEIRDLSVGYDKPVLERITMTIEKGNVVNFHGPNGIGKTTLLKTISTYLKPLKGEIIYNGVPITKVKGKI
FFLPEEIIVPRKISVEDYLKAVASLYGVKVNKNEIMDALESVEVLDLKKKLGELSQGTIRRVQLASTLLVNAEIYVLDDP
VVAIDEDSKHKVLKSILEILKEKGIVIISSREELSYCDVNENLHKYSTKIDKKD
;
_entity_poly.pdbx_seq_one_letter_code_can   
;AHHHHHHGSKLEIRDLSVGYDKPVLERITMTIEKGNVVNFHGPNGIGKTTLLKTISTYLKPLKGEIIYNGVPITKVKGKI
FFLPEEIIVPRKISVEDYLKAVASLYGVKVNKNEIMDALESVEVLDLKKKLGELSQGTIRRVQLASTLLVNAEIYVLDDP
VVAIDEDSKHKVLKSILEILKEKGIVIISSREELSYCDVNENLHKYSTKIDKKD
;
_entity_poly.pdbx_strand_id                 A 
_entity_poly.pdbx_target_identifier         Pfu-867808-001 
# 
loop_
_pdbx_entity_nonpoly.entity_id 
_pdbx_entity_nonpoly.name 
_pdbx_entity_nonpoly.comp_id 
2 'CHLORIDE ION' CL  
3 'SODIUM ION'   NA  
4 water          HOH 
# 
loop_
_entity_poly_seq.entity_id 
_entity_poly_seq.num 
_entity_poly_seq.mon_id 
_entity_poly_seq.hetero 
1 1   ALA n 
1 2   HIS n 
1 3   HIS n 
1 4   HIS n 
1 5   HIS n 
1 6   HIS n 
1 7   HIS n 
1 8   GLY n 
1 9   SER n 
1 10  LYS n 
1 11  LEU n 
1 12  GLU n 
1 13  ILE n 
1 14  ARG n 
1 15  ASP n 
1 16  LEU n 
1 17  SER n 
1 18  VAL n 
1 19  GLY n 
1 20  TYR n 
1 21  ASP n 
1 22  LYS n 
1 23  PRO n 
1 24  VAL n 
1 25  LEU n 
1 26  GLU n 
1 27  ARG n 
1 28  ILE n 
1 29  THR n 
1 30  MET n 
1 31  THR n 
1 32  ILE n 
1 33  GLU n 
1 34  LYS n 
1 35  GLY n 
1 36  ASN n 
1 37  VAL n 
1 38  VAL n 
1 39  ASN n 
1 40  PHE n 
1 41  HIS n 
1 42  GLY n 
1 43  PRO n 
1 44  ASN n 
1 45  GLY n 
1 46  ILE n 
1 47  GLY n 
1 48  LYS n 
1 49  THR n 
1 50  THR n 
1 51  LEU n 
1 52  LEU n 
1 53  LYS n 
1 54  THR n 
1 55  ILE n 
1 56  SER n 
1 57  THR n 
1 58  TYR n 
1 59  LEU n 
1 60  LYS n 
1 61  PRO n 
1 62  LEU n 
1 63  LYS n 
1 64  GLY n 
1 65  GLU n 
1 66  ILE n 
1 67  ILE n 
1 68  TYR n 
1 69  ASN n 
1 70  GLY n 
1 71  VAL n 
1 72  PRO n 
1 73  ILE n 
1 74  THR n 
1 75  LYS n 
1 76  VAL n 
1 77  LYS n 
1 78  GLY n 
1 79  LYS n 
1 80  ILE n 
1 81  PHE n 
1 82  PHE n 
1 83  LEU n 
1 84  PRO n 
1 85  GLU n 
1 86  GLU n 
1 87  ILE n 
1 88  ILE n 
1 89  VAL n 
1 90  PRO n 
1 91  ARG n 
1 92  LYS n 
1 93  ILE n 
1 94  SER n 
1 95  VAL n 
1 96  GLU n 
1 97  ASP n 
1 98  TYR n 
1 99  LEU n 
1 100 LYS n 
1 101 ALA n 
1 102 VAL n 
1 103 ALA n 
1 104 SER n 
1 105 LEU n 
1 106 TYR n 
1 107 GLY n 
1 108 VAL n 
1 109 LYS n 
1 110 VAL n 
1 111 ASN n 
1 112 LYS n 
1 113 ASN n 
1 114 GLU n 
1 115 ILE n 
1 116 MET n 
1 117 ASP n 
1 118 ALA n 
1 119 LEU n 
1 120 GLU n 
1 121 SER n 
1 122 VAL n 
1 123 GLU n 
1 124 VAL n 
1 125 LEU n 
1 126 ASP n 
1 127 LEU n 
1 128 LYS n 
1 129 LYS n 
1 130 LYS n 
1 131 LEU n 
1 132 GLY n 
1 133 GLU n 
1 134 LEU n 
1 135 SER n 
1 136 GLN n 
1 137 GLY n 
1 138 THR n 
1 139 ILE n 
1 140 ARG n 
1 141 ARG n 
1 142 VAL n 
1 143 GLN n 
1 144 LEU n 
1 145 ALA n 
1 146 SER n 
1 147 THR n 
1 148 LEU n 
1 149 LEU n 
1 150 VAL n 
1 151 ASN n 
1 152 ALA n 
1 153 GLU n 
1 154 ILE n 
1 155 TYR n 
1 156 VAL n 
1 157 LEU n 
1 158 ASP n 
1 159 ASP n 
1 160 PRO n 
1 161 VAL n 
1 162 VAL n 
1 163 ALA n 
1 164 ILE n 
1 165 ASP n 
1 166 GLU n 
1 167 ASP n 
1 168 SER n 
1 169 LYS n 
1 170 HIS n 
1 171 LYS n 
1 172 VAL n 
1 173 LEU n 
1 174 LYS n 
1 175 SER n 
1 176 ILE n 
1 177 LEU n 
1 178 GLU n 
1 179 ILE n 
1 180 LEU n 
1 181 LYS n 
1 182 GLU n 
1 183 LYS n 
1 184 GLY n 
1 185 ILE n 
1 186 VAL n 
1 187 ILE n 
1 188 ILE n 
1 189 SER n 
1 190 SER n 
1 191 ARG n 
1 192 GLU n 
1 193 GLU n 
1 194 LEU n 
1 195 SER n 
1 196 TYR n 
1 197 CYS n 
1 198 ASP n 
1 199 VAL n 
1 200 ASN n 
1 201 GLU n 
1 202 ASN n 
1 203 LEU n 
1 204 HIS n 
1 205 LYS n 
1 206 TYR n 
1 207 SER n 
1 208 THR n 
1 209 LYS n 
1 210 ILE n 
1 211 ASP n 
1 212 LYS n 
1 213 LYS n 
1 214 ASP n 
# 
_entity_src_gen.entity_id                          1 
_entity_src_gen.pdbx_src_id                        1 
_entity_src_gen.pdbx_alt_source_flag               sample 
_entity_src_gen.pdbx_seq_type                      ? 
_entity_src_gen.pdbx_beg_seq_num                   ? 
_entity_src_gen.pdbx_end_seq_num                   ? 
_entity_src_gen.gene_src_common_name               ? 
_entity_src_gen.gene_src_genus                     Pyrococcus 
_entity_src_gen.pdbx_gene_src_gene                 ? 
_entity_src_gen.gene_src_species                   'Pyrococcus furiosus' 
_entity_src_gen.gene_src_strain                    'DSM 3638' 
_entity_src_gen.gene_src_tissue                    ? 
_entity_src_gen.gene_src_tissue_fraction           ? 
_entity_src_gen.gene_src_details                   ? 
_entity_src_gen.pdbx_gene_src_fragment             ? 
_entity_src_gen.pdbx_gene_src_scientific_name      'Pyrococcus furiosus' 
_entity_src_gen.pdbx_gene_src_ncbi_taxonomy_id     186497 
_entity_src_gen.pdbx_gene_src_variant              ? 
_entity_src_gen.pdbx_gene_src_cell_line            ? 
_entity_src_gen.pdbx_gene_src_atcc                 ? 
_entity_src_gen.pdbx_gene_src_organ                ? 
_entity_src_gen.pdbx_gene_src_organelle            ? 
_entity_src_gen.pdbx_gene_src_cell                 ? 
_entity_src_gen.pdbx_gene_src_cellular_location    ? 
_entity_src_gen.host_org_common_name               ? 
_entity_src_gen.pdbx_host_org_scientific_name      'Escherichia coli' 
_entity_src_gen.pdbx_host_org_ncbi_taxonomy_id     562 
_entity_src_gen.host_org_genus                     Escherichia 
_entity_src_gen.pdbx_host_org_gene                 ? 
_entity_src_gen.pdbx_host_org_organ                ? 
_entity_src_gen.host_org_species                   ? 
_entity_src_gen.pdbx_host_org_tissue               ? 
_entity_src_gen.pdbx_host_org_tissue_fraction      ? 
_entity_src_gen.pdbx_host_org_strain               ? 
_entity_src_gen.pdbx_host_org_variant              ? 
_entity_src_gen.pdbx_host_org_cell_line            ? 
_entity_src_gen.pdbx_host_org_atcc                 ? 
_entity_src_gen.pdbx_host_org_culture_collection   ? 
_entity_src_gen.pdbx_host_org_cell                 ? 
_entity_src_gen.pdbx_host_org_organelle            ? 
_entity_src_gen.pdbx_host_org_cellular_location    ? 
_entity_src_gen.pdbx_host_org_vector_type          ? 
_entity_src_gen.pdbx_host_org_vector               ? 
_entity_src_gen.host_org_details                   ? 
_entity_src_gen.expression_system_id               ? 
_entity_src_gen.plasmid_name                       ? 
_entity_src_gen.plasmid_details                    ? 
_entity_src_gen.pdbx_description                   ? 
# 
loop_
_chem_comp.id 
_chem_comp.type 
_chem_comp.mon_nstd_flag 
_chem_comp.name 
_chem_comp.pdbx_synonyms 
_chem_comp.formula 
_chem_comp.formula_weight 
ALA 'L-peptide linking' y ALANINE         ? 'C3 H7 N O2'     89.093  
ARG 'L-peptide linking' y ARGININE        ? 'C6 H15 N4 O2 1' 175.209 
ASN 'L-peptide linking' y ASPARAGINE      ? 'C4 H8 N2 O3'    132.118 
ASP 'L-peptide linking' y 'ASPARTIC ACID' ? 'C4 H7 N O4'     133.103 
CL  non-polymer         . 'CHLORIDE ION'  ? 'Cl -1'          35.453  
CYS 'L-peptide linking' y CYSTEINE        ? 'C3 H7 N O2 S'   121.158 
GLN 'L-peptide linking' y GLUTAMINE       ? 'C5 H10 N2 O3'   146.144 
GLU 'L-peptide linking' y 'GLUTAMIC ACID' ? 'C5 H9 N O4'     147.129 
GLY 'peptide linking'   y GLYCINE         ? 'C2 H5 N O2'     75.067  
HIS 'L-peptide linking' y HISTIDINE       ? 'C6 H10 N3 O2 1' 156.162 
HOH non-polymer         . WATER           ? 'H2 O'           18.015  
ILE 'L-peptide linking' y ISOLEUCINE      ? 'C6 H13 N O2'    131.173 
LEU 'L-peptide linking' y LEUCINE         ? 'C6 H13 N O2'    131.173 
LYS 'L-peptide linking' y LYSINE          ? 'C6 H15 N2 O2 1' 147.195 
MET 'L-peptide linking' y METHIONINE      ? 'C5 H11 N O2 S'  149.211 
NA  non-polymer         . 'SODIUM ION'    ? 'Na 1'           22.990  
PHE 'L-peptide linking' y PHENYLALANINE   ? 'C9 H11 N O2'    165.189 
PRO 'L-peptide linking' y PROLINE         ? 'C5 H9 N O2'     115.130 
SER 'L-peptide linking' y SERINE          ? 'C3 H7 N O3'     105.093 
THR 'L-peptide linking' y THREONINE       ? 'C4 H9 N O3'     119.119 
TYR 'L-peptide linking' y TYROSINE        ? 'C9 H11 N O3'    181.189 
VAL 'L-peptide linking' y VALINE          ? 'C5 H11 N O2'    117.146 
# 
loop_
_pdbx_poly_seq_scheme.asym_id 
_pdbx_poly_seq_scheme.entity_id 
_pdbx_poly_seq_scheme.seq_id 
_pdbx_poly_seq_scheme.mon_id 
_pdbx_poly_seq_scheme.ndb_seq_num 
_pdbx_poly_seq_scheme.pdb_seq_num 
_pdbx_poly_seq_scheme.auth_seq_num 
_pdbx_poly_seq_scheme.pdb_mon_id 
_pdbx_poly_seq_scheme.auth_mon_id 
_pdbx_poly_seq_scheme.pdb_strand_id 
_pdbx_poly_seq_scheme.pdb_ins_code 
_pdbx_poly_seq_scheme.hetero 
A 1 1   ALA 1   -7  ?   ?   ?   A . n 
A 1 2   HIS 2   -6  ?   ?   ?   A . n 
A 1 3   HIS 3   -5  ?   ?   ?   A . n 
A 1 4   HIS 4   -4  ?   ?   ?   A . n 
A 1 5   HIS 5   -3  ?   ?   ?   A . n 
A 1 6   HIS 6   -2  ?   ?   ?   A . n 
A 1 7   HIS 7   -1  ?   ?   ?   A . n 
A 1 8   GLY 8   0   ?   ?   ?   A . n 
A 1 9   SER 9   1   1   SER SER A . n 
A 1 10  LYS 10  2   2   LYS LYS A . n 
A 1 11  LEU 11  3   3   LEU LEU A . n 
A 1 12  GLU 12  4   4   GLU GLU A . n 
A 1 13  ILE 13  5   5   ILE ILE A . n 
A 1 14  ARG 14  6   6   ARG ARG A . n 
A 1 15  ASP 15  7   7   ASP ASP A . n 
A 1 16  LEU 16  8   8   LEU LEU A . n 
A 1 17  SER 17  9   9   SER SER A . n 
A 1 18  VAL 18  10  10  VAL VAL A . n 
A 1 19  GLY 19  11  11  GLY GLY A . n 
A 1 20  TYR 20  12  12  TYR TYR A . n 
A 1 21  ASP 21  13  13  ASP ASP A . n 
A 1 22  LYS 22  14  14  LYS LYS A . n 
A 1 23  PRO 23  15  15  PRO PRO A . n 
A 1 24  VAL 24  16  16  VAL VAL A . n 
A 1 25  LEU 25  17  17  LEU LEU A . n 
A 1 26  GLU 26  18  18  GLU GLU A . n 
A 1 27  ARG 27  19  19  ARG ARG A . n 
A 1 28  ILE 28  20  20  ILE ILE A . n 
A 1 29  THR 29  21  21  THR THR A . n 
A 1 30  MET 30  22  22  MET MET A . n 
A 1 31  THR 31  23  23  THR THR A . n 
A 1 32  ILE 32  24  24  ILE ILE A . n 
A 1 33  GLU 33  25  25  GLU GLU A . n 
A 1 34  LYS 34  26  26  LYS LYS A . n 
A 1 35  GLY 35  27  27  GLY GLY A . n 
A 1 36  ASN 36  28  28  ASN ASN A . n 
A 1 37  VAL 37  29  29  VAL VAL A . n 
A 1 38  VAL 38  30  30  VAL VAL A . n 
A 1 39  ASN 39  31  31  ASN ASN A . n 
A 1 40  PHE 40  32  32  PHE PHE A . n 
A 1 41  HIS 41  33  33  HIS HIS A . n 
A 1 42  GLY 42  34  34  GLY GLY A . n 
A 1 43  PRO 43  35  35  PRO PRO A . n 
A 1 44  ASN 44  36  36  ASN ASN A . n 
A 1 45  GLY 45  37  37  GLY GLY A . n 
A 1 46  ILE 46  38  38  ILE ILE A . n 
A 1 47  GLY 47  39  39  GLY GLY A . n 
A 1 48  LYS 48  40  40  LYS LYS A . n 
A 1 49  THR 49  41  41  THR THR A . n 
A 1 50  THR 50  42  42  THR THR A . n 
A 1 51  LEU 51  43  43  LEU LEU A . n 
A 1 52  LEU 52  44  44  LEU LEU A . n 
A 1 53  LYS 53  45  45  LYS LYS A . n 
A 1 54  THR 54  46  46  THR THR A . n 
A 1 55  ILE 55  47  47  ILE ILE A . n 
A 1 56  SER 56  48  48  SER SER A . n 
A 1 57  THR 57  49  49  THR THR A . n 
A 1 58  TYR 58  50  50  TYR TYR A . n 
A 1 59  LEU 59  51  51  LEU LEU A . n 
A 1 60  LYS 60  52  52  LYS LYS A . n 
A 1 61  PRO 61  53  53  PRO PRO A . n 
A 1 62  LEU 62  54  54  LEU LEU A . n 
A 1 63  LYS 63  55  55  LYS LYS A . n 
A 1 64  GLY 64  56  56  GLY GLY A . n 
A 1 65  GLU 65  57  57  GLU GLU A . n 
A 1 66  ILE 66  58  58  ILE ILE A . n 
A 1 67  ILE 67  59  59  ILE ILE A . n 
A 1 68  TYR 68  60  60  TYR TYR A . n 
A 1 69  ASN 69  61  61  ASN ASN A . n 
A 1 70  GLY 70  62  62  GLY GLY A . n 
A 1 71  VAL 71  63  63  VAL VAL A . n 
A 1 72  PRO 72  64  64  PRO PRO A . n 
A 1 73  ILE 73  65  65  ILE ILE A . n 
A 1 74  THR 74  66  66  THR THR A . n 
A 1 75  LYS 75  67  67  LYS LYS A . n 
A 1 76  VAL 76  68  68  VAL VAL A . n 
A 1 77  LYS 77  69  69  LYS LYS A . n 
A 1 78  GLY 78  70  70  GLY GLY A . n 
A 1 79  LYS 79  71  71  LYS LYS A . n 
A 1 80  ILE 80  72  72  ILE ILE A . n 
A 1 81  PHE 81  73  73  PHE PHE A . n 
A 1 82  PHE 82  74  74  PHE PHE A . n 
A 1 83  LEU 83  75  75  LEU LEU A . n 
A 1 84  PRO 84  76  76  PRO PRO A . n 
A 1 85  GLU 85  77  77  GLU GLU A . n 
A 1 86  GLU 86  78  78  GLU GLU A . n 
A 1 87  ILE 87  79  79  ILE ILE A . n 
A 1 88  ILE 88  80  80  ILE ILE A . n 
A 1 89  VAL 89  81  81  VAL VAL A . n 
A 1 90  PRO 90  82  82  PRO PRO A . n 
A 1 91  ARG 91  83  83  ARG ARG A . n 
A 1 92  LYS 92  84  84  LYS LYS A . n 
A 1 93  ILE 93  85  85  ILE ILE A . n 
A 1 94  SER 94  86  86  SER SER A . n 
A 1 95  VAL 95  87  87  VAL VAL A . n 
A 1 96  GLU 96  88  88  GLU GLU A . n 
A 1 97  ASP 97  89  89  ASP ASP A . n 
A 1 98  TYR 98  90  90  TYR TYR A . n 
A 1 99  LEU 99  91  91  LEU LEU A . n 
A 1 100 LYS 100 92  92  LYS LYS A . n 
A 1 101 ALA 101 93  93  ALA ALA A . n 
A 1 102 VAL 102 94  94  VAL VAL A . n 
A 1 103 ALA 103 95  95  ALA ALA A . n 
A 1 104 SER 104 96  96  SER SER A . n 
A 1 105 LEU 105 97  97  LEU LEU A . n 
A 1 106 TYR 106 98  98  TYR TYR A . n 
A 1 107 GLY 107 99  99  GLY GLY A . n 
A 1 108 VAL 108 100 100 VAL VAL A . n 
A 1 109 LYS 109 101 101 LYS LYS A . n 
A 1 110 VAL 110 102 102 VAL VAL A . n 
A 1 111 ASN 111 103 103 ASN ASN A . n 
A 1 112 LYS 112 104 104 LYS LYS A . n 
A 1 113 ASN 113 105 105 ASN ASN A . n 
A 1 114 GLU 114 106 106 GLU GLU A . n 
A 1 115 ILE 115 107 107 ILE ILE A . n 
A 1 116 MET 116 108 108 MET MET A . n 
A 1 117 ASP 117 109 109 ASP ASP A . n 
A 1 118 ALA 118 110 110 ALA ALA A . n 
A 1 119 LEU 119 111 111 LEU LEU A . n 
A 1 120 GLU 120 112 112 GLU GLU A . n 
A 1 121 SER 121 113 113 SER SER A . n 
A 1 122 VAL 122 114 114 VAL VAL A . n 
A 1 123 GLU 123 115 115 GLU GLU A . n 
A 1 124 VAL 124 116 116 VAL VAL A . n 
A 1 125 LEU 125 117 117 LEU LEU A . n 
A 1 126 ASP 126 118 118 ASP ASP A . n 
A 1 127 LEU 127 119 119 LEU LEU A . n 
A 1 128 LYS 128 120 120 LYS LYS A . n 
A 1 129 LYS 129 121 121 LYS LYS A . n 
A 1 130 LYS 130 122 122 LYS LYS A . n 
A 1 131 LEU 131 123 123 LEU LEU A . n 
A 1 132 GLY 132 124 124 GLY GLY A . n 
A 1 133 GLU 133 125 125 GLU GLU A . n 
A 1 134 LEU 134 126 126 LEU LEU A . n 
A 1 135 SER 135 127 127 SER SER A . n 
A 1 136 GLN 136 128 128 GLN GLN A . n 
A 1 137 GLY 137 129 129 GLY GLY A . n 
A 1 138 THR 138 130 130 THR THR A . n 
A 1 139 ILE 139 131 131 ILE ILE A . n 
A 1 140 ARG 140 132 132 ARG ARG A . n 
A 1 141 ARG 141 133 133 ARG ARG A . n 
A 1 142 VAL 142 134 134 VAL VAL A . n 
A 1 143 GLN 143 135 135 GLN GLN A . n 
A 1 144 LEU 144 136 136 LEU LEU A . n 
A 1 145 ALA 145 137 137 ALA ALA A . n 
A 1 146 SER 146 138 138 SER SER A . n 
A 1 147 THR 147 139 139 THR THR A . n 
A 1 148 LEU 148 140 140 LEU LEU A . n 
A 1 149 LEU 149 141 141 LEU LEU A . n 
A 1 150 VAL 150 142 142 VAL VAL A . n 
A 1 151 ASN 151 143 143 ASN ASN A . n 
A 1 152 ALA 152 144 144 ALA ALA A . n 
A 1 153 GLU 153 145 145 GLU GLU A . n 
A 1 154 ILE 154 146 146 ILE ILE A . n 
A 1 155 TYR 155 147 147 TYR TYR A . n 
A 1 156 VAL 156 148 148 VAL VAL A . n 
A 1 157 LEU 157 149 149 LEU LEU A . n 
A 1 158 ASP 158 150 150 ASP ASP A . n 
A 1 159 ASP 159 151 151 ASP ASP A . n 
A 1 160 PRO 160 152 152 PRO PRO A . n 
A 1 161 VAL 161 153 153 VAL VAL A . n 
A 1 162 VAL 162 154 154 VAL VAL A . n 
A 1 163 ALA 163 155 155 ALA ALA A . n 
A 1 164 ILE 164 156 156 ILE ILE A . n 
A 1 165 ASP 165 157 157 ASP ASP A . n 
A 1 166 GLU 166 158 158 GLU GLU A . n 
A 1 167 ASP 167 159 159 ASP ASP A . n 
A 1 168 SER 168 160 160 SER SER A . n 
A 1 169 LYS 169 161 161 LYS LYS A . n 
A 1 170 HIS 170 162 162 HIS HIS A . n 
A 1 171 LYS 171 163 163 LYS LYS A . n 
A 1 172 VAL 172 164 164 VAL VAL A . n 
A 1 173 LEU 173 165 165 LEU LEU A . n 
A 1 174 LYS 174 166 166 LYS LYS A . n 
A 1 175 SER 175 167 167 SER SER A . n 
A 1 176 ILE 176 168 168 ILE ILE A . n 
A 1 177 LEU 177 169 169 LEU LEU A . n 
A 1 178 GLU 178 170 170 GLU GLU A . n 
A 1 179 ILE 179 171 171 ILE ILE A . n 
A 1 180 LEU 180 172 172 LEU LEU A . n 
A 1 181 LYS 181 173 173 LYS LYS A . n 
A 1 182 GLU 182 174 174 GLU GLU A . n 
A 1 183 LYS 183 175 175 LYS LYS A . n 
A 1 184 GLY 184 176 176 GLY GLY A . n 
A 1 185 ILE 185 177 177 ILE ILE A . n 
A 1 186 VAL 186 178 178 VAL VAL A . n 
A 1 187 ILE 187 179 179 ILE ILE A . n 
A 1 188 ILE 188 180 180 ILE ILE A . n 
A 1 189 SER 189 181 181 SER SER A . n 
A 1 190 SER 190 182 182 SER SER A . n 
A 1 191 ARG 191 183 183 ARG ARG A . n 
A 1 192 GLU 192 184 184 GLU GLU A . n 
A 1 193 GLU 193 185 185 GLU GLU A . n 
A 1 194 LEU 194 186 186 LEU LEU A . n 
A 1 195 SER 195 187 187 SER SER A . n 
A 1 196 TYR 196 188 188 TYR TYR A . n 
A 1 197 CYS 197 189 189 CYS CYS A . n 
A 1 198 ASP 198 190 190 ASP ASP A . n 
A 1 199 VAL 199 191 191 VAL VAL A . n 
A 1 200 ASN 200 192 192 ASN ASN A . n 
A 1 201 GLU 201 193 193 GLU GLU A . n 
A 1 202 ASN 202 194 194 ASN ASN A . n 
A 1 203 LEU 203 195 195 LEU LEU A . n 
A 1 204 HIS 204 196 196 HIS HIS A . n 
A 1 205 LYS 205 197 197 LYS LYS A . n 
A 1 206 TYR 206 198 198 TYR TYR A . n 
A 1 207 SER 207 199 199 SER SER A . n 
A 1 208 THR 208 200 200 THR THR A . n 
A 1 209 LYS 209 201 ?   ?   ?   A . n 
A 1 210 ILE 210 202 ?   ?   ?   A . n 
A 1 211 ASP 211 203 ?   ?   ?   A . n 
A 1 212 LYS 212 204 ?   ?   ?   A . n 
A 1 213 LYS 213 205 ?   ?   ?   A . n 
A 1 214 ASP 214 206 ?   ?   ?   A . n 
# 
loop_
_pdbx_nonpoly_scheme.asym_id 
_pdbx_nonpoly_scheme.entity_id 
_pdbx_nonpoly_scheme.mon_id 
_pdbx_nonpoly_scheme.ndb_seq_num 
_pdbx_nonpoly_scheme.pdb_seq_num 
_pdbx_nonpoly_scheme.auth_seq_num 
_pdbx_nonpoly_scheme.pdb_mon_id 
_pdbx_nonpoly_scheme.auth_mon_id 
_pdbx_nonpoly_scheme.pdb_strand_id 
_pdbx_nonpoly_scheme.pdb_ins_code 
B 2 CL  1  207 201 CL  CL  A . 
C 3 NA  1  208 202 NA  NA  A . 
D 2 CL  1  209 203 CL  CL  A . 
E 4 HOH 1  210 1   HOH HOH A . 
E 4 HOH 2  211 2   HOH HOH A . 
E 4 HOH 3  212 3   HOH HOH A . 
E 4 HOH 4  213 4   HOH HOH A . 
E 4 HOH 5  214 5   HOH HOH A . 
E 4 HOH 6  215 6   HOH HOH A . 
E 4 HOH 7  216 7   HOH HOH A . 
E 4 HOH 8  217 8   HOH HOH A . 
E 4 HOH 9  218 9   HOH HOH A . 
E 4 HOH 10 219 10  HOH HOH A . 
E 4 HOH 11 220 11  HOH HOH A . 
E 4 HOH 12 221 12  HOH HOH A . 
E 4 HOH 13 222 13  HOH HOH A . 
E 4 HOH 14 223 14  HOH HOH A . 
E 4 HOH 15 224 15  HOH HOH A . 
E 4 HOH 16 225 16  HOH HOH A . 
E 4 HOH 17 226 17  HOH HOH A . 
E 4 HOH 18 227 18  HOH HOH A . 
E 4 HOH 19 228 19  HOH HOH A . 
E 4 HOH 20 229 20  HOH HOH A . 
E 4 HOH 21 230 21  HOH HOH A . 
E 4 HOH 22 231 22  HOH HOH A . 
E 4 HOH 23 232 23  HOH HOH A . 
E 4 HOH 24 233 24  HOH HOH A . 
E 4 HOH 25 234 25  HOH HOH A . 
E 4 HOH 26 235 26  HOH HOH A . 
E 4 HOH 27 236 27  HOH HOH A . 
E 4 HOH 28 237 28  HOH HOH A . 
E 4 HOH 29 238 29  HOH HOH A . 
E 4 HOH 30 239 30  HOH HOH A . 
E 4 HOH 31 240 31  HOH HOH A . 
E 4 HOH 32 241 32  HOH HOH A . 
E 4 HOH 33 242 33  HOH HOH A . 
E 4 HOH 34 243 34  HOH HOH A . 
E 4 HOH 35 244 35  HOH HOH A . 
E 4 HOH 36 245 36  HOH HOH A . 
E 4 HOH 37 246 37  HOH HOH A . 
E 4 HOH 38 247 38  HOH HOH A . 
E 4 HOH 39 248 39  HOH HOH A . 
E 4 HOH 40 249 40  HOH HOH A . 
E 4 HOH 41 250 41  HOH HOH A . 
E 4 HOH 42 251 42  HOH HOH A . 
E 4 HOH 43 252 43  HOH HOH A . 
E 4 HOH 44 253 44  HOH HOH A . 
E 4 HOH 45 254 45  HOH HOH A . 
E 4 HOH 46 255 46  HOH HOH A . 
E 4 HOH 47 256 47  HOH HOH A . 
E 4 HOH 48 257 48  HOH HOH A . 
E 4 HOH 49 258 49  HOH HOH A . 
E 4 HOH 50 259 50  HOH HOH A . 
E 4 HOH 51 260 51  HOH HOH A . 
E 4 HOH 52 261 52  HOH HOH A . 
E 4 HOH 53 262 53  HOH HOH A . 
E 4 HOH 54 263 54  HOH HOH A . 
E 4 HOH 55 264 55  HOH HOH A . 
E 4 HOH 56 265 56  HOH HOH A . 
E 4 HOH 57 266 57  HOH HOH A . 
E 4 HOH 58 267 58  HOH HOH A . 
E 4 HOH 59 268 59  HOH HOH A . 
E 4 HOH 60 269 60  HOH HOH A . 
E 4 HOH 61 270 61  HOH HOH A . 
E 4 HOH 62 271 62  HOH HOH A . 
E 4 HOH 63 272 63  HOH HOH A . 
E 4 HOH 64 273 64  HOH HOH A . 
E 4 HOH 65 274 65  HOH HOH A . 
E 4 HOH 66 275 66  HOH HOH A . 
E 4 HOH 67 276 67  HOH HOH A . 
E 4 HOH 68 277 68  HOH HOH A . 
E 4 HOH 69 278 69  HOH HOH A . 
E 4 HOH 70 279 70  HOH HOH A . 
E 4 HOH 71 280 71  HOH HOH A . 
E 4 HOH 72 281 72  HOH HOH A . 
E 4 HOH 73 282 73  HOH HOH A . 
E 4 HOH 74 283 74  HOH HOH A . 
E 4 HOH 75 284 75  HOH HOH A . 
E 4 HOH 76 285 76  HOH HOH A . 
E 4 HOH 77 286 77  HOH HOH A . 
E 4 HOH 78 287 78  HOH HOH A . 
E 4 HOH 79 288 79  HOH HOH A . 
E 4 HOH 80 289 80  HOH HOH A . 
E 4 HOH 81 290 81  HOH HOH A . 
E 4 HOH 82 291 82  HOH HOH A . 
E 4 HOH 83 292 83  HOH HOH A . 
E 4 HOH 84 293 84  HOH HOH A . 
E 4 HOH 85 294 85  HOH HOH A . 
E 4 HOH 86 295 86  HOH HOH A . 
E 4 HOH 87 296 87  HOH HOH A . 
E 4 HOH 88 297 88  HOH HOH A . 
E 4 HOH 89 298 89  HOH HOH A . 
E 4 HOH 90 299 90  HOH HOH A . 
E 4 HOH 91 300 91  HOH HOH A . 
E 4 HOH 92 301 92  HOH HOH A . 
E 4 HOH 93 302 93  HOH HOH A . 
E 4 HOH 94 303 94  HOH HOH A . 
E 4 HOH 95 304 95  HOH HOH A . 
E 4 HOH 96 305 96  HOH HOH A . 
# 
loop_
_pdbx_unobs_or_zero_occ_atoms.id 
_pdbx_unobs_or_zero_occ_atoms.PDB_model_num 
_pdbx_unobs_or_zero_occ_atoms.polymer_flag 
_pdbx_unobs_or_zero_occ_atoms.occupancy_flag 
_pdbx_unobs_or_zero_occ_atoms.auth_asym_id 
_pdbx_unobs_or_zero_occ_atoms.auth_comp_id 
_pdbx_unobs_or_zero_occ_atoms.auth_seq_id 
_pdbx_unobs_or_zero_occ_atoms.PDB_ins_code 
_pdbx_unobs_or_zero_occ_atoms.auth_atom_id 
_pdbx_unobs_or_zero_occ_atoms.label_alt_id 
_pdbx_unobs_or_zero_occ_atoms.label_asym_id 
_pdbx_unobs_or_zero_occ_atoms.label_comp_id 
_pdbx_unobs_or_zero_occ_atoms.label_seq_id 
_pdbx_unobs_or_zero_occ_atoms.label_atom_id 
1  1 Y 1 A SER 1   ? OG  ? A SER 9   OG  
2  1 Y 1 A LYS 2   ? CE  ? A LYS 10  CE  
3  1 Y 1 A LYS 2   ? NZ  ? A LYS 10  NZ  
4  1 Y 1 A LYS 14  ? CG  ? A LYS 22  CG  
5  1 Y 1 A LYS 14  ? CD  ? A LYS 22  CD  
6  1 Y 1 A LYS 14  ? CE  ? A LYS 22  CE  
7  1 Y 1 A LYS 14  ? NZ  ? A LYS 22  NZ  
8  1 Y 1 A ARG 19  ? CZ  ? A ARG 27  CZ  
9  1 Y 1 A ARG 19  ? NH1 ? A ARG 27  NH1 
10 1 Y 1 A ARG 19  ? NH2 ? A ARG 27  NH2 
11 1 Y 1 A GLU 25  ? CD  ? A GLU 33  CD  
12 1 Y 1 A GLU 25  ? OE1 ? A GLU 33  OE1 
13 1 Y 1 A GLU 25  ? OE2 ? A GLU 33  OE2 
14 1 Y 1 A LYS 26  ? CD  ? A LYS 34  CD  
15 1 Y 1 A LYS 26  ? CE  ? A LYS 34  CE  
16 1 Y 1 A LYS 26  ? NZ  ? A LYS 34  NZ  
17 1 Y 1 A LYS 45  ? CE  ? A LYS 53  CE  
18 1 Y 1 A LYS 45  ? NZ  ? A LYS 53  NZ  
19 1 Y 1 A LYS 55  ? CG  ? A LYS 63  CG  
20 1 Y 1 A LYS 55  ? CD  ? A LYS 63  CD  
21 1 Y 1 A LYS 55  ? CE  ? A LYS 63  CE  
22 1 Y 1 A LYS 55  ? NZ  ? A LYS 63  NZ  
23 1 Y 1 A LYS 92  ? NZ  ? A LYS 100 NZ  
24 1 Y 1 A LYS 101 ? CD  ? A LYS 109 CD  
25 1 Y 1 A LYS 101 ? CE  ? A LYS 109 CE  
26 1 Y 1 A LYS 101 ? NZ  ? A LYS 109 NZ  
27 1 Y 1 A ASP 109 ? CG  ? A ASP 117 CG  
28 1 Y 1 A ASP 109 ? OD1 ? A ASP 117 OD1 
29 1 Y 1 A ASP 109 ? OD2 ? A ASP 117 OD2 
30 1 Y 1 A LYS 121 ? CE  ? A LYS 129 CE  
31 1 Y 1 A LYS 121 ? NZ  ? A LYS 129 NZ  
32 1 Y 1 A LYS 122 ? CE  ? A LYS 130 CE  
33 1 Y 1 A LYS 122 ? NZ  ? A LYS 130 NZ  
34 1 Y 1 A ASP 157 ? CG  ? A ASP 165 CG  
35 1 Y 1 A ASP 157 ? OD1 ? A ASP 165 OD1 
36 1 Y 1 A ASP 157 ? OD2 ? A ASP 165 OD2 
37 1 Y 1 A ASP 159 ? CG  ? A ASP 167 CG  
38 1 Y 1 A ASP 159 ? OD1 ? A ASP 167 OD1 
39 1 Y 1 A ASP 159 ? OD2 ? A ASP 167 OD2 
40 1 Y 1 A LYS 166 ? CE  ? A LYS 174 CE  
41 1 Y 1 A LYS 166 ? NZ  ? A LYS 174 NZ  
42 1 Y 1 A GLU 170 ? CD  ? A GLU 178 CD  
43 1 Y 1 A GLU 170 ? OE1 ? A GLU 178 OE1 
44 1 Y 1 A GLU 170 ? OE2 ? A GLU 178 OE2 
45 1 Y 1 A LYS 173 ? CE  ? A LYS 181 CE  
46 1 Y 1 A LYS 173 ? NZ  ? A LYS 181 NZ  
47 1 Y 1 A GLU 174 ? CD  ? A GLU 182 CD  
48 1 Y 1 A GLU 174 ? OE1 ? A GLU 182 OE1 
49 1 Y 1 A GLU 174 ? OE2 ? A GLU 182 OE2 
50 1 Y 1 A GLU 185 ? CB  ? A GLU 193 CB  
51 1 Y 1 A GLU 185 ? CG  ? A GLU 193 CG  
52 1 Y 1 A GLU 185 ? CD  ? A GLU 193 CD  
53 1 Y 1 A GLU 185 ? OE1 ? A GLU 193 OE1 
54 1 Y 1 A GLU 185 ? OE2 ? A GLU 193 OE2 
# 
loop_
_software.name 
_software.version 
_software.date 
_software.type 
_software.contact_author 
_software.contact_author_email 
_software.classification 
_software.location 
_software.language 
_software.citation_id 
_software.pdbx_ordinal 
DENZO     .             ?            package 'Zbyszek Otwinowski'       zbyszek@mix.swmed.edu                   'data reduction'  
http://www.lnls.br/infra/linhasluz/denzo-hkl.htm ?          ? 1 
SCALEPACK .             ?            package 'Zbyszek Otwinowski'       zbyszek@mix.swmed.edu                   'data scaling'    
http://www.lnls.br/infra/linhasluz/denzo-hkl.htm ?          ? 2 
SOLVE     2.03          20-Sept-2002 program 'Tom Terwilliger'          terwilliger@LANL.gov                    phasing           
http://www.solve.lanl.gov/                       ?          ? 3 
MLPHARE   .             ?            program 'Z.Otwinowski or E.Dodson' 'ccp4@dl.ac.uk, ccp4@yorvic.york.ac.uk' phasing           
http://www.ccp4.ac.uk/main.html                  Fortran_77 ? 4 
ARP/wARP  .             ?            program 'Victor S. Lamzin'         ?                                       'model building'  
http://www.embl-hamburg.de/ARP/                  ?          ? 5 
REFMAC    refmac_5.1.24 24/04/2001   program 'Murshudov, G.N.'          ccp4@dl.ac.uk                           refinement        
http://www.ccp4.ac.uk/main.html                  Fortran    ? 6 
MAR345    .             ?            ?       ?                          ?                                       'data collection' 
?                                                ?          ? 7 
# 
_cell.length_a           44.982 
_cell.length_b           67.583 
_cell.length_c           72.768 
_cell.angle_alpha        90.000 
_cell.angle_beta         90.000 
_cell.angle_gamma        90.000 
_cell.entry_id           1SGW 
_cell.pdbx_unique_axis   ? 
_cell.Z_PDB              4 
_cell.length_a_esd       ? 
_cell.length_b_esd       ? 
_cell.length_c_esd       ? 
_cell.angle_alpha_esd    ? 
_cell.angle_beta_esd     ? 
_cell.angle_gamma_esd    ? 
# 
_symmetry.entry_id                         1SGW 
_symmetry.space_group_name_H-M             'P 21 21 21' 
_symmetry.pdbx_full_space_group_name_H-M   ? 
_symmetry.Int_Tables_number                19 
_symmetry.cell_setting                     ? 
_symmetry.space_group_name_Hall            ? 
# 
_exptl.entry_id          1SGW 
_exptl.crystals_number   1 
_exptl.method            'X-RAY DIFFRACTION' 
# 
_exptl_crystal.id                    1 
_exptl_crystal.density_meas          ? 
_exptl_crystal.density_Matthews      2.29 
_exptl_crystal.density_percent_sol   46.38 
_exptl_crystal.description           ? 
_exptl_crystal.F_000                 ? 
_exptl_crystal.preparation           ? 
# 
_exptl_crystal_grow.crystal_id      1 
_exptl_crystal_grow.method          'modified microbatch' 
_exptl_crystal_grow.temp            291 
_exptl_crystal_grow.temp_details    ? 
_exptl_crystal_grow.pH              7.9 
_exptl_crystal_grow.pdbx_details    
'15% PEG-4000, 10% isopropanol, 10% glycerol, 100mM TRIS, pH 7.9, modified microbatch, temperature 291K' 
_exptl_crystal_grow.pdbx_pH_range   . 
# 
_diffrn.id                     1 
_diffrn.ambient_temp           100 
_diffrn.ambient_temp_details   ? 
_diffrn.crystal_id             1 
# 
_diffrn_detector.diffrn_id              1 
_diffrn_detector.detector               CCD 
_diffrn_detector.type                   MARRESEARCH 
_diffrn_detector.pdbx_collection_date   2003-10-25 
_diffrn_detector.details                ? 
# 
_diffrn_radiation.diffrn_id                        1 
_diffrn_radiation.wavelength_id                    1 
_diffrn_radiation.pdbx_monochromatic_or_laue_m_l   M 
_diffrn_radiation.monochromator                    'SI CHANNEL 220' 
_diffrn_radiation.pdbx_diffrn_protocol             'SINGLE WAVELENGTH' 
_diffrn_radiation.pdbx_scattering_type             x-ray 
# 
_diffrn_radiation_wavelength.id           1 
_diffrn_radiation_wavelength.wavelength   1.066 
_diffrn_radiation_wavelength.wt           1.0 
# 
_diffrn_source.diffrn_id                   1 
_diffrn_source.source                      SYNCHROTRON 
_diffrn_source.type                        'APS BEAMLINE 22-ID' 
_diffrn_source.pdbx_synchrotron_site       APS 
_diffrn_source.pdbx_synchrotron_beamline   22-ID 
_diffrn_source.pdbx_wavelength             ? 
_diffrn_source.pdbx_wavelength_list        1.066 
# 
_reflns.entry_id                     1SGW 
_reflns.observed_criterion_sigma_I   -3 
_reflns.observed_criterion_sigma_F   ? 
_reflns.d_resolution_low             30.00 
_reflns.d_resolution_high            1.70 
_reflns.number_obs                   23651 
_reflns.number_all                   123736 
_reflns.percent_possible_obs         99.4 
_reflns.pdbx_Rmerge_I_obs            ? 
_reflns.pdbx_Rsym_value              0.041 
_reflns.pdbx_netI_over_sigmaI        ? 
_reflns.B_iso_Wilson_estimate        ? 
_reflns.pdbx_redundancy              ? 
_reflns.R_free_details               ? 
_reflns.limit_h_max                  ? 
_reflns.limit_h_min                  ? 
_reflns.limit_k_max                  ? 
_reflns.limit_k_min                  ? 
_reflns.limit_l_max                  ? 
_reflns.limit_l_min                  ? 
_reflns.observed_criterion_F_max     ? 
_reflns.observed_criterion_F_min     ? 
_reflns.pdbx_chi_squared             ? 
_reflns.pdbx_scaling_rejects         ? 
_reflns.pdbx_ordinal                 1 
_reflns.pdbx_diffrn_id               1 
# 
_reflns_shell.d_res_high             1.70 
_reflns_shell.d_res_low              1.76 
_reflns_shell.percent_possible_all   98.5 
_reflns_shell.Rmerge_I_obs           0.123 
_reflns_shell.pdbx_Rsym_value        ? 
_reflns_shell.meanI_over_sigI_obs    ? 
_reflns_shell.pdbx_redundancy        ? 
_reflns_shell.percent_possible_obs   ? 
_reflns_shell.number_unique_all      ? 
_reflns_shell.number_measured_all    ? 
_reflns_shell.number_measured_obs    ? 
_reflns_shell.number_unique_obs      ? 
_reflns_shell.pdbx_chi_squared       ? 
_reflns_shell.pdbx_ordinal           1 
_reflns_shell.pdbx_diffrn_id         1 
# 
_refine.entry_id                                 1SGW 
_refine.ls_number_reflns_obs                     23651 
_refine.ls_number_reflns_all                     ? 
_refine.pdbx_ls_sigma_I                          ? 
_refine.pdbx_ls_sigma_F                          ? 
_refine.pdbx_data_cutoff_high_absF               ? 
_refine.pdbx_data_cutoff_low_absF                ? 
_refine.pdbx_data_cutoff_high_rms_absF           ? 
_refine.ls_d_res_low                             30.00 
_refine.ls_d_res_high                            1.70 
_refine.ls_percent_reflns_obs                    99.27 
_refine.ls_R_factor_obs                          0.1968 
_refine.ls_R_factor_all                          ? 
_refine.ls_R_factor_R_work                       0.19538 
_refine.ls_R_factor_R_free                       0.22299 
_refine.ls_R_factor_R_free_error                 ? 
_refine.ls_R_factor_R_free_error_details         ? 
_refine.ls_percent_reflns_R_free                 5.1 
_refine.ls_number_reflns_R_free                  1268 
_refine.ls_number_parameters                     ? 
_refine.ls_number_restraints                     ? 
_refine.occupancy_min                            ? 
_refine.occupancy_max                            ? 
_refine.correlation_coeff_Fo_to_Fc               0.946 
_refine.correlation_coeff_Fo_to_Fc_free          0.937 
_refine.B_iso_mean                               19.326 
_refine.aniso_B[1][1]                            -0.46 
_refine.aniso_B[2][2]                            -0.19 
_refine.aniso_B[3][3]                            0.65 
_refine.aniso_B[1][2]                            0.00 
_refine.aniso_B[1][3]                            0.00 
_refine.aniso_B[2][3]                            0.00 
_refine.solvent_model_details                    'BABINET MODEL WITH MASK' 
_refine.solvent_model_param_ksol                 ? 
_refine.solvent_model_param_bsol                 ? 
_refine.pdbx_solvent_vdw_probe_radii             1.40 
_refine.pdbx_solvent_ion_probe_radii             0.80 
_refine.pdbx_solvent_shrinkage_radii             0.80 
_refine.pdbx_ls_cross_valid_method               THROUGHOUT 
_refine.details                                  ? 
_refine.pdbx_starting_model                      ? 
_refine.pdbx_method_to_determine_struct          ? 
_refine.pdbx_isotropic_thermal_model             ? 
_refine.pdbx_stereochemistry_target_values       'MAXIMUM LIKELIHOOD' 
_refine.pdbx_stereochem_target_val_spec_case     ? 
_refine.pdbx_R_Free_selection_details            RANDOM 
_refine.pdbx_overall_ESU_R                       0.105 
_refine.pdbx_overall_ESU_R_Free                  0.102 
_refine.overall_SU_ML                            0.058 
_refine.overall_SU_B                             1.675 
_refine.ls_redundancy_reflns_obs                 ? 
_refine.B_iso_min                                ? 
_refine.B_iso_max                                ? 
_refine.overall_SU_R_Cruickshank_DPI             ? 
_refine.overall_SU_R_free                        ? 
_refine.ls_wR_factor_R_free                      ? 
_refine.ls_wR_factor_R_work                      ? 
_refine.overall_FOM_free_R_set                   ? 
_refine.overall_FOM_work_R_set                   ? 
_refine.pdbx_refine_id                           'X-RAY DIFFRACTION' 
_refine.pdbx_diffrn_id                           1 
_refine.pdbx_TLS_residual_ADP_flag               ? 
_refine.pdbx_overall_phase_error                 ? 
_refine.pdbx_overall_SU_R_free_Cruickshank_DPI   ? 
_refine.pdbx_overall_SU_R_Blow_DPI               ? 
_refine.pdbx_overall_SU_R_free_Blow_DPI          ? 
# 
_refine_hist.pdbx_refine_id                   'X-RAY DIFFRACTION' 
_refine_hist.cycle_id                         LAST 
_refine_hist.pdbx_number_atoms_protein        1520 
_refine_hist.pdbx_number_atoms_nucleic_acid   0 
_refine_hist.pdbx_number_atoms_ligand         3 
_refine_hist.number_atoms_solvent             96 
_refine_hist.number_atoms_total               1619 
_refine_hist.d_res_high                       1.70 
_refine_hist.d_res_low                        30.00 
# 
loop_
_refine_ls_restr.type 
_refine_ls_restr.dev_ideal 
_refine_ls_restr.dev_ideal_target 
_refine_ls_restr.weight 
_refine_ls_restr.number 
_refine_ls_restr.pdbx_refine_id 
_refine_ls_restr.pdbx_restraint_function 
r_bond_refined_d         0.011 0.022 ? 1562 'X-RAY DIFFRACTION' ? 
r_bond_other_d           ?     ?     ? ?    'X-RAY DIFFRACTION' ? 
r_angle_refined_deg      1.294 1.991 ? 2120 'X-RAY DIFFRACTION' ? 
r_angle_other_deg        ?     ?     ? ?    'X-RAY DIFFRACTION' ? 
r_dihedral_angle_1_deg   4.867 5.000 ? 199  'X-RAY DIFFRACTION' ? 
r_dihedral_angle_2_deg   ?     ?     ? ?    'X-RAY DIFFRACTION' ? 
r_dihedral_angle_3_deg   ?     ?     ? ?    'X-RAY DIFFRACTION' ? 
r_dihedral_angle_4_deg   ?     ?     ? ?    'X-RAY DIFFRACTION' ? 
r_chiral_restr           0.086 0.200 ? 269  'X-RAY DIFFRACTION' ? 
r_gen_planes_refined     0.005 0.020 ? 1094 'X-RAY DIFFRACTION' ? 
r_gen_planes_other       ?     ?     ? ?    'X-RAY DIFFRACTION' ? 
r_nbd_refined            0.198 0.200 ? 660  'X-RAY DIFFRACTION' ? 
r_nbd_other              ?     ?     ? ?    'X-RAY DIFFRACTION' ? 
r_nbtor_refined          0.309 0.200 ? 1085 'X-RAY DIFFRACTION' ? 
r_nbtor_other            ?     ?     ? ?    'X-RAY DIFFRACTION' ? 
r_xyhbond_nbd_refined    0.106 0.200 ? 71   'X-RAY DIFFRACTION' ? 
r_xyhbond_nbd_other      ?     ?     ? ?    'X-RAY DIFFRACTION' ? 
r_metal_ion_refined      ?     ?     ? ?    'X-RAY DIFFRACTION' ? 
r_metal_ion_other        ?     ?     ? ?    'X-RAY DIFFRACTION' ? 
r_symmetry_vdw_refined   0.132 0.200 ? 21   'X-RAY DIFFRACTION' ? 
r_symmetry_vdw_other     ?     ?     ? ?    'X-RAY DIFFRACTION' ? 
r_symmetry_hbond_refined 0.082 0.200 ? 11   'X-RAY DIFFRACTION' ? 
r_symmetry_hbond_other   ?     ?     ? ?    'X-RAY DIFFRACTION' ? 
r_mcbond_it              2.134 2.000 ? 998  'X-RAY DIFFRACTION' ? 
r_mcbond_other           ?     ?     ? ?    'X-RAY DIFFRACTION' ? 
r_mcangle_it             3.296 3.000 ? 1634 'X-RAY DIFFRACTION' ? 
r_scbond_it              2.916 2.000 ? 564  'X-RAY DIFFRACTION' ? 
r_scangle_it             4.610 3.000 ? 486  'X-RAY DIFFRACTION' ? 
r_rigid_bond_restr       ?     ?     ? ?    'X-RAY DIFFRACTION' ? 
r_sphericity_free        ?     ?     ? ?    'X-RAY DIFFRACTION' ? 
r_sphericity_bonded      ?     ?     ? ?    'X-RAY DIFFRACTION' ? 
# 
_refine_ls_shell.pdbx_total_number_of_bins_used   20 
_refine_ls_shell.d_res_high                       1.700 
_refine_ls_shell.d_res_low                        1.744 
_refine_ls_shell.number_reflns_R_work             1672 
_refine_ls_shell.R_factor_R_work                  0.193 
_refine_ls_shell.percent_reflns_obs               ? 
_refine_ls_shell.R_factor_R_free                  0.234 
_refine_ls_shell.R_factor_R_free_error            ? 
_refine_ls_shell.percent_reflns_R_free            ? 
_refine_ls_shell.number_reflns_R_free             96 
_refine_ls_shell.redundancy_reflns_obs            ? 
_refine_ls_shell.number_reflns_all                ? 
_refine_ls_shell.number_reflns_obs                ? 
_refine_ls_shell.R_factor_all                     ? 
_refine_ls_shell.pdbx_refine_id                   'X-RAY DIFFRACTION' 
# 
_struct.entry_id                  1SGW 
_struct.title                     'Putative ABC transporter (ATP-binding protein) from Pyrococcus furiosus Pfu-867808-001' 
_struct.pdbx_model_details        ? 
_struct.pdbx_CASP_flag            ? 
_struct.pdbx_model_type_details   ? 
# 
_struct_keywords.entry_id        1SGW 
_struct_keywords.pdbx_keywords   'TRANSPORT PROTEIN' 
_struct_keywords.text            
;Structural genomics, pyrococcus furiosus, ABC transporter, PSI, Protein Structure Initiative, Southeast Collaboratory for Structural Genomics, SECSG, TRANSPORT PROTEIN
;
# 
loop_
_struct_asym.id 
_struct_asym.pdbx_blank_PDB_chainid_flag 
_struct_asym.pdbx_modified 
_struct_asym.entity_id 
_struct_asym.details 
A N N 1 ? 
B N N 2 ? 
C N N 3 ? 
D N N 2 ? 
E N N 4 ? 
# 
_struct_ref.id                         1 
_struct_ref.db_name                    UNP 
_struct_ref.db_code                    Q8U2E3_PYRFU 
_struct_ref.pdbx_db_accession          Q8U2E3 
_struct_ref.entity_id                  1 
_struct_ref.pdbx_seq_one_letter_code   
;KLEIRDLSVGYDKPVLERITMTIEKGNVVNFHGPNGIGKTTLLKTISTYLKPLKGEIIYNGVPITKVKGKIFFLPEEIIV
PRKISVEDYLKAVASLYGVKVNKNEIMDALESVEVLDLKKKLGELSQGTIRRVQLASTLLVNAEIYVLDDPVVAIDEDSK
HKVLKSILEILKEKGIVIISSREELSYCDVNENLHKYSTKIDKKD
;
_struct_ref.pdbx_align_begin           2 
_struct_ref.pdbx_db_isoform            ? 
# 
_struct_ref_seq.align_id                      1 
_struct_ref_seq.ref_id                        1 
_struct_ref_seq.pdbx_PDB_id_code              1SGW 
_struct_ref_seq.pdbx_strand_id                A 
_struct_ref_seq.seq_align_beg                 10 
_struct_ref_seq.pdbx_seq_align_beg_ins_code   ? 
_struct_ref_seq.seq_align_end                 214 
_struct_ref_seq.pdbx_seq_align_end_ins_code   ? 
_struct_ref_seq.pdbx_db_accession             Q8U2E3 
_struct_ref_seq.db_align_beg                  2 
_struct_ref_seq.pdbx_db_align_beg_ins_code    ? 
_struct_ref_seq.db_align_end                  206 
_struct_ref_seq.pdbx_db_align_end_ins_code    ? 
_struct_ref_seq.pdbx_auth_seq_align_beg       2 
_struct_ref_seq.pdbx_auth_seq_align_end       206 
# 
loop_
_struct_ref_seq_dif.align_id 
_struct_ref_seq_dif.pdbx_pdb_id_code 
_struct_ref_seq_dif.mon_id 
_struct_ref_seq_dif.pdbx_pdb_strand_id 
_struct_ref_seq_dif.seq_num 
_struct_ref_seq_dif.pdbx_pdb_ins_code 
_struct_ref_seq_dif.pdbx_seq_db_name 
_struct_ref_seq_dif.pdbx_seq_db_accession_code 
_struct_ref_seq_dif.db_mon_id 
_struct_ref_seq_dif.pdbx_seq_db_seq_num 
_struct_ref_seq_dif.details 
_struct_ref_seq_dif.pdbx_auth_seq_num 
_struct_ref_seq_dif.pdbx_ordinal 
1 1SGW ALA A 1 ? UNP Q8U2E3 ? ? 'cloning artifact' -7 1 
1 1SGW HIS A 2 ? UNP Q8U2E3 ? ? 'expression tag'   -6 2 
1 1SGW HIS A 3 ? UNP Q8U2E3 ? ? 'expression tag'   -5 3 
1 1SGW HIS A 4 ? UNP Q8U2E3 ? ? 'expression tag'   -4 4 
1 1SGW HIS A 5 ? UNP Q8U2E3 ? ? 'expression tag'   -3 5 
1 1SGW HIS A 6 ? UNP Q8U2E3 ? ? 'expression tag'   -2 6 
1 1SGW HIS A 7 ? UNP Q8U2E3 ? ? 'expression tag'   -1 7 
1 1SGW GLY A 8 ? UNP Q8U2E3 ? ? 'cloning artifact' 0  8 
1 1SGW SER A 9 ? UNP Q8U2E3 ? ? 'cloning artifact' 1  9 
# 
_pdbx_struct_assembly.id                   1 
_pdbx_struct_assembly.details              author_defined_assembly 
_pdbx_struct_assembly.method_details       ? 
_pdbx_struct_assembly.oligomeric_details   monomeric 
_pdbx_struct_assembly.oligomeric_count     1 
# 
_pdbx_struct_assembly_gen.assembly_id       1 
_pdbx_struct_assembly_gen.oper_expression   1 
_pdbx_struct_assembly_gen.asym_id_list      A,B,C,D,E 
# 
_pdbx_struct_oper_list.id                   1 
_pdbx_struct_oper_list.type                 'identity operation' 
_pdbx_struct_oper_list.name                 1_555 
_pdbx_struct_oper_list.symmetry_operation   x,y,z 
_pdbx_struct_oper_list.matrix[1][1]         1.0000000000 
_pdbx_struct_oper_list.matrix[1][2]         0.0000000000 
_pdbx_struct_oper_list.matrix[1][3]         0.0000000000 
_pdbx_struct_oper_list.vector[1]            0.0000000000 
_pdbx_struct_oper_list.matrix[2][1]         0.0000000000 
_pdbx_struct_oper_list.matrix[2][2]         1.0000000000 
_pdbx_struct_oper_list.matrix[2][3]         0.0000000000 
_pdbx_struct_oper_list.vector[2]            0.0000000000 
_pdbx_struct_oper_list.matrix[3][1]         0.0000000000 
_pdbx_struct_oper_list.matrix[3][2]         0.0000000000 
_pdbx_struct_oper_list.matrix[3][3]         1.0000000000 
_pdbx_struct_oper_list.vector[3]            0.0000000000 
# 
_struct_biol.id   1 
# 
loop_
_struct_conf.conf_type_id 
_struct_conf.id 
_struct_conf.pdbx_PDB_helix_id 
_struct_conf.beg_label_comp_id 
_struct_conf.beg_label_asym_id 
_struct_conf.beg_label_seq_id 
_struct_conf.pdbx_beg_PDB_ins_code 
_struct_conf.end_label_comp_id 
_struct_conf.end_label_asym_id 
_struct_conf.end_label_seq_id 
_struct_conf.pdbx_end_PDB_ins_code 
_struct_conf.beg_auth_comp_id 
_struct_conf.beg_auth_asym_id 
_struct_conf.beg_auth_seq_id 
_struct_conf.end_auth_comp_id 
_struct_conf.end_auth_asym_id 
_struct_conf.end_auth_seq_id 
_struct_conf.pdbx_PDB_helix_class 
_struct_conf.details 
_struct_conf.pdbx_PDB_helix_length 
HELX_P HELX_P1 1 GLY A 47  ? SER A 56  ? GLY A 39  SER A 48  1 ? 10 
HELX_P HELX_P2 2 THR A 74  ? GLY A 78  ? THR A 66  GLY A 70  5 ? 5  
HELX_P HELX_P3 3 SER A 94  ? TYR A 106 ? SER A 86  TYR A 98  1 ? 13 
HELX_P HELX_P4 4 ASN A 111 ? VAL A 122 ? ASN A 103 VAL A 114 1 ? 12 
HELX_P HELX_P5 5 LYS A 130 ? LEU A 134 ? LYS A 122 LEU A 126 5 ? 5  
HELX_P HELX_P6 6 SER A 135 ? LEU A 148 ? SER A 127 LEU A 140 1 ? 14 
HELX_P HELX_P7 7 SER A 168 ? GLY A 184 ? SER A 160 GLY A 176 1 ? 17 
HELX_P HELX_P8 8 HIS A 204 ? SER A 207 ? HIS A 196 SER A 199 5 ? 4  
# 
_struct_conf_type.id          HELX_P 
_struct_conf_type.criteria    ? 
_struct_conf_type.reference   ? 
# 
loop_
_struct_conn.id 
_struct_conn.conn_type_id 
_struct_conn.pdbx_leaving_atom_flag 
_struct_conn.pdbx_PDB_id 
_struct_conn.ptnr1_label_asym_id 
_struct_conn.ptnr1_label_comp_id 
_struct_conn.ptnr1_label_seq_id 
_struct_conn.ptnr1_label_atom_id 
_struct_conn.pdbx_ptnr1_label_alt_id 
_struct_conn.pdbx_ptnr1_PDB_ins_code 
_struct_conn.pdbx_ptnr1_standard_comp_id 
_struct_conn.ptnr1_symmetry 
_struct_conn.ptnr2_label_asym_id 
_struct_conn.ptnr2_label_comp_id 
_struct_conn.ptnr2_label_seq_id 
_struct_conn.ptnr2_label_atom_id 
_struct_conn.pdbx_ptnr2_label_alt_id 
_struct_conn.pdbx_ptnr2_PDB_ins_code 
_struct_conn.ptnr1_auth_asym_id 
_struct_conn.ptnr1_auth_comp_id 
_struct_conn.ptnr1_auth_seq_id 
_struct_conn.ptnr2_auth_asym_id 
_struct_conn.ptnr2_auth_comp_id 
_struct_conn.ptnr2_auth_seq_id 
_struct_conn.ptnr2_symmetry 
_struct_conn.pdbx_ptnr3_label_atom_id 
_struct_conn.pdbx_ptnr3_label_seq_id 
_struct_conn.pdbx_ptnr3_label_comp_id 
_struct_conn.pdbx_ptnr3_label_asym_id 
_struct_conn.pdbx_ptnr3_label_alt_id 
_struct_conn.pdbx_ptnr3_PDB_ins_code 
_struct_conn.details 
_struct_conn.pdbx_dist_value 
_struct_conn.pdbx_value_order 
_struct_conn.pdbx_role 
metalc1 metalc ? ? A GLU 133 OE1 ? ? ? 1_555 C NA . NA ? ? A GLU 125 A NA 208 1_555 ? ? ? ? ? ? ? 2.909 ? ? 
metalc2 metalc ? ? A GLU 133 OE2 ? ? ? 1_555 C NA . NA ? ? A GLU 125 A NA 208 1_555 ? ? ? ? ? ? ? 2.664 ? ? 
# 
_struct_conn_type.id          metalc 
_struct_conn_type.criteria    ? 
_struct_conn_type.reference   ? 
# 
_pdbx_struct_conn_angle.id                    1 
_pdbx_struct_conn_angle.ptnr1_label_atom_id   OE1 
_pdbx_struct_conn_angle.ptnr1_label_alt_id    ? 
_pdbx_struct_conn_angle.ptnr1_label_asym_id   A 
_pdbx_struct_conn_angle.ptnr1_label_comp_id   GLU 
_pdbx_struct_conn_angle.ptnr1_label_seq_id    133 
_pdbx_struct_conn_angle.ptnr1_auth_atom_id    ? 
_pdbx_struct_conn_angle.ptnr1_auth_asym_id    A 
_pdbx_struct_conn_angle.ptnr1_auth_comp_id    GLU 
_pdbx_struct_conn_angle.ptnr1_auth_seq_id     125 
_pdbx_struct_conn_angle.ptnr1_PDB_ins_code    ? 
_pdbx_struct_conn_angle.ptnr1_symmetry        1_555 
_pdbx_struct_conn_angle.ptnr2_label_atom_id   NA 
_pdbx_struct_conn_angle.ptnr2_label_alt_id    ? 
_pdbx_struct_conn_angle.ptnr2_label_asym_id   C 
_pdbx_struct_conn_angle.ptnr2_label_comp_id   NA 
_pdbx_struct_conn_angle.ptnr2_label_seq_id    . 
_pdbx_struct_conn_angle.ptnr2_auth_atom_id    ? 
_pdbx_struct_conn_angle.ptnr2_auth_asym_id    A 
_pdbx_struct_conn_angle.ptnr2_auth_comp_id    NA 
_pdbx_struct_conn_angle.ptnr2_auth_seq_id     208 
_pdbx_struct_conn_angle.ptnr2_PDB_ins_code    ? 
_pdbx_struct_conn_angle.ptnr2_symmetry        1_555 
_pdbx_struct_conn_angle.ptnr3_label_atom_id   OE2 
_pdbx_struct_conn_angle.ptnr3_label_alt_id    ? 
_pdbx_struct_conn_angle.ptnr3_label_asym_id   A 
_pdbx_struct_conn_angle.ptnr3_label_comp_id   GLU 
_pdbx_struct_conn_angle.ptnr3_label_seq_id    133 
_pdbx_struct_conn_angle.ptnr3_auth_atom_id    ? 
_pdbx_struct_conn_angle.ptnr3_auth_asym_id    A 
_pdbx_struct_conn_angle.ptnr3_auth_comp_id    GLU 
_pdbx_struct_conn_angle.ptnr3_auth_seq_id     125 
_pdbx_struct_conn_angle.ptnr3_PDB_ins_code    ? 
_pdbx_struct_conn_angle.ptnr3_symmetry        1_555 
_pdbx_struct_conn_angle.value                 46.2 
_pdbx_struct_conn_angle.value_esd             ? 
# 
loop_
_struct_sheet.id 
_struct_sheet.type 
_struct_sheet.number_strands 
_struct_sheet.details 
A ? 4 ? 
B ? 5 ? 
# 
loop_
_struct_sheet_order.sheet_id 
_struct_sheet_order.range_id_1 
_struct_sheet_order.range_id_2 
_struct_sheet_order.offset 
_struct_sheet_order.sense 
A 1 2 ? anti-parallel 
A 2 3 ? anti-parallel 
A 3 4 ? anti-parallel 
B 1 2 ? parallel      
B 2 3 ? parallel      
B 3 4 ? parallel      
B 4 5 ? parallel      
# 
loop_
_struct_sheet_range.sheet_id 
_struct_sheet_range.id 
_struct_sheet_range.beg_label_comp_id 
_struct_sheet_range.beg_label_asym_id 
_struct_sheet_range.beg_label_seq_id 
_struct_sheet_range.pdbx_beg_PDB_ins_code 
_struct_sheet_range.end_label_comp_id 
_struct_sheet_range.end_label_asym_id 
_struct_sheet_range.end_label_seq_id 
_struct_sheet_range.pdbx_end_PDB_ins_code 
_struct_sheet_range.beg_auth_comp_id 
_struct_sheet_range.beg_auth_asym_id 
_struct_sheet_range.beg_auth_seq_id 
_struct_sheet_range.end_auth_comp_id 
_struct_sheet_range.end_auth_asym_id 
_struct_sheet_range.end_auth_seq_id 
A 1 PRO A 23  ? GLU A 33  ? PRO A 15  GLU A 25  
A 2 LYS A 10  ? GLY A 19  ? LYS A 2   GLY A 11  
A 3 LYS A 63  ? TYR A 68  ? LYS A 55  TYR A 60  
A 4 VAL A 71  ? PRO A 72  ? VAL A 63  PRO A 64  
B 1 ILE A 80  ? LEU A 83  ? ILE A 72  LEU A 75  
B 2 ILE A 154 ? ASP A 158 ? ILE A 146 ASP A 150 
B 3 ILE A 185 ? SER A 190 ? ILE A 177 SER A 182 
B 4 VAL A 38  ? HIS A 41  ? VAL A 30  HIS A 33  
B 5 VAL A 199 ? ASN A 202 ? VAL A 191 ASN A 194 
# 
loop_
_pdbx_struct_sheet_hbond.sheet_id 
_pdbx_struct_sheet_hbond.range_id_1 
_pdbx_struct_sheet_hbond.range_id_2 
_pdbx_struct_sheet_hbond.range_1_label_atom_id 
_pdbx_struct_sheet_hbond.range_1_label_comp_id 
_pdbx_struct_sheet_hbond.range_1_label_asym_id 
_pdbx_struct_sheet_hbond.range_1_label_seq_id 
_pdbx_struct_sheet_hbond.range_1_PDB_ins_code 
_pdbx_struct_sheet_hbond.range_1_auth_atom_id 
_pdbx_struct_sheet_hbond.range_1_auth_comp_id 
_pdbx_struct_sheet_hbond.range_1_auth_asym_id 
_pdbx_struct_sheet_hbond.range_1_auth_seq_id 
_pdbx_struct_sheet_hbond.range_2_label_atom_id 
_pdbx_struct_sheet_hbond.range_2_label_comp_id 
_pdbx_struct_sheet_hbond.range_2_label_asym_id 
_pdbx_struct_sheet_hbond.range_2_label_seq_id 
_pdbx_struct_sheet_hbond.range_2_PDB_ins_code 
_pdbx_struct_sheet_hbond.range_2_auth_atom_id 
_pdbx_struct_sheet_hbond.range_2_auth_comp_id 
_pdbx_struct_sheet_hbond.range_2_auth_asym_id 
_pdbx_struct_sheet_hbond.range_2_auth_seq_id 
A 1 2 O MET A 30  ? O MET A 22  N ILE A 13  ? N ILE A 5   
A 2 3 N GLU A 12  ? N GLU A 4   O ILE A 67  ? O ILE A 59  
A 3 4 N TYR A 68  ? N TYR A 60  O VAL A 71  ? O VAL A 63  
B 1 2 N PHE A 81  ? N PHE A 73  O VAL A 156 ? O VAL A 148 
B 2 3 N TYR A 155 ? N TYR A 147 O ILE A 185 ? O ILE A 177 
B 3 4 O ILE A 188 ? O ILE A 180 N VAL A 38  ? N VAL A 30  
B 4 5 N ASN A 39  ? N ASN A 31  O VAL A 199 ? O VAL A 191 
# 
loop_
_struct_site.id 
_struct_site.pdbx_evidence_code 
_struct_site.pdbx_auth_asym_id 
_struct_site.pdbx_auth_comp_id 
_struct_site.pdbx_auth_seq_id 
_struct_site.pdbx_auth_ins_code 
_struct_site.pdbx_num_residues 
_struct_site.details 
AC1 Software A CL 207 ? 3 'BINDING SITE FOR RESIDUE CL A 207' 
AC2 Software A NA 208 ? 2 'BINDING SITE FOR RESIDUE NA A 208' 
AC3 Software A CL 209 ? 1 'BINDING SITE FOR RESIDUE CL A 209' 
# 
loop_
_struct_site_gen.id 
_struct_site_gen.site_id 
_struct_site_gen.pdbx_num_res 
_struct_site_gen.label_comp_id 
_struct_site_gen.label_asym_id 
_struct_site_gen.label_seq_id 
_struct_site_gen.pdbx_auth_ins_code 
_struct_site_gen.auth_comp_id 
_struct_site_gen.auth_asym_id 
_struct_site_gen.auth_seq_id 
_struct_site_gen.label_atom_id 
_struct_site_gen.label_alt_id 
_struct_site_gen.symmetry 
_struct_site_gen.details 
1 AC1 3 GLY A 45  ? GLY A 37  . ? 1_555 ? 
2 AC1 3 GLY A 47  ? GLY A 39  . ? 1_555 ? 
3 AC1 3 LYS A 48  ? LYS A 40  . ? 1_555 ? 
4 AC2 2 LYS A 130 ? LYS A 122 . ? 1_555 ? 
5 AC2 2 GLU A 133 ? GLU A 125 . ? 1_555 ? 
6 AC3 1 ARG A 141 ? ARG A 133 . ? 1_555 ? 
# 
loop_
_pdbx_validate_torsion.id 
_pdbx_validate_torsion.PDB_model_num 
_pdbx_validate_torsion.auth_comp_id 
_pdbx_validate_torsion.auth_asym_id 
_pdbx_validate_torsion.auth_seq_id 
_pdbx_validate_torsion.PDB_ins_code 
_pdbx_validate_torsion.label_alt_id 
_pdbx_validate_torsion.phi 
_pdbx_validate_torsion.psi 
1 1 TYR A 12  ? ? -98.97 -67.05 
2 1 ALA A 155 ? ? 76.03  -17.11 
# 
_pdbx_SG_project.id                    1 
_pdbx_SG_project.project_name          'PSI, Protein Structure Initiative' 
_pdbx_SG_project.full_name_of_center   'Southeast Collaboratory for Structural Genomics' 
_pdbx_SG_project.initial_of_center     SECSG 
# 
_phasing.method   SIRAS 
# 
_phasing_MIR.entry_id     1SGW 
_phasing_MIR.d_res_high   2.200 
_phasing_MIR.d_res_low    20.000 
_phasing_MIR.reflns       11580 
_phasing_MIR.FOM          0.38 
# 
loop_
_phasing_MIR_shell.d_res_low 
_phasing_MIR_shell.d_res_high 
_phasing_MIR_shell.reflns 
_phasing_MIR_shell.FOM 
20.000 7.62 551  0.54 
7.62   4.91 975  0.53 
4.91   3.87 1247 0.41 
3.87   3.30 1460 0.41 
3.30   2.92 1622 0.43 
2.92   2.64 1768 0.38 
2.64   2.44 1924 0.33 
2.44   2.27 2033 0.20 
# 
loop_
_pdbx_unobs_or_zero_occ_residues.id 
_pdbx_unobs_or_zero_occ_residues.PDB_model_num 
_pdbx_unobs_or_zero_occ_residues.polymer_flag 
_pdbx_unobs_or_zero_occ_residues.occupancy_flag 
_pdbx_unobs_or_zero_occ_residues.auth_asym_id 
_pdbx_unobs_or_zero_occ_residues.auth_comp_id 
_pdbx_unobs_or_zero_occ_residues.auth_seq_id 
_pdbx_unobs_or_zero_occ_residues.PDB_ins_code 
_pdbx_unobs_or_zero_occ_residues.label_asym_id 
_pdbx_unobs_or_zero_occ_residues.label_comp_id 
_pdbx_unobs_or_zero_occ_residues.label_seq_id 
1  1 Y 1 A ALA -7  ? A ALA 1   
2  1 Y 1 A HIS -6  ? A HIS 2   
3  1 Y 1 A HIS -5  ? A HIS 3   
4  1 Y 1 A HIS -4  ? A HIS 4   
5  1 Y 1 A HIS -3  ? A HIS 5   
6  1 Y 1 A HIS -2  ? A HIS 6   
7  1 Y 1 A HIS -1  ? A HIS 7   
8  1 Y 1 A GLY 0   ? A GLY 8   
9  1 Y 1 A LYS 201 ? A LYS 209 
10 1 Y 1 A ILE 202 ? A ILE 210 
11 1 Y 1 A ASP 203 ? A ASP 211 
12 1 Y 1 A LYS 204 ? A LYS 212 
13 1 Y 1 A LYS 205 ? A LYS 213 
14 1 Y 1 A ASP 206 ? A ASP 214 
# 
loop_
_chem_comp_atom.comp_id 
_chem_comp_atom.atom_id 
_chem_comp_atom.type_symbol 
_chem_comp_atom.pdbx_aromatic_flag 
_chem_comp_atom.pdbx_stereo_config 
_chem_comp_atom.pdbx_ordinal 
ALA N    N  N N 1   
ALA CA   C  N S 2   
ALA C    C  N N 3   
ALA O    O  N N 4   
ALA CB   C  N N 5   
ALA OXT  O  N N 6   
ALA H    H  N N 7   
ALA H2   H  N N 8   
ALA HA   H  N N 9   
ALA HB1  H  N N 10  
ALA HB2  H  N N 11  
ALA HB3  H  N N 12  
ALA HXT  H  N N 13  
ARG N    N  N N 14  
ARG CA   C  N S 15  
ARG C    C  N N 16  
ARG O    O  N N 17  
ARG CB   C  N N 18  
ARG CG   C  N N 19  
ARG CD   C  N N 20  
ARG NE   N  N N 21  
ARG CZ   C  N N 22  
ARG NH1  N  N N 23  
ARG NH2  N  N N 24  
ARG OXT  O  N N 25  
ARG H    H  N N 26  
ARG H2   H  N N 27  
ARG HA   H  N N 28  
ARG HB2  H  N N 29  
ARG HB3  H  N N 30  
ARG HG2  H  N N 31  
ARG HG3  H  N N 32  
ARG HD2  H  N N 33  
ARG HD3  H  N N 34  
ARG HE   H  N N 35  
ARG HH11 H  N N 36  
ARG HH12 H  N N 37  
ARG HH21 H  N N 38  
ARG HH22 H  N N 39  
ARG HXT  H  N N 40  
ASN N    N  N N 41  
ASN CA   C  N S 42  
ASN C    C  N N 43  
ASN O    O  N N 44  
ASN CB   C  N N 45  
ASN CG   C  N N 46  
ASN OD1  O  N N 47  
ASN ND2  N  N N 48  
ASN OXT  O  N N 49  
ASN H    H  N N 50  
ASN H2   H  N N 51  
ASN HA   H  N N 52  
ASN HB2  H  N N 53  
ASN HB3  H  N N 54  
ASN HD21 H  N N 55  
ASN HD22 H  N N 56  
ASN HXT  H  N N 57  
ASP N    N  N N 58  
ASP CA   C  N S 59  
ASP C    C  N N 60  
ASP O    O  N N 61  
ASP CB   C  N N 62  
ASP CG   C  N N 63  
ASP OD1  O  N N 64  
ASP OD2  O  N N 65  
ASP OXT  O  N N 66  
ASP H    H  N N 67  
ASP H2   H  N N 68  
ASP HA   H  N N 69  
ASP HB2  H  N N 70  
ASP HB3  H  N N 71  
ASP HD2  H  N N 72  
ASP HXT  H  N N 73  
CL  CL   CL N N 74  
CYS N    N  N N 75  
CYS CA   C  N R 76  
CYS C    C  N N 77  
CYS O    O  N N 78  
CYS CB   C  N N 79  
CYS SG   S  N N 80  
CYS OXT  O  N N 81  
CYS H    H  N N 82  
CYS H2   H  N N 83  
CYS HA   H  N N 84  
CYS HB2  H  N N 85  
CYS HB3  H  N N 86  
CYS HG   H  N N 87  
CYS HXT  H  N N 88  
GLN N    N  N N 89  
GLN CA   C  N S 90  
GLN C    C  N N 91  
GLN O    O  N N 92  
GLN CB   C  N N 93  
GLN CG   C  N N 94  
GLN CD   C  N N 95  
GLN OE1  O  N N 96  
GLN NE2  N  N N 97  
GLN OXT  O  N N 98  
GLN H    H  N N 99  
GLN H2   H  N N 100 
GLN HA   H  N N 101 
GLN HB2  H  N N 102 
GLN HB3  H  N N 103 
GLN HG2  H  N N 104 
GLN HG3  H  N N 105 
GLN HE21 H  N N 106 
GLN HE22 H  N N 107 
GLN HXT  H  N N 108 
GLU N    N  N N 109 
GLU CA   C  N S 110 
GLU C    C  N N 111 
GLU O    O  N N 112 
GLU CB   C  N N 113 
GLU CG   C  N N 114 
GLU CD   C  N N 115 
GLU OE1  O  N N 116 
GLU OE2  O  N N 117 
GLU OXT  O  N N 118 
GLU H    H  N N 119 
GLU H2   H  N N 120 
GLU HA   H  N N 121 
GLU HB2  H  N N 122 
GLU HB3  H  N N 123 
GLU HG2  H  N N 124 
GLU HG3  H  N N 125 
GLU HE2  H  N N 126 
GLU HXT  H  N N 127 
GLY N    N  N N 128 
GLY CA   C  N N 129 
GLY C    C  N N 130 
GLY O    O  N N 131 
GLY OXT  O  N N 132 
GLY H    H  N N 133 
GLY H2   H  N N 134 
GLY HA2  H  N N 135 
GLY HA3  H  N N 136 
GLY HXT  H  N N 137 
HIS N    N  N N 138 
HIS CA   C  N S 139 
HIS C    C  N N 140 
HIS O    O  N N 141 
HIS CB   C  N N 142 
HIS CG   C  Y N 143 
HIS ND1  N  Y N 144 
HIS CD2  C  Y N 145 
HIS CE1  C  Y N 146 
HIS NE2  N  Y N 147 
HIS OXT  O  N N 148 
HIS H    H  N N 149 
HIS H2   H  N N 150 
HIS HA   H  N N 151 
HIS HB2  H  N N 152 
HIS HB3  H  N N 153 
HIS HD1  H  N N 154 
HIS HD2  H  N N 155 
HIS HE1  H  N N 156 
HIS HE2  H  N N 157 
HIS HXT  H  N N 158 
HOH O    O  N N 159 
HOH H1   H  N N 160 
HOH H2   H  N N 161 
ILE N    N  N N 162 
ILE CA   C  N S 163 
ILE C    C  N N 164 
ILE O    O  N N 165 
ILE CB   C  N S 166 
ILE CG1  C  N N 167 
ILE CG2  C  N N 168 
ILE CD1  C  N N 169 
ILE OXT  O  N N 170 
ILE H    H  N N 171 
ILE H2   H  N N 172 
ILE HA   H  N N 173 
ILE HB   H  N N 174 
ILE HG12 H  N N 175 
ILE HG13 H  N N 176 
ILE HG21 H  N N 177 
ILE HG22 H  N N 178 
ILE HG23 H  N N 179 
ILE HD11 H  N N 180 
ILE HD12 H  N N 181 
ILE HD13 H  N N 182 
ILE HXT  H  N N 183 
LEU N    N  N N 184 
LEU CA   C  N S 185 
LEU C    C  N N 186 
LEU O    O  N N 187 
LEU CB   C  N N 188 
LEU CG   C  N N 189 
LEU CD1  C  N N 190 
LEU CD2  C  N N 191 
LEU OXT  O  N N 192 
LEU H    H  N N 193 
LEU H2   H  N N 194 
LEU HA   H  N N 195 
LEU HB2  H  N N 196 
LEU HB3  H  N N 197 
LEU HG   H  N N 198 
LEU HD11 H  N N 199 
LEU HD12 H  N N 200 
LEU HD13 H  N N 201 
LEU HD21 H  N N 202 
LEU HD22 H  N N 203 
LEU HD23 H  N N 204 
LEU HXT  H  N N 205 
LYS N    N  N N 206 
LYS CA   C  N S 207 
LYS C    C  N N 208 
LYS O    O  N N 209 
LYS CB   C  N N 210 
LYS CG   C  N N 211 
LYS CD   C  N N 212 
LYS CE   C  N N 213 
LYS NZ   N  N N 214 
LYS OXT  O  N N 215 
LYS H    H  N N 216 
LYS H2   H  N N 217 
LYS HA   H  N N 218 
LYS HB2  H  N N 219 
LYS HB3  H  N N 220 
LYS HG2  H  N N 221 
LYS HG3  H  N N 222 
LYS HD2  H  N N 223 
LYS HD3  H  N N 224 
LYS HE2  H  N N 225 
LYS HE3  H  N N 226 
LYS HZ1  H  N N 227 
LYS HZ2  H  N N 228 
LYS HZ3  H  N N 229 
LYS HXT  H  N N 230 
MET N    N  N N 231 
MET CA   C  N S 232 
MET C    C  N N 233 
MET O    O  N N 234 
MET CB   C  N N 235 
MET CG   C  N N 236 
MET SD   S  N N 237 
MET CE   C  N N 238 
MET OXT  O  N N 239 
MET H    H  N N 240 
MET H2   H  N N 241 
MET HA   H  N N 242 
MET HB2  H  N N 243 
MET HB3  H  N N 244 
MET HG2  H  N N 245 
MET HG3  H  N N 246 
MET HE1  H  N N 247 
MET HE2  H  N N 248 
MET HE3  H  N N 249 
MET HXT  H  N N 250 
NA  NA   NA N N 251 
PHE N    N  N N 252 
PHE CA   C  N S 253 
PHE C    C  N N 254 
PHE O    O  N N 255 
PHE CB   C  N N 256 
PHE CG   C  Y N 257 
PHE CD1  C  Y N 258 
PHE CD2  C  Y N 259 
PHE CE1  C  Y N 260 
PHE CE2  C  Y N 261 
PHE CZ   C  Y N 262 
PHE OXT  O  N N 263 
PHE H    H  N N 264 
PHE H2   H  N N 265 
PHE HA   H  N N 266 
PHE HB2  H  N N 267 
PHE HB3  H  N N 268 
PHE HD1  H  N N 269 
PHE HD2  H  N N 270 
PHE HE1  H  N N 271 
PHE HE2  H  N N 272 
PHE HZ   H  N N 273 
PHE HXT  H  N N 274 
PRO N    N  N N 275 
PRO CA   C  N S 276 
PRO C    C  N N 277 
PRO O    O  N N 278 
PRO CB   C  N N 279 
PRO CG   C  N N 280 
PRO CD   C  N N 281 
PRO OXT  O  N N 282 
PRO H    H  N N 283 
PRO HA   H  N N 284 
PRO HB2  H  N N 285 
PRO HB3  H  N N 286 
PRO HG2  H  N N 287 
PRO HG3  H  N N 288 
PRO HD2  H  N N 289 
PRO HD3  H  N N 290 
PRO HXT  H  N N 291 
SER N    N  N N 292 
SER CA   C  N S 293 
SER C    C  N N 294 
SER O    O  N N 295 
SER CB   C  N N 296 
SER OG   O  N N 297 
SER OXT  O  N N 298 
SER H    H  N N 299 
SER H2   H  N N 300 
SER HA   H  N N 301 
SER HB2  H  N N 302 
SER HB3  H  N N 303 
SER HG   H  N N 304 
SER HXT  H  N N 305 
THR N    N  N N 306 
THR CA   C  N S 307 
THR C    C  N N 308 
THR O    O  N N 309 
THR CB   C  N R 310 
THR OG1  O  N N 311 
THR CG2  C  N N 312 
THR OXT  O  N N 313 
THR H    H  N N 314 
THR H2   H  N N 315 
THR HA   H  N N 316 
THR HB   H  N N 317 
THR HG1  H  N N 318 
THR HG21 H  N N 319 
THR HG22 H  N N 320 
THR HG23 H  N N 321 
THR HXT  H  N N 322 
TYR N    N  N N 323 
TYR CA   C  N S 324 
TYR C    C  N N 325 
TYR O    O  N N 326 
TYR CB   C  N N 327 
TYR CG   C  Y N 328 
TYR CD1  C  Y N 329 
TYR CD2  C  Y N 330 
TYR CE1  C  Y N 331 
TYR CE2  C  Y N 332 
TYR CZ   C  Y N 333 
TYR OH   O  N N 334 
TYR OXT  O  N N 335 
TYR H    H  N N 336 
TYR H2   H  N N 337 
TYR HA   H  N N 338 
TYR HB2  H  N N 339 
TYR HB3  H  N N 340 
TYR HD1  H  N N 341 
TYR HD2  H  N N 342 
TYR HE1  H  N N 343 
TYR HE2  H  N N 344 
TYR HH   H  N N 345 
TYR HXT  H  N N 346 
VAL N    N  N N 347 
VAL CA   C  N S 348 
VAL C    C  N N 349 
VAL O    O  N N 350 
VAL CB   C  N N 351 
VAL CG1  C  N N 352 
VAL CG2  C  N N 353 
VAL OXT  O  N N 354 
VAL H    H  N N 355 
VAL H2   H  N N 356 
VAL HA   H  N N 357 
VAL HB   H  N N 358 
VAL HG11 H  N N 359 
VAL HG12 H  N N 360 
VAL HG13 H  N N 361 
VAL HG21 H  N N 362 
VAL HG22 H  N N 363 
VAL HG23 H  N N 364 
VAL HXT  H  N N 365 
# 
loop_
_chem_comp_bond.comp_id 
_chem_comp_bond.atom_id_1 
_chem_comp_bond.atom_id_2 
_chem_comp_bond.value_order 
_chem_comp_bond.pdbx_aromatic_flag 
_chem_comp_bond.pdbx_stereo_config 
_chem_comp_bond.pdbx_ordinal 
ALA N   CA   sing N N 1   
ALA N   H    sing N N 2   
ALA N   H2   sing N N 3   
ALA CA  C    sing N N 4   
ALA CA  CB   sing N N 5   
ALA CA  HA   sing N N 6   
ALA C   O    doub N N 7   
ALA C   OXT  sing N N 8   
ALA CB  HB1  sing N N 9   
ALA CB  HB2  sing N N 10  
ALA CB  HB3  sing N N 11  
ALA OXT HXT  sing N N 12  
ARG N   CA   sing N N 13  
ARG N   H    sing N N 14  
ARG N   H2   sing N N 15  
ARG CA  C    sing N N 16  
ARG CA  CB   sing N N 17  
ARG CA  HA   sing N N 18  
ARG C   O    doub N N 19  
ARG C   OXT  sing N N 20  
ARG CB  CG   sing N N 21  
ARG CB  HB2  sing N N 22  
ARG CB  HB3  sing N N 23  
ARG CG  CD   sing N N 24  
ARG CG  HG2  sing N N 25  
ARG CG  HG3  sing N N 26  
ARG CD  NE   sing N N 27  
ARG CD  HD2  sing N N 28  
ARG CD  HD3  sing N N 29  
ARG NE  CZ   sing N N 30  
ARG NE  HE   sing N N 31  
ARG CZ  NH1  sing N N 32  
ARG CZ  NH2  doub N N 33  
ARG NH1 HH11 sing N N 34  
ARG NH1 HH12 sing N N 35  
ARG NH2 HH21 sing N N 36  
ARG NH2 HH22 sing N N 37  
ARG OXT HXT  sing N N 38  
ASN N   CA   sing N N 39  
ASN N   H    sing N N 40  
ASN N   H2   sing N N 41  
ASN CA  C    sing N N 42  
ASN CA  CB   sing N N 43  
ASN CA  HA   sing N N 44  
ASN C   O    doub N N 45  
ASN C   OXT  sing N N 46  
ASN CB  CG   sing N N 47  
ASN CB  HB2  sing N N 48  
ASN CB  HB3  sing N N 49  
ASN CG  OD1  doub N N 50  
ASN CG  ND2  sing N N 51  
ASN ND2 HD21 sing N N 52  
ASN ND2 HD22 sing N N 53  
ASN OXT HXT  sing N N 54  
ASP N   CA   sing N N 55  
ASP N   H    sing N N 56  
ASP N   H2   sing N N 57  
ASP CA  C    sing N N 58  
ASP CA  CB   sing N N 59  
ASP CA  HA   sing N N 60  
ASP C   O    doub N N 61  
ASP C   OXT  sing N N 62  
ASP CB  CG   sing N N 63  
ASP CB  HB2  sing N N 64  
ASP CB  HB3  sing N N 65  
ASP CG  OD1  doub N N 66  
ASP CG  OD2  sing N N 67  
ASP OD2 HD2  sing N N 68  
ASP OXT HXT  sing N N 69  
CYS N   CA   sing N N 70  
CYS N   H    sing N N 71  
CYS N   H2   sing N N 72  
CYS CA  C    sing N N 73  
CYS CA  CB   sing N N 74  
CYS CA  HA   sing N N 75  
CYS C   O    doub N N 76  
CYS C   OXT  sing N N 77  
CYS CB  SG   sing N N 78  
CYS CB  HB2  sing N N 79  
CYS CB  HB3  sing N N 80  
CYS SG  HG   sing N N 81  
CYS OXT HXT  sing N N 82  
GLN N   CA   sing N N 83  
GLN N   H    sing N N 84  
GLN N   H2   sing N N 85  
GLN CA  C    sing N N 86  
GLN CA  CB   sing N N 87  
GLN CA  HA   sing N N 88  
GLN C   O    doub N N 89  
GLN C   OXT  sing N N 90  
GLN CB  CG   sing N N 91  
GLN CB  HB2  sing N N 92  
GLN CB  HB3  sing N N 93  
GLN CG  CD   sing N N 94  
GLN CG  HG2  sing N N 95  
GLN CG  HG3  sing N N 96  
GLN CD  OE1  doub N N 97  
GLN CD  NE2  sing N N 98  
GLN NE2 HE21 sing N N 99  
GLN NE2 HE22 sing N N 100 
GLN OXT HXT  sing N N 101 
GLU N   CA   sing N N 102 
GLU N   H    sing N N 103 
GLU N   H2   sing N N 104 
GLU CA  C    sing N N 105 
GLU CA  CB   sing N N 106 
GLU CA  HA   sing N N 107 
GLU C   O    doub N N 108 
GLU C   OXT  sing N N 109 
GLU CB  CG   sing N N 110 
GLU CB  HB2  sing N N 111 
GLU CB  HB3  sing N N 112 
GLU CG  CD   sing N N 113 
GLU CG  HG2  sing N N 114 
GLU CG  HG3  sing N N 115 
GLU CD  OE1  doub N N 116 
GLU CD  OE2  sing N N 117 
GLU OE2 HE2  sing N N 118 
GLU OXT HXT  sing N N 119 
GLY N   CA   sing N N 120 
GLY N   H    sing N N 121 
GLY N   H2   sing N N 122 
GLY CA  C    sing N N 123 
GLY CA  HA2  sing N N 124 
GLY CA  HA3  sing N N 125 
GLY C   O    doub N N 126 
GLY C   OXT  sing N N 127 
GLY OXT HXT  sing N N 128 
HIS N   CA   sing N N 129 
HIS N   H    sing N N 130 
HIS N   H2   sing N N 131 
HIS CA  C    sing N N 132 
HIS CA  CB   sing N N 133 
HIS CA  HA   sing N N 134 
HIS C   O    doub N N 135 
HIS C   OXT  sing N N 136 
HIS CB  CG   sing N N 137 
HIS CB  HB2  sing N N 138 
HIS CB  HB3  sing N N 139 
HIS CG  ND1  sing Y N 140 
HIS CG  CD2  doub Y N 141 
HIS ND1 CE1  doub Y N 142 
HIS ND1 HD1  sing N N 143 
HIS CD2 NE2  sing Y N 144 
HIS CD2 HD2  sing N N 145 
HIS CE1 NE2  sing Y N 146 
HIS CE1 HE1  sing N N 147 
HIS NE2 HE2  sing N N 148 
HIS OXT HXT  sing N N 149 
HOH O   H1   sing N N 150 
HOH O   H2   sing N N 151 
ILE N   CA   sing N N 152 
ILE N   H    sing N N 153 
ILE N   H2   sing N N 154 
ILE CA  C    sing N N 155 
ILE CA  CB   sing N N 156 
ILE CA  HA   sing N N 157 
ILE C   O    doub N N 158 
ILE C   OXT  sing N N 159 
ILE CB  CG1  sing N N 160 
ILE CB  CG2  sing N N 161 
ILE CB  HB   sing N N 162 
ILE CG1 CD1  sing N N 163 
ILE CG1 HG12 sing N N 164 
ILE CG1 HG13 sing N N 165 
ILE CG2 HG21 sing N N 166 
ILE CG2 HG22 sing N N 167 
ILE CG2 HG23 sing N N 168 
ILE CD1 HD11 sing N N 169 
ILE CD1 HD12 sing N N 170 
ILE CD1 HD13 sing N N 171 
ILE OXT HXT  sing N N 172 
LEU N   CA   sing N N 173 
LEU N   H    sing N N 174 
LEU N   H2   sing N N 175 
LEU CA  C    sing N N 176 
LEU CA  CB   sing N N 177 
LEU CA  HA   sing N N 178 
LEU C   O    doub N N 179 
LEU C   OXT  sing N N 180 
LEU CB  CG   sing N N 181 
LEU CB  HB2  sing N N 182 
LEU CB  HB3  sing N N 183 
LEU CG  CD1  sing N N 184 
LEU CG  CD2  sing N N 185 
LEU CG  HG   sing N N 186 
LEU CD1 HD11 sing N N 187 
LEU CD1 HD12 sing N N 188 
LEU CD1 HD13 sing N N 189 
LEU CD2 HD21 sing N N 190 
LEU CD2 HD22 sing N N 191 
LEU CD2 HD23 sing N N 192 
LEU OXT HXT  sing N N 193 
LYS N   CA   sing N N 194 
LYS N   H    sing N N 195 
LYS N   H2   sing N N 196 
LYS CA  C    sing N N 197 
LYS CA  CB   sing N N 198 
LYS CA  HA   sing N N 199 
LYS C   O    doub N N 200 
LYS C   OXT  sing N N 201 
LYS CB  CG   sing N N 202 
LYS CB  HB2  sing N N 203 
LYS CB  HB3  sing N N 204 
LYS CG  CD   sing N N 205 
LYS CG  HG2  sing N N 206 
LYS CG  HG3  sing N N 207 
LYS CD  CE   sing N N 208 
LYS CD  HD2  sing N N 209 
LYS CD  HD3  sing N N 210 
LYS CE  NZ   sing N N 211 
LYS CE  HE2  sing N N 212 
LYS CE  HE3  sing N N 213 
LYS NZ  HZ1  sing N N 214 
LYS NZ  HZ2  sing N N 215 
LYS NZ  HZ3  sing N N 216 
LYS OXT HXT  sing N N 217 
MET N   CA   sing N N 218 
MET N   H    sing N N 219 
MET N   H2   sing N N 220 
MET CA  C    sing N N 221 
MET CA  CB   sing N N 222 
MET CA  HA   sing N N 223 
MET C   O    doub N N 224 
MET C   OXT  sing N N 225 
MET CB  CG   sing N N 226 
MET CB  HB2  sing N N 227 
MET CB  HB3  sing N N 228 
MET CG  SD   sing N N 229 
MET CG  HG2  sing N N 230 
MET CG  HG3  sing N N 231 
MET SD  CE   sing N N 232 
MET CE  HE1  sing N N 233 
MET CE  HE2  sing N N 234 
MET CE  HE3  sing N N 235 
MET OXT HXT  sing N N 236 
PHE N   CA   sing N N 237 
PHE N   H    sing N N 238 
PHE N   H2   sing N N 239 
PHE CA  C    sing N N 240 
PHE CA  CB   sing N N 241 
PHE CA  HA   sing N N 242 
PHE C   O    doub N N 243 
PHE C   OXT  sing N N 244 
PHE CB  CG   sing N N 245 
PHE CB  HB2  sing N N 246 
PHE CB  HB3  sing N N 247 
PHE CG  CD1  doub Y N 248 
PHE CG  CD2  sing Y N 249 
PHE CD1 CE1  sing Y N 250 
PHE CD1 HD1  sing N N 251 
PHE CD2 CE2  doub Y N 252 
PHE CD2 HD2  sing N N 253 
PHE CE1 CZ   doub Y N 254 
PHE CE1 HE1  sing N N 255 
PHE CE2 CZ   sing Y N 256 
PHE CE2 HE2  sing N N 257 
PHE CZ  HZ   sing N N 258 
PHE OXT HXT  sing N N 259 
PRO N   CA   sing N N 260 
PRO N   CD   sing N N 261 
PRO N   H    sing N N 262 
PRO CA  C    sing N N 263 
PRO CA  CB   sing N N 264 
PRO CA  HA   sing N N 265 
PRO C   O    doub N N 266 
PRO C   OXT  sing N N 267 
PRO CB  CG   sing N N 268 
PRO CB  HB2  sing N N 269 
PRO CB  HB3  sing N N 270 
PRO CG  CD   sing N N 271 
PRO CG  HG2  sing N N 272 
PRO CG  HG3  sing N N 273 
PRO CD  HD2  sing N N 274 
PRO CD  HD3  sing N N 275 
PRO OXT HXT  sing N N 276 
SER N   CA   sing N N 277 
SER N   H    sing N N 278 
SER N   H2   sing N N 279 
SER CA  C    sing N N 280 
SER CA  CB   sing N N 281 
SER CA  HA   sing N N 282 
SER C   O    doub N N 283 
SER C   OXT  sing N N 284 
SER CB  OG   sing N N 285 
SER CB  HB2  sing N N 286 
SER CB  HB3  sing N N 287 
SER OG  HG   sing N N 288 
SER OXT HXT  sing N N 289 
THR N   CA   sing N N 290 
THR N   H    sing N N 291 
THR N   H2   sing N N 292 
THR CA  C    sing N N 293 
THR CA  CB   sing N N 294 
THR CA  HA   sing N N 295 
THR C   O    doub N N 296 
THR C   OXT  sing N N 297 
THR CB  OG1  sing N N 298 
THR CB  CG2  sing N N 299 
THR CB  HB   sing N N 300 
THR OG1 HG1  sing N N 301 
THR CG2 HG21 sing N N 302 
THR CG2 HG22 sing N N 303 
THR CG2 HG23 sing N N 304 
THR OXT HXT  sing N N 305 
TYR N   CA   sing N N 306 
TYR N   H    sing N N 307 
TYR N   H2   sing N N 308 
TYR CA  C    sing N N 309 
TYR CA  CB   sing N N 310 
TYR CA  HA   sing N N 311 
TYR C   O    doub N N 312 
TYR C   OXT  sing N N 313 
TYR CB  CG   sing N N 314 
TYR CB  HB2  sing N N 315 
TYR CB  HB3  sing N N 316 
TYR CG  CD1  doub Y N 317 
TYR CG  CD2  sing Y N 318 
TYR CD1 CE1  sing Y N 319 
TYR CD1 HD1  sing N N 320 
TYR CD2 CE2  doub Y N 321 
TYR CD2 HD2  sing N N 322 
TYR CE1 CZ   doub Y N 323 
TYR CE1 HE1  sing N N 324 
TYR CE2 CZ   sing Y N 325 
TYR CE2 HE2  sing N N 326 
TYR CZ  OH   sing N N 327 
TYR OH  HH   sing N N 328 
TYR OXT HXT  sing N N 329 
VAL N   CA   sing N N 330 
VAL N   H    sing N N 331 
VAL N   H2   sing N N 332 
VAL CA  C    sing N N 333 
VAL CA  CB   sing N N 334 
VAL CA  HA   sing N N 335 
VAL C   O    doub N N 336 
VAL C   OXT  sing N N 337 
VAL CB  CG1  sing N N 338 
VAL CB  CG2  sing N N 339 
VAL CB  HB   sing N N 340 
VAL CG1 HG11 sing N N 341 
VAL CG1 HG12 sing N N 342 
VAL CG1 HG13 sing N N 343 
VAL CG2 HG21 sing N N 344 
VAL CG2 HG22 sing N N 345 
VAL CG2 HG23 sing N N 346 
VAL OXT HXT  sing N N 347 
# 
_atom_sites.entry_id                    1SGW 
_atom_sites.fract_transf_matrix[1][1]   0.01893990 
_atom_sites.fract_transf_matrix[1][2]   -0.00951346 
_atom_sites.fract_transf_matrix[1][3]   -0.00660411 
_atom_sites.fract_transf_matrix[2][1]   0.00660345 
_atom_sites.fract_transf_matrix[2][2]   0.01324442 
_atom_sites.fract_transf_matrix[2][3]   -0.00014107 
_atom_sites.fract_transf_matrix[3][1]   0.00370310 
_atom_sites.fract_transf_matrix[3][2]   -0.00170700 
_atom_sites.fract_transf_matrix[3][3]   0.01307911 
_atom_sites.fract_transf_vector[1]      0.886014 
_atom_sites.fract_transf_vector[2]      0.127788 
_atom_sites.fract_transf_vector[3]      0.177882 
# 
loop_
_atom_type.symbol 
C  
CL 
N  
NA 
O  
S  
# 
loop_
_atom_site.group_PDB 
_atom_site.id 
_atom_site.type_symbol 
_atom_site.label_atom_id 
_atom_site.label_alt_id 
_atom_site.label_comp_id 
_atom_site.label_asym_id 
_atom_site.label_entity_id 
_atom_site.label_seq_id 
_atom_site.pdbx_PDB_ins_code 
_atom_site.Cartn_x 
_atom_site.Cartn_y 
_atom_site.Cartn_z 
_atom_site.occupancy 
_atom_site.B_iso_or_equiv 
_atom_site.pdbx_formal_charge 
_atom_site.auth_seq_id 
_atom_site.auth_comp_id 
_atom_site.auth_asym_id 
_atom_site.auth_atom_id 
_atom_site.pdbx_PDB_model_num 
ATOM   1    N  N   . SER A 1 9   ? -8.796  -15.992 1.484   1.00 32.34 ? 1   SER A N   1 
ATOM   2    C  CA  . SER A 1 9   ? -7.424  -15.788 0.920   1.00 31.43 ? 1   SER A CA  1 
ATOM   3    C  C   . SER A 1 9   ? -6.395  -15.568 2.027   1.00 30.00 ? 1   SER A C   1 
ATOM   4    O  O   . SER A 1 9   ? -6.644  -14.804 2.972   1.00 32.81 ? 1   SER A O   1 
ATOM   5    C  CB  . SER A 1 9   ? -7.406  -14.619 -0.080  1.00 32.52 ? 1   SER A CB  1 
ATOM   6    N  N   . LYS A 1 10  ? -5.252  -16.255 1.914   1.00 28.18 ? 2   LYS A N   1 
ATOM   7    C  CA  . LYS A 1 10  ? -4.186  -16.172 2.912   1.00 23.00 ? 2   LYS A CA  1 
ATOM   8    C  C   . LYS A 1 10  ? -2.835  -15.905 2.243   1.00 17.57 ? 2   LYS A C   1 
ATOM   9    O  O   . LYS A 1 10  ? -2.497  -16.494 1.225   1.00 20.52 ? 2   LYS A O   1 
ATOM   10   C  CB  . LYS A 1 10  ? -4.093  -17.474 3.752   1.00 25.75 ? 2   LYS A CB  1 
ATOM   11   C  CG  . LYS A 1 10  ? -5.309  -17.750 4.646   1.00 31.06 ? 2   LYS A CG  1 
ATOM   12   C  CD  . LYS A 1 10  ? -5.010  -18.759 5.768   1.00 30.44 ? 2   LYS A CD  1 
ATOM   13   N  N   . LEU A 1 11  ? -2.073  -14.992 2.833   1.00 17.19 ? 3   LEU A N   1 
ATOM   14   C  CA  . LEU A 1 11  ? -0.691  -14.798 2.444   1.00 15.76 ? 3   LEU A CA  1 
ATOM   15   C  C   . LEU A 1 11  ? 0.141   -15.371 3.581   1.00 16.33 ? 3   LEU A C   1 
ATOM   16   O  O   . LEU A 1 11  ? -0.056  -14.996 4.733   1.00 17.73 ? 3   LEU A O   1 
ATOM   17   C  CB  . LEU A 1 11  ? -0.407  -13.309 2.250   1.00 17.65 ? 3   LEU A CB  1 
ATOM   18   C  CG  . LEU A 1 11  ? 1.007   -12.971 1.749   1.00 18.48 ? 3   LEU A CG  1 
ATOM   19   C  CD1 . LEU A 1 11  ? 1.207   -13.412 0.306   1.00 16.31 ? 3   LEU A CD1 1 
ATOM   20   C  CD2 . LEU A 1 11  ? 1.212   -11.473 1.846   1.00 21.12 ? 3   LEU A CD2 1 
ATOM   21   N  N   . GLU A 1 12  ? 1.027   -16.318 3.263   1.00 16.69 ? 4   GLU A N   1 
ATOM   22   C  CA  . GLU A 1 12  ? 1.878   -16.947 4.260   1.00 16.74 ? 4   GLU A CA  1 
ATOM   23   C  C   . GLU A 1 12  ? 3.296   -16.451 4.075   1.00 14.99 ? 4   GLU A C   1 
ATOM   24   O  O   . GLU A 1 12  ? 3.871   -16.574 2.985   1.00 20.32 ? 4   GLU A O   1 
ATOM   25   C  CB  . GLU A 1 12  ? 1.907   -18.466 4.080   1.00 17.92 ? 4   GLU A CB  1 
ATOM   26   C  CG  . GLU A 1 12  ? 0.548   -19.134 4.212   1.00 21.47 ? 4   GLU A CG  1 
ATOM   27   C  CD  . GLU A 1 12  ? 0.015   -19.129 5.620   1.00 20.85 ? 4   GLU A CD  1 
ATOM   28   O  OE1 . GLU A 1 12  ? 0.729   -18.714 6.574   1.00 23.32 ? 4   GLU A OE1 1 
ATOM   29   O  OE2 . GLU A 1 12  ? -1.163  -19.551 5.792   1.00 27.54 ? 4   GLU A OE2 1 
ATOM   30   N  N   . ILE A 1 13  ? 3.846   -15.902 5.142   1.00 14.58 ? 5   ILE A N   1 
ATOM   31   C  CA  . ILE A 1 13  ? 5.243   -15.492 5.140   1.00 14.37 ? 5   ILE A CA  1 
ATOM   32   C  C   . ILE A 1 13  ? 5.957   -16.476 6.057   1.00 13.22 ? 5   ILE A C   1 
ATOM   33   O  O   . ILE A 1 13  ? 5.537   -16.678 7.203   1.00 15.90 ? 5   ILE A O   1 
ATOM   34   C  CB  . ILE A 1 13  ? 5.372   -14.037 5.624   1.00 15.18 ? 5   ILE A CB  1 
ATOM   35   C  CG1 . ILE A 1 13  ? 4.688   -13.091 4.617   1.00 18.19 ? 5   ILE A CG1 1 
ATOM   36   C  CG2 . ILE A 1 13  ? 6.845   -13.651 5.803   1.00 15.47 ? 5   ILE A CG2 1 
ATOM   37   C  CD1 . ILE A 1 13  ? 4.628   -11.624 5.089   1.00 19.39 ? 5   ILE A CD1 1 
ATOM   38   N  N   . ARG A 1 14  ? 7.010   -17.112 5.538   1.00 12.32 ? 6   ARG A N   1 
ATOM   39   C  CA  . ARG A 1 14  ? 7.707   -18.157 6.301   1.00 12.02 ? 6   ARG A CA  1 
ATOM   40   C  C   . ARG A 1 14  ? 9.202   -17.878 6.321   1.00 13.53 ? 6   ARG A C   1 
ATOM   41   O  O   . ARG A 1 14  ? 9.860   -17.852 5.268   1.00 14.75 ? 6   ARG A O   1 
ATOM   42   C  CB  . ARG A 1 14  ? 7.461   -19.548 5.708   1.00 11.53 ? 6   ARG A CB  1 
ATOM   43   C  CG  . ARG A 1 14  ? 5.988   -19.919 5.608   1.00 15.90 ? 6   ARG A CG  1 
ATOM   44   C  CD  . ARG A 1 14  ? 5.760   -21.399 5.262   1.00 17.53 ? 6   ARG A CD  1 
ATOM   45   N  NE  . ARG A 1 14  ? 4.323   -21.709 5.325   1.00 23.15 ? 6   ARG A NE  1 
ATOM   46   C  CZ  . ARG A 1 14  ? 3.515   -21.879 4.281   1.00 22.69 ? 6   ARG A CZ  1 
ATOM   47   N  NH1 . ARG A 1 14  ? 3.971   -21.825 3.038   1.00 24.34 ? 6   ARG A NH1 1 
ATOM   48   N  NH2 . ARG A 1 14  ? 2.229   -22.138 4.500   1.00 25.29 ? 6   ARG A NH2 1 
ATOM   49   N  N   . ASP A 1 15  ? 9.710   -17.735 7.539   1.00 12.83 ? 7   ASP A N   1 
ATOM   50   C  CA  . ASP A 1 15  ? 11.147  -17.632 7.840   1.00 13.79 ? 7   ASP A CA  1 
ATOM   51   C  C   . ASP A 1 15  ? 11.816  -16.567 6.980   1.00 14.61 ? 7   ASP A C   1 
ATOM   52   O  O   . ASP A 1 15  ? 12.921  -16.765 6.461   1.00 16.81 ? 7   ASP A O   1 
ATOM   53   C  CB  . ASP A 1 15  ? 11.845  -18.961 7.586   1.00 15.77 ? 7   ASP A CB  1 
ATOM   54   C  CG  . ASP A 1 15  ? 11.258  -20.089 8.420   1.00 14.04 ? 7   ASP A CG  1 
ATOM   55   O  OD1 . ASP A 1 15  ? 11.218  -19.952 9.665   1.00 17.99 ? 7   ASP A OD1 1 
ATOM   56   O  OD2 . ASP A 1 15  ? 10.790  -21.112 7.880   1.00 14.62 ? 7   ASP A OD2 1 
ATOM   57   N  N   . LEU A 1 16  ? 11.142  -15.435 6.844   1.00 15.13 ? 8   LEU A N   1 
ATOM   58   C  CA  . LEU A 1 16  ? 11.599  -14.411 5.902   1.00 10.85 ? 8   LEU A CA  1 
ATOM   59   C  C   . LEU A 1 16  ? 12.716  -13.517 6.450   1.00 11.99 ? 8   LEU A C   1 
ATOM   60   O  O   . LEU A 1 16  ? 12.594  -12.936 7.522   1.00 14.68 ? 8   LEU A O   1 
ATOM   61   C  CB  . LEU A 1 16  ? 10.398  -13.548 5.484   1.00 11.77 ? 8   LEU A CB  1 
ATOM   62   C  CG  . LEU A 1 16  ? 10.674  -12.489 4.403   1.00 12.15 ? 8   LEU A CG  1 
ATOM   63   C  CD1 . LEU A 1 16  ? 10.929  -13.153 3.079   1.00 12.99 ? 8   LEU A CD1 1 
ATOM   64   C  CD2 . LEU A 1 16  ? 9.472   -11.547 4.310   1.00 13.60 ? 8   LEU A CD2 1 
ATOM   65   N  N   . SER A 1 17  ? 13.793  -13.401 5.666   1.00 13.98 ? 9   SER A N   1 
ATOM   66   C  CA  . SER A 1 17  ? 14.804  -12.365 5.882   1.00 13.65 ? 9   SER A CA  1 
ATOM   67   C  C   . SER A 1 17  ? 14.765  -11.463 4.670   1.00 13.86 ? 9   SER A C   1 
ATOM   68   O  O   . SER A 1 17  ? 14.646  -11.945 3.543   1.00 15.73 ? 9   SER A O   1 
ATOM   69   C  CB  . SER A 1 17  ? 16.205  -12.972 6.003   1.00 15.33 ? 9   SER A CB  1 
ATOM   70   O  OG  . SER A 1 17  ? 16.359  -13.610 7.266   1.00 19.66 ? 9   SER A OG  1 
ATOM   71   N  N   . VAL A 1 18  ? 14.902  -10.158 4.911   1.00 15.58 ? 10  VAL A N   1 
ATOM   72   C  CA  . VAL A 1 18  ? 14.889  -9.208  3.810   1.00 14.12 ? 10  VAL A CA  1 
ATOM   73   C  C   . VAL A 1 18  ? 16.115  -8.307  3.869   1.00 16.89 ? 10  VAL A C   1 
ATOM   74   O  O   . VAL A 1 18  ? 16.651  -8.040  4.951   1.00 17.47 ? 10  VAL A O   1 
ATOM   75   C  CB  . VAL A 1 18  ? 13.598  -8.346  3.785   1.00 14.56 ? 10  VAL A CB  1 
ATOM   76   C  CG1 . VAL A 1 18  ? 12.371  -9.236  3.687   1.00 15.95 ? 10  VAL A CG1 1 
ATOM   77   C  CG2 . VAL A 1 18  ? 13.505  -7.419  4.986   1.00 12.79 ? 10  VAL A CG2 1 
ATOM   78   N  N   . GLY A 1 19  ? 16.516  -7.855  2.688   1.00 14.68 ? 11  GLY A N   1 
ATOM   79   C  CA  . GLY A 1 19  ? 17.676  -6.993  2.534   1.00 16.81 ? 11  GLY A CA  1 
ATOM   80   C  C   . GLY A 1 19  ? 18.228  -6.993  1.140   1.00 20.84 ? 11  GLY A C   1 
ATOM   81   O  O   . GLY A 1 19  ? 17.713  -7.660  0.254   1.00 18.71 ? 11  GLY A O   1 
ATOM   82   N  N   . TYR A 1 20  ? 19.316  -6.241  0.947   1.00 25.79 ? 12  TYR A N   1 
ATOM   83   C  CA  . TYR A 1 20  ? 19.949  -6.143  -0.365  1.00 29.66 ? 12  TYR A CA  1 
ATOM   84   C  C   . TYR A 1 20  ? 21.157  -7.071  -0.465  1.00 32.82 ? 12  TYR A C   1 
ATOM   85   O  O   . TYR A 1 20  ? 21.138  -8.043  -1.223  1.00 36.70 ? 12  TYR A O   1 
ATOM   86   C  CB  . TYR A 1 20  ? 20.300  -4.686  -0.674  1.00 30.32 ? 12  TYR A CB  1 
ATOM   87   C  CG  . TYR A 1 20  ? 19.069  -3.833  -0.920  1.00 30.53 ? 12  TYR A CG  1 
ATOM   88   C  CD1 . TYR A 1 20  ? 18.647  -3.551  -2.219  1.00 33.39 ? 12  TYR A CD1 1 
ATOM   89   C  CD2 . TYR A 1 20  ? 18.319  -3.328  0.143   1.00 32.34 ? 12  TYR A CD2 1 
ATOM   90   C  CE1 . TYR A 1 20  ? 17.510  -2.768  -2.457  1.00 35.12 ? 12  TYR A CE1 1 
ATOM   91   C  CE2 . TYR A 1 20  ? 17.179  -2.553  -0.077  1.00 32.84 ? 12  TYR A CE2 1 
ATOM   92   C  CZ  . TYR A 1 20  ? 16.781  -2.275  -1.384  1.00 34.79 ? 12  TYR A CZ  1 
ATOM   93   O  OH  . TYR A 1 20  ? 15.659  -1.510  -1.626  1.00 37.34 ? 12  TYR A OH  1 
ATOM   94   N  N   . ASP A 1 21  ? 22.199  -6.771  0.303   1.00 37.04 ? 13  ASP A N   1 
ATOM   95   C  CA  . ASP A 1 21  ? 23.363  -7.644  0.384   1.00 40.53 ? 13  ASP A CA  1 
ATOM   96   C  C   . ASP A 1 21  ? 23.275  -8.456  1.672   1.00 38.84 ? 13  ASP A C   1 
ATOM   97   O  O   . ASP A 1 21  ? 23.404  -9.677  1.647   1.00 42.66 ? 13  ASP A O   1 
ATOM   98   C  CB  . ASP A 1 21  ? 24.671  -6.839  0.317   1.00 44.37 ? 13  ASP A CB  1 
ATOM   99   C  CG  . ASP A 1 21  ? 25.121  -6.545  -1.123  1.00 47.57 ? 13  ASP A CG  1 
ATOM   100  O  OD1 . ASP A 1 21  ? 24.408  -6.928  -2.088  1.00 48.99 ? 13  ASP A OD1 1 
ATOM   101  O  OD2 . ASP A 1 21  ? 26.184  -5.932  -1.381  1.00 47.23 ? 13  ASP A OD2 1 
ATOM   102  N  N   . LYS A 1 22  ? 23.026  -7.770  2.785   1.00 35.61 ? 14  LYS A N   1 
ATOM   103  C  CA  . LYS A 1 22  ? 22.900  -8.394  4.102   1.00 33.23 ? 14  LYS A CA  1 
ATOM   104  C  C   . LYS A 1 22  ? 21.466  -8.214  4.648   1.00 30.43 ? 14  LYS A C   1 
ATOM   105  O  O   . LYS A 1 22  ? 20.752  -7.312  4.204   1.00 30.09 ? 14  LYS A O   1 
ATOM   106  C  CB  . LYS A 1 22  ? 23.918  -7.782  5.072   1.00 35.27 ? 14  LYS A CB  1 
ATOM   107  N  N   . PRO A 1 23  ? 21.019  -9.082  5.558   1.00 27.07 ? 15  PRO A N   1 
ATOM   108  C  CA  . PRO A 1 23  ? 19.661  -8.944  6.118   1.00 24.93 ? 15  PRO A CA  1 
ATOM   109  C  C   . PRO A 1 23  ? 19.504  -7.787  7.101   1.00 24.13 ? 15  PRO A C   1 
ATOM   110  O  O   . PRO A 1 23  ? 20.371  -7.575  7.960   1.00 24.92 ? 15  PRO A O   1 
ATOM   111  C  CB  . PRO A 1 23  ? 19.434  -10.273 6.839   1.00 25.20 ? 15  PRO A CB  1 
ATOM   112  C  CG  . PRO A 1 23  ? 20.798  -10.818 7.116   1.00 28.58 ? 15  PRO A CG  1 
ATOM   113  C  CD  . PRO A 1 23  ? 21.707  -10.287 6.064   1.00 29.47 ? 15  PRO A CD  1 
ATOM   114  N  N   . VAL A 1 24  ? 18.404  -7.045  6.969   1.00 18.97 ? 16  VAL A N   1 
ATOM   115  C  CA  . VAL A 1 24  ? 18.087  -5.992  7.917   1.00 21.53 ? 16  VAL A CA  1 
ATOM   116  C  C   . VAL A 1 24  ? 16.980  -6.449  8.848   1.00 20.27 ? 16  VAL A C   1 
ATOM   117  O  O   . VAL A 1 24  ? 16.870  -5.965  9.964   1.00 20.65 ? 16  VAL A O   1 
ATOM   118  C  CB  . VAL A 1 24  ? 17.709  -4.638  7.239   1.00 22.88 ? 16  VAL A CB  1 
ATOM   119  C  CG1 . VAL A 1 24  ? 18.919  -4.056  6.523   1.00 27.42 ? 16  VAL A CG1 1 
ATOM   120  C  CG2 . VAL A 1 24  ? 16.517  -4.780  6.291   1.00 23.56 ? 16  VAL A CG2 1 
ATOM   121  N  N   . LEU A 1 25  ? 16.171  -7.396  8.371   1.00 17.88 ? 17  LEU A N   1 
ATOM   122  C  CA  . LEU A 1 25  ? 15.123  -8.020  9.193   1.00 17.11 ? 17  LEU A CA  1 
ATOM   123  C  C   . LEU A 1 25  ? 15.157  -9.523  8.928   1.00 15.90 ? 17  LEU A C   1 
ATOM   124  O  O   . LEU A 1 25  ? 15.370  -9.941  7.779   1.00 18.03 ? 17  LEU A O   1 
ATOM   125  C  CB  . LEU A 1 25  ? 13.723  -7.479  8.841   1.00 16.03 ? 17  LEU A CB  1 
ATOM   126  C  CG  . LEU A 1 25  ? 13.435  -5.983  9.096   1.00 16.57 ? 17  LEU A CG  1 
ATOM   127  C  CD1 . LEU A 1 25  ? 12.112  -5.621  8.375   1.00 18.34 ? 17  LEU A CD1 1 
ATOM   128  C  CD2 . LEU A 1 25  ? 13.308  -5.644  10.552  1.00 17.52 ? 17  LEU A CD2 1 
ATOM   129  N  N   . GLU A 1 26  ? 14.949  -10.317 9.979   1.00 17.28 ? 18  GLU A N   1 
ATOM   130  C  CA  . GLU A 1 26  ? 15.036  -11.774 9.893   1.00 18.98 ? 18  GLU A CA  1 
ATOM   131  C  C   . GLU A 1 26  ? 13.953  -12.474 10.712  1.00 18.95 ? 18  GLU A C   1 
ATOM   132  O  O   . GLU A 1 26  ? 13.417  -11.901 11.664  1.00 21.09 ? 18  GLU A O   1 
ATOM   133  C  CB  A GLU A 1 26  ? 16.409  -12.276 10.386  0.50 21.35 ? 18  GLU A CB  1 
ATOM   134  C  CB  B GLU A 1 26  ? 16.417  -12.262 10.337  0.50 21.45 ? 18  GLU A CB  1 
ATOM   135  C  CG  A GLU A 1 26  ? 17.634  -11.635 9.741   0.50 23.10 ? 18  GLU A CG  1 
ATOM   136  C  CG  B GLU A 1 26  ? 16.752  -11.919 11.777  0.50 23.14 ? 18  GLU A CG  1 
ATOM   137  C  CD  A GLU A 1 26  ? 18.927  -11.958 10.478  0.50 26.28 ? 18  GLU A CD  1 
ATOM   138  C  CD  B GLU A 1 26  ? 17.945  -12.694 12.300  0.50 26.90 ? 18  GLU A CD  1 
ATOM   139  O  OE1 A GLU A 1 26  ? 19.039  -11.610 11.677  0.50 29.21 ? 18  GLU A OE1 1 
ATOM   140  O  OE1 B GLU A 1 26  ? 17.922  -13.085 13.494  0.50 29.74 ? 18  GLU A OE1 1 
ATOM   141  O  OE2 A GLU A 1 26  ? 19.834  -12.554 9.856   0.50 25.59 ? 18  GLU A OE2 1 
ATOM   142  O  OE2 B GLU A 1 26  ? 18.897  -12.912 11.520  0.50 27.73 ? 18  GLU A OE2 1 
ATOM   143  N  N   . ARG A 1 27  ? 13.682  -13.733 10.341  1.00 16.48 ? 19  ARG A N   1 
ATOM   144  C  CA  . ARG A 1 27  ? 12.799  -14.647 11.093  1.00 17.42 ? 19  ARG A CA  1 
ATOM   145  C  C   . ARG A 1 27  ? 11.332  -14.230 11.133  1.00 19.80 ? 19  ARG A C   1 
ATOM   146  O  O   . ARG A 1 27  ? 10.630  -14.464 12.129  1.00 18.86 ? 19  ARG A O   1 
ATOM   147  C  CB  . ARG A 1 27  ? 13.322  -14.882 12.528  1.00 21.08 ? 19  ARG A CB  1 
ATOM   148  C  CG  . ARG A 1 27  ? 14.750  -15.375 12.608  1.00 25.26 ? 19  ARG A CG  1 
ATOM   149  C  CD  . ARG A 1 27  ? 15.313  -15.386 14.024  1.00 31.20 ? 19  ARG A CD  1 
ATOM   150  N  NE  . ARG A 1 27  ? 15.350  -14.034 14.597  1.00 35.53 ? 19  ARG A NE  1 
ATOM   151  N  N   . ILE A 1 28  ? 10.860  -13.627 10.039  1.00 15.93 ? 20  ILE A N   1 
ATOM   152  C  CA  . ILE A 1 28  ? 9.458   -13.235 9.965   1.00 15.84 ? 20  ILE A CA  1 
ATOM   153  C  C   . ILE A 1 28  ? 8.585   -14.397 9.477   1.00 14.93 ? 20  ILE A C   1 
ATOM   154  O  O   . ILE A 1 28  ? 8.726   -14.862 8.353   1.00 16.45 ? 20  ILE A O   1 
ATOM   155  C  CB  . ILE A 1 28  ? 9.243   -11.991 9.065   1.00 14.89 ? 20  ILE A CB  1 
ATOM   156  C  CG1 . ILE A 1 28  ? 10.053  -10.804 9.583   1.00 16.11 ? 20  ILE A CG1 1 
ATOM   157  C  CG2 . ILE A 1 28  ? 7.738   -11.647 9.054   1.00 15.73 ? 20  ILE A CG2 1 
ATOM   158  C  CD1 . ILE A 1 28  ? 10.084  -9.628  8.588   1.00 18.84 ? 20  ILE A CD1 1 
ATOM   159  N  N   . THR A 1 29  ? 7.698   -14.859 10.362  1.00 14.52 ? 21  THR A N   1 
ATOM   160  C  CA  . THR A 1 29  ? 6.726   -15.898 10.029  1.00 15.71 ? 21  THR A CA  1 
ATOM   161  C  C   . THR A 1 29  ? 5.358   -15.430 10.492  1.00 19.09 ? 21  THR A C   1 
ATOM   162  O  O   . THR A 1 29  ? 5.113   -15.233 11.690  1.00 19.33 ? 21  THR A O   1 
ATOM   163  C  CB  . THR A 1 29  ? 7.076   -17.240 10.691  1.00 16.59 ? 21  THR A CB  1 
ATOM   164  O  OG1 . THR A 1 29  ? 8.345   -17.682 10.209  1.00 17.56 ? 21  THR A OG1 1 
ATOM   165  C  CG2 . THR A 1 29  ? 6.079   -18.349 10.249  1.00 15.74 ? 21  THR A CG2 1 
ATOM   166  N  N   . MET A 1 30  ? 4.470   -15.250 9.530   1.00 18.13 ? 22  MET A N   1 
ATOM   167  C  CA  . MET A 1 30  ? 3.100   -14.867 9.826   1.00 18.01 ? 22  MET A CA  1 
ATOM   168  C  C   . MET A 1 30  ? 2.126   -15.283 8.730   1.00 18.31 ? 22  MET A C   1 
ATOM   169  O  O   . MET A 1 30  ? 2.507   -15.517 7.576   1.00 17.37 ? 22  MET A O   1 
ATOM   170  C  CB  . MET A 1 30  ? 2.981   -13.359 10.115  1.00 25.10 ? 22  MET A CB  1 
ATOM   171  C  CG  . MET A 1 30  ? 3.707   -12.452 9.188   1.00 29.65 ? 22  MET A CG  1 
ATOM   172  S  SD  . MET A 1 30  ? 3.804   -10.765 9.927   1.00 26.43 ? 22  MET A SD  1 
ATOM   173  C  CE  . MET A 1 30  ? 2.073   -10.361 10.236  1.00 27.46 ? 22  MET A CE  1 
ATOM   174  N  N   . THR A 1 31  ? 0.858   -15.367 9.126   1.00 19.18 ? 23  THR A N   1 
ATOM   175  C  CA  . THR A 1 31  ? -0.254  -15.640 8.249   1.00 17.59 ? 23  THR A CA  1 
ATOM   176  C  C   . THR A 1 31  ? -1.121  -14.389 8.203   1.00 19.28 ? 23  THR A C   1 
ATOM   177  O  O   . THR A 1 31  ? -1.638  -13.946 9.239   1.00 20.80 ? 23  THR A O   1 
ATOM   178  C  CB  . THR A 1 31  ? -1.089  -16.805 8.805   1.00 20.13 ? 23  THR A CB  1 
ATOM   179  O  OG1 . THR A 1 31  ? -0.264  -17.983 8.886   1.00 23.02 ? 23  THR A OG1 1 
ATOM   180  C  CG2 . THR A 1 31  ? -2.200  -17.183 7.818   1.00 21.19 ? 23  THR A CG2 1 
ATOM   181  N  N   . ILE A 1 32  ? -1.254  -13.820 7.006   1.00 18.72 ? 24  ILE A N   1 
ATOM   182  C  CA  . ILE A 1 32  ? -2.009  -12.590 6.790   1.00 20.77 ? 24  ILE A CA  1 
ATOM   183  C  C   . ILE A 1 32  ? -3.306  -12.924 6.044   1.00 20.00 ? 24  ILE A C   1 
ATOM   184  O  O   . ILE A 1 32  ? -3.289  -13.533 4.976   1.00 19.28 ? 24  ILE A O   1 
ATOM   185  C  CB  . ILE A 1 32  ? -1.136  -11.579 6.014   1.00 18.36 ? 24  ILE A CB  1 
ATOM   186  C  CG1 . ILE A 1 32  ? 0.153   -11.317 6.801   1.00 19.63 ? 24  ILE A CG1 1 
ATOM   187  C  CG2 . ILE A 1 32  ? -1.900  -10.266 5.817   1.00 20.60 ? 24  ILE A CG2 1 
ATOM   188  C  CD1 . ILE A 1 32  ? 1.118   -10.297 6.155   1.00 17.35 ? 24  ILE A CD1 1 
ATOM   189  N  N   . GLU A 1 33  ? -4.435  -12.534 6.628   1.00 19.12 ? 25  GLU A N   1 
ATOM   190  C  CA  . GLU A 1 33  ? -5.726  -12.938 6.084   1.00 21.39 ? 25  GLU A CA  1 
ATOM   191  C  C   . GLU A 1 33  ? -6.464  -11.736 5.507   1.00 19.35 ? 25  GLU A C   1 
ATOM   192  O  O   . GLU A 1 33  ? -6.270  -10.606 5.960   1.00 20.84 ? 25  GLU A O   1 
ATOM   193  C  CB  . GLU A 1 33  ? -6.586  -13.629 7.152   1.00 24.14 ? 25  GLU A CB  1 
ATOM   194  C  CG  . GLU A 1 33  ? -6.099  -15.015 7.568   1.00 28.92 ? 25  GLU A CG  1 
ATOM   195  N  N   . LYS A 1 34  ? -7.271  -11.991 4.484   1.00 21.64 ? 26  LYS A N   1 
ATOM   196  C  CA  . LYS A 1 34  ? -8.133  -10.949 3.919   1.00 23.27 ? 26  LYS A CA  1 
ATOM   197  C  C   . LYS A 1 34  ? -9.079  -10.451 5.009   1.00 23.97 ? 26  LYS A C   1 
ATOM   198  O  O   . LYS A 1 34  ? -9.639  -11.249 5.778   1.00 24.88 ? 26  LYS A O   1 
ATOM   199  C  CB  . LYS A 1 34  ? -8.922  -11.478 2.731   1.00 24.57 ? 26  LYS A CB  1 
ATOM   200  C  CG  . LYS A 1 34  ? -9.912  -10.477 2.126   1.00 27.27 ? 26  LYS A CG  1 
ATOM   201  N  N   . GLY A 1 35  ? -9.229  -9.131  5.079   1.00 25.15 ? 27  GLY A N   1 
ATOM   202  C  CA  . GLY A 1 35  ? -10.056 -8.477  6.074   1.00 24.01 ? 27  GLY A CA  1 
ATOM   203  C  C   . GLY A 1 35  ? -9.340  -8.036  7.337   1.00 26.28 ? 27  GLY A C   1 
ATOM   204  O  O   . GLY A 1 35  ? -9.911  -7.280  8.119   1.00 26.61 ? 27  GLY A O   1 
ATOM   205  N  N   . ASN A 1 36  ? -8.104  -8.505  7.555   1.00 24.89 ? 28  ASN A N   1 
ATOM   206  C  CA  . ASN A 1 36  ? -7.327  -8.134  8.742   1.00 24.39 ? 28  ASN A CA  1 
ATOM   207  C  C   . ASN A 1 36  ? -6.039  -7.383  8.390   1.00 23.60 ? 28  ASN A C   1 
ATOM   208  O  O   . ASN A 1 36  ? -5.010  -8.015  8.127   1.00 21.43 ? 28  ASN A O   1 
ATOM   209  C  CB  . ASN A 1 36  ? -6.996  -9.365  9.600   1.00 28.30 ? 28  ASN A CB  1 
ATOM   210  C  CG  . ASN A 1 36  ? -8.196  -9.890  10.354  1.00 35.09 ? 28  ASN A CG  1 
ATOM   211  O  OD1 . ASN A 1 36  ? -8.996  -9.123  10.889  1.00 37.69 ? 28  ASN A OD1 1 
ATOM   212  N  ND2 . ASN A 1 36  ? -8.328  -11.209 10.405  1.00 39.26 ? 28  ASN A ND2 1 
ATOM   213  N  N   . VAL A 1 37  ? -6.110  -6.042  8.401   1.00 19.68 ? 29  VAL A N   1 
ATOM   214  C  CA  . VAL A 1 37  ? -4.985  -5.158  8.035   1.00 18.43 ? 29  VAL A CA  1 
ATOM   215  C  C   . VAL A 1 37  ? -3.754  -5.352  8.915   1.00 18.54 ? 29  VAL A C   1 
ATOM   216  O  O   . VAL A 1 37  ? -3.857  -5.413  10.134  1.00 17.97 ? 29  VAL A O   1 
ATOM   217  C  CB  . VAL A 1 37  ? -5.400  -3.659  8.092   1.00 20.39 ? 29  VAL A CB  1 
ATOM   218  C  CG1 . VAL A 1 37  ? -4.231  -2.746  7.646   1.00 18.29 ? 29  VAL A CG1 1 
ATOM   219  C  CG2 . VAL A 1 37  ? -6.639  -3.397  7.231   1.00 19.93 ? 29  VAL A CG2 1 
ATOM   220  N  N   . VAL A 1 38  ? -2.583  -5.459  8.283   1.00 14.76 ? 30  VAL A N   1 
ATOM   221  C  CA  . VAL A 1 38  ? -1.326  -5.583  9.001   1.00 14.02 ? 30  VAL A CA  1 
ATOM   222  C  C   . VAL A 1 38  ? -0.540  -4.304  8.886   1.00 14.96 ? 30  VAL A C   1 
ATOM   223  O  O   . VAL A 1 38  ? -0.254  -3.860  7.782   1.00 16.07 ? 30  VAL A O   1 
ATOM   224  C  CB  . VAL A 1 38  ? -0.474  -6.731  8.452   1.00 15.98 ? 30  VAL A CB  1 
ATOM   225  C  CG1 . VAL A 1 38  ? 0.909   -6.776  9.155   1.00 17.86 ? 30  VAL A CG1 1 
ATOM   226  C  CG2 . VAL A 1 38  ? -1.198  -8.038  8.668   1.00 17.69 ? 30  VAL A CG2 1 
ATOM   227  N  N   . ASN A 1 39  ? -0.189  -3.746  10.036  1.00 14.26 ? 31  ASN A N   1 
ATOM   228  C  CA  . ASN A 1 39  ? 0.657   -2.571  10.114  1.00 14.40 ? 31  ASN A CA  1 
ATOM   229  C  C   . ASN A 1 39  ? 2.049   -2.948  10.634  1.00 16.70 ? 31  ASN A C   1 
ATOM   230  O  O   . ASN A 1 39  ? 2.202   -3.231  11.818  1.00 18.06 ? 31  ASN A O   1 
ATOM   231  C  CB  . ASN A 1 39  ? -0.025  -1.540  11.021  1.00 16.17 ? 31  ASN A CB  1 
ATOM   232  C  CG  . ASN A 1 39  ? 0.841   -0.338  11.319  1.00 18.68 ? 31  ASN A CG  1 
ATOM   233  O  OD1 . ASN A 1 39  ? 1.589   0.150   10.461  1.00 19.65 ? 31  ASN A OD1 1 
ATOM   234  N  ND2 . ASN A 1 39  ? 0.749   0.154   12.554  1.00 18.61 ? 31  ASN A ND2 1 
ATOM   235  N  N   . PHE A 1 40  ? 3.052   -2.947  9.753   1.00 14.17 ? 32  PHE A N   1 
ATOM   236  C  CA  . PHE A 1 40  ? 4.452   -3.115  10.166  1.00 14.90 ? 32  PHE A CA  1 
ATOM   237  C  C   . PHE A 1 40  ? 5.011   -1.775  10.577  1.00 18.70 ? 32  PHE A C   1 
ATOM   238  O  O   . PHE A 1 40  ? 5.051   -0.854  9.754   1.00 17.29 ? 32  PHE A O   1 
ATOM   239  C  CB  . PHE A 1 40  ? 5.297   -3.677  9.010   1.00 15.13 ? 32  PHE A CB  1 
ATOM   240  C  CG  . PHE A 1 40  ? 5.004   -5.115  8.682   1.00 14.49 ? 32  PHE A CG  1 
ATOM   241  C  CD1 . PHE A 1 40  ? 5.344   -6.124  9.589   1.00 15.98 ? 32  PHE A CD1 1 
ATOM   242  C  CD2 . PHE A 1 40  ? 4.370   -5.464  7.492   1.00 14.01 ? 32  PHE A CD2 1 
ATOM   243  C  CE1 . PHE A 1 40  ? 5.099   -7.445  9.282   1.00 15.82 ? 32  PHE A CE1 1 
ATOM   244  C  CE2 . PHE A 1 40  ? 4.109   -6.801  7.174   1.00 17.65 ? 32  PHE A CE2 1 
ATOM   245  C  CZ  . PHE A 1 40  ? 4.478   -7.789  8.080   1.00 16.57 ? 32  PHE A CZ  1 
ATOM   246  N  N   . HIS A 1 41  ? 5.487   -1.642  11.823  1.00 14.87 ? 33  HIS A N   1 
ATOM   247  C  CA  . HIS A 1 41  ? 5.842   -0.295  12.283  1.00 18.11 ? 33  HIS A CA  1 
ATOM   248  C  C   . HIS A 1 41  ? 7.196   -0.211  12.952  1.00 18.82 ? 33  HIS A C   1 
ATOM   249  O  O   . HIS A 1 41  ? 7.713   -1.204  13.454  1.00 17.69 ? 33  HIS A O   1 
ATOM   250  C  CB  . HIS A 1 41  ? 4.739   0.318   13.169  1.00 17.74 ? 33  HIS A CB  1 
ATOM   251  C  CG  . HIS A 1 41  ? 4.492   -0.428  14.450  1.00 18.70 ? 33  HIS A CG  1 
ATOM   252  N  ND1 . HIS A 1 41  ? 5.113   -0.099  15.640  1.00 23.19 ? 33  HIS A ND1 1 
ATOM   253  C  CD2 . HIS A 1 41  ? 3.677   -1.471  14.725  1.00 19.50 ? 33  HIS A CD2 1 
ATOM   254  C  CE1 . HIS A 1 41  ? 4.695   -0.922  16.590  1.00 20.98 ? 33  HIS A CE1 1 
ATOM   255  N  NE2 . HIS A 1 41  ? 3.826   -1.764  16.061  1.00 22.05 ? 33  HIS A NE2 1 
ATOM   256  N  N   . GLY A 1 42  ? 7.750   0.996   12.928  1.00 19.09 ? 34  GLY A N   1 
ATOM   257  C  CA  . GLY A 1 42  ? 9.056   1.279   13.499  1.00 21.51 ? 34  GLY A CA  1 
ATOM   258  C  C   . GLY A 1 42  ? 9.607   2.555   12.884  1.00 21.26 ? 34  GLY A C   1 
ATOM   259  O  O   . GLY A 1 42  ? 8.977   3.137   11.990  1.00 19.87 ? 34  GLY A O   1 
ATOM   260  N  N   . PRO A 1 43  ? 10.772  3.005   13.356  1.00 24.31 ? 35  PRO A N   1 
ATOM   261  C  CA  . PRO A 1 43  ? 11.370  4.242   12.845  1.00 24.04 ? 35  PRO A CA  1 
ATOM   262  C  C   . PRO A 1 43  ? 11.860  4.075   11.414  1.00 24.85 ? 35  PRO A C   1 
ATOM   263  O  O   . PRO A 1 43  ? 12.318  2.990   11.048  1.00 23.44 ? 35  PRO A O   1 
ATOM   264  C  CB  . PRO A 1 43  ? 12.555  4.496   13.797  1.00 26.18 ? 35  PRO A CB  1 
ATOM   265  C  CG  . PRO A 1 43  ? 12.864  3.189   14.414  1.00 23.86 ? 35  PRO A CG  1 
ATOM   266  C  CD  . PRO A 1 43  ? 11.606  2.371   14.396  1.00 24.33 ? 35  PRO A CD  1 
ATOM   267  N  N   . ASN A 1 44  ? 11.751  5.135   10.609  1.00 25.13 ? 36  ASN A N   1 
ATOM   268  C  CA  . ASN A 1 44  ? 12.339  5.124   9.266   1.00 25.03 ? 36  ASN A CA  1 
ATOM   269  C  C   . ASN A 1 44  ? 13.795  4.660   9.337   1.00 27.47 ? 36  ASN A C   1 
ATOM   270  O  O   . ASN A 1 44  ? 14.573  5.146   10.166  1.00 31.39 ? 36  ASN A O   1 
ATOM   271  C  CB  . ASN A 1 44  ? 12.250  6.523   8.635   1.00 24.83 ? 36  ASN A CB  1 
ATOM   272  C  CG  . ASN A 1 44  ? 10.853  6.858   8.147   1.00 25.08 ? 36  ASN A CG  1 
ATOM   273  O  OD1 . ASN A 1 44  ? 9.853   6.367   8.687   1.00 23.30 ? 36  ASN A OD1 1 
ATOM   274  N  ND2 . ASN A 1 44  ? 10.772  7.708   7.112   1.00 26.27 ? 36  ASN A ND2 1 
ATOM   275  N  N   . GLY A 1 45  ? 14.157  3.695   8.495   1.00 25.52 ? 37  GLY A N   1 
ATOM   276  C  CA  . GLY A 1 45  ? 15.485  3.103   8.541   1.00 26.02 ? 37  GLY A CA  1 
ATOM   277  C  C   . GLY A 1 45  ? 15.541  1.681   9.085   1.00 25.96 ? 37  GLY A C   1 
ATOM   278  O  O   . GLY A 1 45  ? 16.528  0.983   8.875   1.00 28.29 ? 37  GLY A O   1 
ATOM   279  N  N   . ILE A 1 46  ? 14.478  1.239   9.763   1.00 23.79 ? 38  ILE A N   1 
ATOM   280  C  CA  . ILE A 1 46  ? 14.448  -0.113  10.342  1.00 23.53 ? 38  ILE A CA  1 
ATOM   281  C  C   . ILE A 1 46  ? 14.255  -1.239  9.310   1.00 21.73 ? 38  ILE A C   1 
ATOM   282  O  O   . ILE A 1 46  ? 14.490  -2.416  9.620   1.00 20.84 ? 38  ILE A O   1 
ATOM   283  C  CB  . ILE A 1 46  ? 13.396  -0.211  11.471  1.00 23.54 ? 38  ILE A CB  1 
ATOM   284  C  CG1 . ILE A 1 46  ? 13.667  -1.420  12.381  1.00 24.35 ? 38  ILE A CG1 1 
ATOM   285  C  CG2 . ILE A 1 46  ? 11.958  -0.231  10.918  1.00 22.77 ? 38  ILE A CG2 1 
ATOM   286  C  CD1 . ILE A 1 46  ? 12.908  -1.355  13.695  1.00 25.99 ? 38  ILE A CD1 1 
ATOM   287  N  N   . GLY A 1 47  ? 13.841  -0.887  8.101   1.00 20.44 ? 39  GLY A N   1 
ATOM   288  C  CA  . GLY A 1 47  ? 13.610  -1.902  7.078   1.00 18.90 ? 39  GLY A CA  1 
ATOM   289  C  C   . GLY A 1 47  ? 12.179  -2.047  6.576   1.00 19.35 ? 39  GLY A C   1 
ATOM   290  O  O   . GLY A 1 47  ? 11.898  -3.019  5.856   1.00 17.73 ? 39  GLY A O   1 
ATOM   291  N  N   . LYS A 1 48  ? 11.286  -1.113  6.937   1.00 18.77 ? 40  LYS A N   1 
ATOM   292  C  CA  . LYS A 1 48  ? 9.887   -1.105  6.448   1.00 13.49 ? 40  LYS A CA  1 
ATOM   293  C  C   . LYS A 1 48  ? 9.782   -1.170  4.942   1.00 15.66 ? 40  LYS A C   1 
ATOM   294  O  O   . LYS A 1 48  ? 9.078   -2.027  4.403   1.00 14.36 ? 40  LYS A O   1 
ATOM   295  C  CB  . LYS A 1 48  ? 9.111   0.128   6.967   1.00 17.42 ? 40  LYS A CB  1 
ATOM   296  C  CG  . LYS A 1 48  ? 8.832   0.109   8.459   1.00 17.83 ? 40  LYS A CG  1 
ATOM   297  C  CD  . LYS A 1 48  ? 8.260   1.427   8.961   1.00 14.62 ? 40  LYS A CD  1 
ATOM   298  C  CE  . LYS A 1 48  ? 9.278   2.581   8.864   1.00 17.52 ? 40  LYS A CE  1 
ATOM   299  N  NZ  . LYS A 1 48  ? 8.542   3.862   9.165   1.00 19.79 ? 40  LYS A NZ  1 
ATOM   300  N  N   . THR A 1 49  ? 10.465  -0.260  4.249   1.00 17.19 ? 41  THR A N   1 
ATOM   301  C  CA  . THR A 1 49  ? 10.449  -0.246  2.795   1.00 14.64 ? 41  THR A CA  1 
ATOM   302  C  C   . THR A 1 49  ? 11.012  -1.535  2.205   1.00 13.68 ? 41  THR A C   1 
ATOM   303  O  O   . THR A 1 49  ? 10.427  -2.104  1.291   1.00 13.40 ? 41  THR A O   1 
ATOM   304  C  CB  . THR A 1 49  ? 11.213  0.962   2.277   1.00 15.01 ? 41  THR A CB  1 
ATOM   305  O  OG1 . THR A 1 49  ? 10.572  2.140   2.775   1.00 14.97 ? 41  THR A OG1 1 
ATOM   306  C  CG2 . THR A 1 49  ? 11.114  1.072   0.773   1.00 17.76 ? 41  THR A CG2 1 
ATOM   307  N  N   . THR A 1 50  ? 12.127  -2.003  2.754   1.00 14.15 ? 42  THR A N   1 
ATOM   308  C  CA  . THR A 1 50  ? 12.736  -3.229  2.279   1.00 15.40 ? 42  THR A CA  1 
ATOM   309  C  C   . THR A 1 50  ? 11.773  -4.408  2.416   1.00 14.39 ? 42  THR A C   1 
ATOM   310  O  O   . THR A 1 50  ? 11.607  -5.187  1.479   1.00 13.71 ? 42  THR A O   1 
ATOM   311  C  CB  . THR A 1 50  ? 14.033  -3.459  3.054   1.00 17.48 ? 42  THR A CB  1 
ATOM   312  O  OG1 . THR A 1 50  ? 14.926  -2.372  2.734   1.00 20.62 ? 42  THR A OG1 1 
ATOM   313  C  CG2 . THR A 1 50  ? 14.750  -4.694  2.558   1.00 20.04 ? 42  THR A CG2 1 
ATOM   314  N  N   . LEU A 1 51  ? 11.117  -4.486  3.567   1.00 13.04 ? 43  LEU A N   1 
ATOM   315  C  CA  . LEU A 1 51  ? 10.152  -5.557  3.804   1.00 13.73 ? 43  LEU A CA  1 
ATOM   316  C  C   . LEU A 1 51  ? 8.994   -5.461  2.817   1.00 10.68 ? 43  LEU A C   1 
ATOM   317  O  O   . LEU A 1 51  ? 8.603   -6.454  2.185   1.00 11.46 ? 43  LEU A O   1 
ATOM   318  C  CB  . LEU A 1 51  ? 9.648   -5.468  5.253   1.00 12.54 ? 43  LEU A CB  1 
ATOM   319  C  CG  . LEU A 1 51  ? 8.523   -6.452  5.602   1.00 13.32 ? 43  LEU A CG  1 
ATOM   320  C  CD1 . LEU A 1 51  ? 8.887   -7.930  5.331   1.00 13.93 ? 43  LEU A CD1 1 
ATOM   321  C  CD2 . LEU A 1 51  ? 8.105   -6.255  7.044   1.00 14.93 ? 43  LEU A CD2 1 
ATOM   322  N  N   . LEU A 1 52  ? 8.437   -4.260  2.667   1.00 12.06 ? 44  LEU A N   1 
ATOM   323  C  CA  . LEU A 1 52  ? 7.262   -4.122  1.827   1.00 10.01 ? 44  LEU A CA  1 
ATOM   324  C  C   . LEU A 1 52  ? 7.591   -4.338  0.350   1.00 11.32 ? 44  LEU A C   1 
ATOM   325  O  O   . LEU A 1 52  ? 6.755   -4.840  -0.408  1.00 12.48 ? 44  LEU A O   1 
ATOM   326  C  CB  . LEU A 1 52  ? 6.601   -2.754  2.059   1.00 11.62 ? 44  LEU A CB  1 
ATOM   327  C  CG  . LEU A 1 52  ? 5.492   -2.765  3.112   1.00 13.85 ? 44  LEU A CG  1 
ATOM   328  C  CD1 . LEU A 1 52  ? 5.925   -3.175  4.554   1.00 13.62 ? 44  LEU A CD1 1 
ATOM   329  C  CD2 . LEU A 1 52  ? 4.827   -1.381  3.134   1.00 15.82 ? 44  LEU A CD2 1 
ATOM   330  N  N   . LYS A 1 53  ? 8.803   -3.933  -0.057  1.00 12.33 ? 45  LYS A N   1 
ATOM   331  C  CA  . LYS A 1 53  ? 9.249   -4.163  -1.431  1.00 12.99 ? 45  LYS A CA  1 
ATOM   332  C  C   . LYS A 1 53  ? 9.489   -5.652  -1.679  1.00 15.71 ? 45  LYS A C   1 
ATOM   333  O  O   . LYS A 1 53  ? 9.342   -6.116  -2.804  1.00 15.38 ? 45  LYS A O   1 
ATOM   334  C  CB  . LYS A 1 53  ? 10.530  -3.379  -1.760  1.00 12.24 ? 45  LYS A CB  1 
ATOM   335  C  CG  . LYS A 1 53  ? 10.257  -1.914  -2.068  1.00 17.89 ? 45  LYS A CG  1 
ATOM   336  C  CD  . LYS A 1 53  ? 11.578  -1.176  -2.328  1.00 21.11 ? 45  LYS A CD  1 
ATOM   337  N  N   . THR A 1 54  ? 9.833   -6.400  -0.627  1.00 12.50 ? 46  THR A N   1 
ATOM   338  C  CA  . THR A 1 54  ? 9.983   -7.861  -0.777  1.00 13.99 ? 46  THR A CA  1 
ATOM   339  C  C   . THR A 1 54  ? 8.623   -8.558  -0.903  1.00 11.61 ? 46  THR A C   1 
ATOM   340  O  O   . THR A 1 54  ? 8.421   -9.433  -1.766  1.00 13.51 ? 46  THR A O   1 
ATOM   341  C  CB  . THR A 1 54  ? 10.783  -8.417  0.402   1.00 12.36 ? 46  THR A CB  1 
ATOM   342  O  OG1 . THR A 1 54  ? 12.046  -7.756  0.425   1.00 14.28 ? 46  THR A OG1 1 
ATOM   343  C  CG2 . THR A 1 54  ? 11.180  -9.869  0.166   1.00 14.25 ? 46  THR A CG2 1 
ATOM   344  N  N   . ILE A 1 55  ? 7.692   -8.174  -0.033  1.00 12.16 ? 47  ILE A N   1 
ATOM   345  C  CA  . ILE A 1 55  ? 6.318   -8.684  -0.131  1.00 12.56 ? 47  ILE A CA  1 
ATOM   346  C  C   . ILE A 1 55  ? 5.705   -8.398  -1.504  1.00 13.60 ? 47  ILE A C   1 
ATOM   347  O  O   . ILE A 1 55  ? 4.983   -9.237  -2.050  1.00 14.67 ? 47  ILE A O   1 
ATOM   348  C  CB  . ILE A 1 55  ? 5.454   -8.129  1.029   1.00 13.69 ? 47  ILE A CB  1 
ATOM   349  C  CG1 . ILE A 1 55  ? 5.979   -8.695  2.352   1.00 14.50 ? 47  ILE A CG1 1 
ATOM   350  C  CG2 . ILE A 1 55  ? 3.944   -8.483  0.831   1.00 15.46 ? 47  ILE A CG2 1 
ATOM   351  C  CD1 . ILE A 1 55  ? 5.474   -7.918  3.548   1.00 12.87 ? 47  ILE A CD1 1 
ATOM   352  N  N   . SER A 1 56  ? 6.046   -7.238  -2.075  1.00 13.93 ? 48  SER A N   1 
ATOM   353  C  CA  . SER A 1 56  ? 5.528   -6.800  -3.380  1.00 14.35 ? 48  SER A CA  1 
ATOM   354  C  C   . SER A 1 56  ? 6.245   -7.372  -4.600  1.00 16.05 ? 48  SER A C   1 
ATOM   355  O  O   . SER A 1 56  ? 5.882   -7.047  -5.719  1.00 16.45 ? 48  SER A O   1 
ATOM   356  C  CB  . SER A 1 56  ? 5.572   -5.274  -3.447  1.00 16.84 ? 48  SER A CB  1 
ATOM   357  O  OG  . SER A 1 56  ? 4.769   -4.739  -2.433  1.00 24.42 ? 48  SER A OG  1 
ATOM   358  N  N   . THR A 1 57  ? 7.235   -8.240  -4.363  1.00 13.70 ? 49  THR A N   1 
ATOM   359  C  CA  . THR A 1 57  ? 8.106   -8.905  -5.375  1.00 14.66 ? 49  THR A CA  1 
ATOM   360  C  C   . THR A 1 57  ? 9.207   -8.080  -6.006  1.00 16.51 ? 49  THR A C   1 
ATOM   361  O  O   . THR A 1 57  ? 9.952   -8.606  -6.847  1.00 20.73 ? 49  THR A O   1 
ATOM   362  C  CB  . THR A 1 57  ? 7.350   -9.611  -6.536  1.00 18.24 ? 49  THR A CB  1 
ATOM   363  O  OG1 . THR A 1 57  ? 6.905   -8.622  -7.495  1.00 20.97 ? 49  THR A OG1 1 
ATOM   364  C  CG2 . THR A 1 57  ? 6.110   -10.355 -6.049  1.00 20.87 ? 49  THR A CG2 1 
ATOM   365  N  N   . TYR A 1 58  ? 9.339   -6.815  -5.624  1.00 15.69 ? 50  TYR A N   1 
ATOM   366  C  CA  . TYR A 1 58  ? 10.381  -6.013  -6.253  1.00 19.02 ? 50  TYR A CA  1 
ATOM   367  C  C   . TYR A 1 58  ? 11.770  -6.481  -5.857  1.00 21.64 ? 50  TYR A C   1 
ATOM   368  O  O   . TYR A 1 58  ? 12.693  -6.468  -6.682  1.00 25.65 ? 50  TYR A O   1 
ATOM   369  C  CB  . TYR A 1 58  ? 10.199  -4.545  -5.948  1.00 16.92 ? 50  TYR A CB  1 
ATOM   370  C  CG  . TYR A 1 58  ? 8.943   -4.017  -6.552  1.00 20.00 ? 50  TYR A CG  1 
ATOM   371  C  CD1 . TYR A 1 58  ? 8.804   -3.911  -7.939  1.00 19.53 ? 50  TYR A CD1 1 
ATOM   372  C  CD2 . TYR A 1 58  ? 7.874   -3.646  -5.749  1.00 22.11 ? 50  TYR A CD2 1 
ATOM   373  C  CE1 . TYR A 1 58  ? 7.628   -3.423  -8.501  1.00 23.41 ? 50  TYR A CE1 1 
ATOM   374  C  CE2 . TYR A 1 58  ? 6.709   -3.167  -6.299  1.00 23.78 ? 50  TYR A CE2 1 
ATOM   375  C  CZ  . TYR A 1 58  ? 6.590   -3.051  -7.670  1.00 22.51 ? 50  TYR A CZ  1 
ATOM   376  O  OH  . TYR A 1 58  ? 5.428   -2.589  -8.220  1.00 24.99 ? 50  TYR A OH  1 
ATOM   377  N  N   . LEU A 1 59  ? 11.896  -6.933  -4.607  1.00 18.22 ? 51  LEU A N   1 
ATOM   378  C  CA  . LEU A 1 59  ? 13.153  -7.409  -4.048  1.00 19.97 ? 51  LEU A CA  1 
ATOM   379  C  C   . LEU A 1 59  ? 13.069  -8.898  -3.757  1.00 18.18 ? 51  LEU A C   1 
ATOM   380  O  O   . LEU A 1 59  ? 12.056  -9.373  -3.238  1.00 19.40 ? 51  LEU A O   1 
ATOM   381  C  CB  A LEU A 1 59  ? 13.459  -6.631  -2.770  0.65 19.29 ? 51  LEU A CB  1 
ATOM   382  C  CB  B LEU A 1 59  ? 13.453  -6.662  -2.746  0.35 18.96 ? 51  LEU A CB  1 
ATOM   383  C  CG  A LEU A 1 59  ? 14.877  -6.526  -2.225  0.65 22.26 ? 51  LEU A CG  1 
ATOM   384  C  CG  B LEU A 1 59  ? 14.156  -5.303  -2.742  0.35 19.04 ? 51  LEU A CG  1 
ATOM   385  C  CD1 A LEU A 1 59  ? 15.797  -5.838  -3.231  0.65 21.71 ? 51  LEU A CD1 1 
ATOM   386  C  CD1 B LEU A 1 59  ? 13.517  -4.279  -3.667  0.35 23.70 ? 51  LEU A CD1 1 
ATOM   387  C  CD2 A LEU A 1 59  ? 14.828  -5.733  -0.933  0.65 20.92 ? 51  LEU A CD2 1 
ATOM   388  C  CD2 B LEU A 1 59  ? 14.220  -4.769  -1.317  0.35 18.53 ? 51  LEU A CD2 1 
ATOM   389  N  N   . LYS A 1 60  ? 14.127  -9.639  -4.068  1.00 19.49 ? 52  LYS A N   1 
ATOM   390  C  CA  . LYS A 1 60  ? 14.170  -11.061 -3.743  1.00 20.03 ? 52  LYS A CA  1 
ATOM   391  C  C   . LYS A 1 60  ? 14.406  -11.258 -2.238  1.00 17.61 ? 52  LYS A C   1 
ATOM   392  O  O   . LYS A 1 60  ? 15.250  -10.578 -1.661  1.00 16.88 ? 52  LYS A O   1 
ATOM   393  C  CB  . LYS A 1 60  ? 15.293  -11.746 -4.543  1.00 23.67 ? 52  LYS A CB  1 
ATOM   394  C  CG  . LYS A 1 60  ? 15.304  -13.265 -4.518  1.00 28.33 ? 52  LYS A CG  1 
ATOM   395  C  CD  . LYS A 1 60  ? 16.361  -13.815 -5.501  1.00 34.33 ? 52  LYS A CD  1 
ATOM   396  C  CE  . LYS A 1 60  ? 16.347  -15.346 -5.577  1.00 35.63 ? 52  LYS A CE  1 
ATOM   397  N  NZ  . LYS A 1 60  ? 17.134  -15.836 -6.754  1.00 39.29 ? 52  LYS A NZ  1 
ATOM   398  N  N   . PRO A 1 61  ? 13.697  -12.191 -1.603  1.00 18.76 ? 53  PRO A N   1 
ATOM   399  C  CA  . PRO A 1 61  ? 14.002  -12.531 -0.200  1.00 17.39 ? 53  PRO A CA  1 
ATOM   400  C  C   . PRO A 1 61  ? 15.444  -13.024 -0.048  1.00 18.40 ? 53  PRO A C   1 
ATOM   401  O  O   . PRO A 1 61  ? 15.968  -13.681 -0.956  1.00 21.01 ? 53  PRO A O   1 
ATOM   402  C  CB  . PRO A 1 61  ? 13.080  -13.713 0.086   1.00 20.41 ? 53  PRO A CB  1 
ATOM   403  C  CG  . PRO A 1 61  ? 11.964  -13.592 -0.883  1.00 19.99 ? 53  PRO A CG  1 
ATOM   404  C  CD  . PRO A 1 61  ? 12.570  -12.985 -2.127  1.00 17.96 ? 53  PRO A CD  1 
ATOM   405  N  N   . LEU A 1 62  ? 16.058  -12.722 1.085   1.00 16.32 ? 54  LEU A N   1 
ATOM   406  C  CA  . LEU A 1 62  ? 17.372  -13.287 1.381   1.00 18.96 ? 54  LEU A CA  1 
ATOM   407  C  C   . LEU A 1 62  ? 17.246  -14.698 1.955   1.00 20.96 ? 54  LEU A C   1 
ATOM   408  O  O   . LEU A 1 62  ? 18.170  -15.526 1.830   1.00 21.90 ? 54  LEU A O   1 
ATOM   409  C  CB  . LEU A 1 62  ? 18.144  -12.386 2.332   1.00 19.84 ? 54  LEU A CB  1 
ATOM   410  C  CG  . LEU A 1 62  ? 18.644  -11.053 1.744   1.00 21.55 ? 54  LEU A CG  1 
ATOM   411  C  CD1 . LEU A 1 62  ? 19.295  -10.244 2.845   1.00 23.57 ? 54  LEU A CD1 1 
ATOM   412  C  CD2 . LEU A 1 62  ? 19.609  -11.231 0.564   1.00 24.80 ? 54  LEU A CD2 1 
ATOM   413  N  N   . LYS A 1 63  ? 16.110  -14.952 2.597   1.00 18.63 ? 55  LYS A N   1 
ATOM   414  C  CA  . LYS A 1 63  ? 15.779  -16.245 3.200   1.00 18.43 ? 55  LYS A CA  1 
ATOM   415  C  C   . LYS A 1 63  ? 14.273  -16.327 3.291   1.00 17.82 ? 55  LYS A C   1 
ATOM   416  O  O   . LYS A 1 63  ? 13.592  -15.306 3.392   1.00 15.00 ? 55  LYS A O   1 
ATOM   417  C  CB  . LYS A 1 63  ? 16.320  -16.350 4.621   1.00 20.60 ? 55  LYS A CB  1 
ATOM   418  N  N   . GLY A 1 64  ? 13.762  -17.550 3.277   1.00 17.99 ? 56  GLY A N   1 
ATOM   419  C  CA  . GLY A 1 64  ? 12.328  -17.766 3.415   1.00 16.75 ? 56  GLY A CA  1 
ATOM   420  C  C   . GLY A 1 64  ? 11.506  -17.579 2.159   1.00 18.10 ? 56  GLY A C   1 
ATOM   421  O  O   . GLY A 1 64  ? 12.020  -17.489 1.035   1.00 18.67 ? 56  GLY A O   1 
ATOM   422  N  N   . GLU A 1 65  ? 10.196  -17.536 2.369   1.00 16.79 ? 57  GLU A N   1 
ATOM   423  C  CA  . GLU A 1 65  ? 9.263   -17.595 1.261   1.00 17.56 ? 57  GLU A CA  1 
ATOM   424  C  C   . GLU A 1 65  ? 7.991   -16.836 1.584   1.00 16.90 ? 57  GLU A C   1 
ATOM   425  O  O   . GLU A 1 65  ? 7.641   -16.635 2.753   1.00 15.94 ? 57  GLU A O   1 
ATOM   426  C  CB  . GLU A 1 65  ? 8.958   -19.042 0.864   1.00 23.39 ? 57  GLU A CB  1 
ATOM   427  C  CG  . GLU A 1 65  ? 8.073   -19.797 1.844   1.00 24.33 ? 57  GLU A CG  1 
ATOM   428  C  CD  . GLU A 1 65  ? 7.762   -21.215 1.404   1.00 28.55 ? 57  GLU A CD  1 
ATOM   429  O  OE1 . GLU A 1 65  ? 8.308   -21.663 0.372   1.00 30.92 ? 57  GLU A OE1 1 
ATOM   430  O  OE2 . GLU A 1 65  ? 6.960   -21.878 2.094   1.00 29.13 ? 57  GLU A OE2 1 
ATOM   431  N  N   . ILE A 1 66  ? 7.332   -16.395 0.518   1.00 14.84 ? 58  ILE A N   1 
ATOM   432  C  CA  . ILE A 1 66  ? 6.071   -15.667 0.610   1.00 13.65 ? 58  ILE A CA  1 
ATOM   433  C  C   . ILE A 1 66  ? 5.142   -16.356 -0.385  1.00 14.82 ? 58  ILE A C   1 
ATOM   434  O  O   . ILE A 1 66  ? 5.415   -16.384 -1.584  1.00 16.32 ? 58  ILE A O   1 
ATOM   435  C  CB  . ILE A 1 66  ? 6.274   -14.182 0.245   1.00 15.84 ? 58  ILE A CB  1 
ATOM   436  C  CG1 . ILE A 1 66  ? 7.332   -13.567 1.169   1.00 17.26 ? 58  ILE A CG1 1 
ATOM   437  C  CG2 . ILE A 1 66  ? 4.937   -13.447 0.386   1.00 18.96 ? 58  ILE A CG2 1 
ATOM   438  C  CD1 . ILE A 1 66  ? 7.918   -12.227 0.686   1.00 18.07 ? 58  ILE A CD1 1 
ATOM   439  N  N   . ILE A 1 67  ? 4.058   -16.924 0.131   1.00 15.87 ? 59  ILE A N   1 
ATOM   440  C  CA  . ILE A 1 67  ? 3.175   -17.794 -0.654  1.00 16.42 ? 59  ILE A CA  1 
ATOM   441  C  C   . ILE A 1 67  ? 1.736   -17.288 -0.538  1.00 16.07 ? 59  ILE A C   1 
ATOM   442  O  O   . ILE A 1 67  ? 1.224   -17.147 0.583   1.00 19.43 ? 59  ILE A O   1 
ATOM   443  C  CB  . ILE A 1 67  ? 3.236   -19.243 -0.089  1.00 20.14 ? 59  ILE A CB  1 
ATOM   444  C  CG1 . ILE A 1 67  ? 4.678   -19.767 0.011   1.00 22.91 ? 59  ILE A CG1 1 
ATOM   445  C  CG2 . ILE A 1 67  ? 2.351   -20.187 -0.893  1.00 21.70 ? 59  ILE A CG2 1 
ATOM   446  C  CD1 . ILE A 1 67  ? 5.385   -19.948 -1.314  1.00 22.16 ? 59  ILE A CD1 1 
ATOM   447  N  N   . TYR A 1 68  ? 1.084   -17.039 -1.676  1.00 16.48 ? 60  TYR A N   1 
ATOM   448  C  CA  . TYR A 1 68  ? -0.284  -16.510 -1.680  1.00 16.07 ? 60  TYR A CA  1 
ATOM   449  C  C   . TYR A 1 68  ? -1.260  -17.584 -2.156  1.00 17.50 ? 60  TYR A C   1 
ATOM   450  O  O   . TYR A 1 68  ? -1.168  -18.029 -3.287  1.00 18.72 ? 60  TYR A O   1 
ATOM   451  C  CB  . TYR A 1 68  ? -0.394  -15.275 -2.601  1.00 16.81 ? 60  TYR A CB  1 
ATOM   452  C  CG  . TYR A 1 68  ? -1.794  -14.711 -2.669  1.00 19.35 ? 60  TYR A CG  1 
ATOM   453  C  CD1 . TYR A 1 68  ? -2.421  -14.212 -1.528  1.00 17.03 ? 60  TYR A CD1 1 
ATOM   454  C  CD2 . TYR A 1 68  ? -2.503  -14.713 -3.867  1.00 18.45 ? 60  TYR A CD2 1 
ATOM   455  C  CE1 . TYR A 1 68  ? -3.727  -13.699 -1.579  1.00 17.06 ? 60  TYR A CE1 1 
ATOM   456  C  CE2 . TYR A 1 68  ? -3.813  -14.203 -3.933  1.00 19.94 ? 60  TYR A CE2 1 
ATOM   457  C  CZ  . TYR A 1 68  ? -4.409  -13.707 -2.783  1.00 18.14 ? 60  TYR A CZ  1 
ATOM   458  O  OH  . TYR A 1 68  ? -5.694  -13.202 -2.805  1.00 23.14 ? 60  TYR A OH  1 
ATOM   459  N  N   . ASN A 1 69  ? -2.174  -17.991 -1.279  1.00 19.53 ? 61  ASN A N   1 
ATOM   460  C  CA  . ASN A 1 69  ? -3.120  -19.068 -1.606  1.00 20.99 ? 61  ASN A CA  1 
ATOM   461  C  C   . ASN A 1 69  ? -2.430  -20.277 -2.236  1.00 22.32 ? 61  ASN A C   1 
ATOM   462  O  O   . ASN A 1 69  ? -2.912  -20.842 -3.235  1.00 25.68 ? 61  ASN A O   1 
ATOM   463  C  CB  . ASN A 1 69  ? -4.266  -18.528 -2.483  1.00 25.73 ? 61  ASN A CB  1 
ATOM   464  C  CG  . ASN A 1 69  ? -5.181  -17.594 -1.721  1.00 29.84 ? 61  ASN A CG  1 
ATOM   465  O  OD1 . ASN A 1 69  ? -5.239  -17.637 -0.494  1.00 31.98 ? 61  ASN A OD1 1 
ATOM   466  N  ND2 . ASN A 1 69  ? -5.904  -16.742 -2.445  1.00 31.28 ? 61  ASN A ND2 1 
ATOM   467  N  N   . GLY A 1 70  ? -1.292  -20.667 -1.650  1.00 23.02 ? 62  GLY A N   1 
ATOM   468  C  CA  . GLY A 1 70  ? -0.531  -21.822 -2.110  1.00 22.60 ? 62  GLY A CA  1 
ATOM   469  C  C   . GLY A 1 70  ? 0.395   -21.614 -3.310  1.00 23.88 ? 62  GLY A C   1 
ATOM   470  O  O   . GLY A 1 70  ? 1.034   -22.555 -3.774  1.00 26.21 ? 62  GLY A O   1 
ATOM   471  N  N   . VAL A 1 71  ? 0.470   -20.393 -3.828  1.00 23.27 ? 63  VAL A N   1 
ATOM   472  C  CA  . VAL A 1 71  ? 1.258   -20.101 -5.028  1.00 23.63 ? 63  VAL A CA  1 
ATOM   473  C  C   . VAL A 1 71  ? 2.335   -19.066 -4.689  1.00 22.47 ? 63  VAL A C   1 
ATOM   474  O  O   . VAL A 1 71  ? 2.025   -18.092 -4.018  1.00 20.25 ? 63  VAL A O   1 
ATOM   475  C  CB  . VAL A 1 71  ? 0.342   -19.528 -6.144  1.00 26.70 ? 63  VAL A CB  1 
ATOM   476  C  CG1 . VAL A 1 71  ? 1.139   -19.069 -7.373  1.00 27.10 ? 63  VAL A CG1 1 
ATOM   477  C  CG2 . VAL A 1 71  ? -0.728  -20.549 -6.553  1.00 28.20 ? 63  VAL A CG2 1 
ATOM   478  N  N   . PRO A 1 72  ? 3.579   -19.276 -5.140  1.00 23.26 ? 64  PRO A N   1 
ATOM   479  C  CA  . PRO A 1 72  ? 4.666   -18.312 -4.906  1.00 22.62 ? 64  PRO A CA  1 
ATOM   480  C  C   . PRO A 1 72  ? 4.253   -16.899 -5.315  1.00 21.90 ? 64  PRO A C   1 
ATOM   481  O  O   . PRO A 1 72  ? 3.687   -16.699 -6.393  1.00 23.11 ? 64  PRO A O   1 
ATOM   482  C  CB  . PRO A 1 72  ? 5.791   -18.814 -5.818  1.00 26.24 ? 64  PRO A CB  1 
ATOM   483  C  CG  . PRO A 1 72  ? 5.524   -20.285 -5.985  1.00 27.54 ? 64  PRO A CG  1 
ATOM   484  C  CD  . PRO A 1 72  ? 4.037   -20.456 -5.903  1.00 25.97 ? 64  PRO A CD  1 
ATOM   485  N  N   . ILE A 1 73  ? 4.559   -15.917 -4.475  1.00 19.17 ? 65  ILE A N   1 
ATOM   486  C  CA  . ILE A 1 73  ? 4.075   -14.559 -4.728  1.00 18.14 ? 65  ILE A CA  1 
ATOM   487  C  C   . ILE A 1 73  ? 4.505   -14.036 -6.111  1.00 19.49 ? 65  ILE A C   1 
ATOM   488  O  O   . ILE A 1 73  ? 3.800   -13.232 -6.728  1.00 18.83 ? 65  ILE A O   1 
ATOM   489  C  CB  . ILE A 1 73  ? 4.533   -13.606 -3.577  1.00 20.17 ? 65  ILE A CB  1 
ATOM   490  C  CG1 . ILE A 1 73  ? 3.879   -12.234 -3.705  1.00 22.16 ? 65  ILE A CG1 1 
ATOM   491  C  CG2 . ILE A 1 73  ? 6.030   -13.510 -3.513  1.00 23.15 ? 65  ILE A CG2 1 
ATOM   492  C  CD1 . ILE A 1 73  ? 2.457   -12.202 -3.204  1.00 21.92 ? 65  ILE A CD1 1 
ATOM   493  N  N   . THR A 1 74  ? 5.654   -14.505 -6.605  1.00 19.44 ? 66  THR A N   1 
ATOM   494  C  CA  . THR A 1 74  ? 6.189   -13.989 -7.868  1.00 22.30 ? 66  THR A CA  1 
ATOM   495  C  C   . THR A 1 74  ? 5.339   -14.410 -9.068  1.00 22.87 ? 66  THR A C   1 
ATOM   496  O  O   . THR A 1 74  ? 5.458   -13.833 -10.146 1.00 25.20 ? 66  THR A O   1 
ATOM   497  C  CB  . THR A 1 74  ? 7.657   -14.374 -8.057  1.00 24.77 ? 66  THR A CB  1 
ATOM   498  O  OG1 . THR A 1 74  ? 7.830   -15.781 -7.799  1.00 26.88 ? 66  THR A OG1 1 
ATOM   499  C  CG2 . THR A 1 74  ? 8.524   -13.676 -6.990  1.00 25.17 ? 66  THR A CG2 1 
ATOM   500  N  N   . LYS A 1 75  ? 4.476   -15.397 -8.860  1.00 23.24 ? 67  LYS A N   1 
ATOM   501  C  CA  . LYS A 1 75  ? 3.548   -15.855 -9.902  1.00 26.37 ? 67  LYS A CA  1 
ATOM   502  C  C   . LYS A 1 75  ? 2.214   -15.102 -9.910  1.00 26.98 ? 67  LYS A C   1 
ATOM   503  O  O   . LYS A 1 75  ? 1.369   -15.356 -10.765 1.00 26.09 ? 67  LYS A O   1 
ATOM   504  C  CB  . LYS A 1 75  ? 3.291   -17.363 -9.771  1.00 30.24 ? 67  LYS A CB  1 
ATOM   505  C  CG  . LYS A 1 75  ? 4.468   -18.232 -10.199 1.00 37.37 ? 67  LYS A CG  1 
ATOM   506  C  CD  . LYS A 1 75  ? 4.062   -19.699 -10.375 1.00 41.01 ? 67  LYS A CD  1 
ATOM   507  C  CE  . LYS A 1 75  ? 4.006   -20.097 -11.852 1.00 45.92 ? 67  LYS A CE  1 
ATOM   508  N  NZ  . LYS A 1 75  ? 5.351   -20.442 -12.409 1.00 47.33 ? 67  LYS A NZ  1 
ATOM   509  N  N   . VAL A 1 76  ? 2.028   -14.170 -8.973  1.00 22.81 ? 68  VAL A N   1 
ATOM   510  C  CA  . VAL A 1 76  ? 0.774   -13.411 -8.902  1.00 23.36 ? 68  VAL A CA  1 
ATOM   511  C  C   . VAL A 1 76  ? 1.006   -11.906 -8.865  1.00 19.75 ? 68  VAL A C   1 
ATOM   512  O  O   . VAL A 1 76  ? 0.270   -11.171 -8.198  1.00 19.06 ? 68  VAL A O   1 
ATOM   513  C  CB  . VAL A 1 76  ? -0.152  -13.868 -7.727  1.00 25.82 ? 68  VAL A CB  1 
ATOM   514  C  CG1 . VAL A 1 76  ? -0.753  -15.246 -8.020  1.00 28.22 ? 68  VAL A CG1 1 
ATOM   515  C  CG2 . VAL A 1 76  ? 0.597   -13.859 -6.378  1.00 28.19 ? 68  VAL A CG2 1 
ATOM   516  N  N   . LYS A 1 77  ? 2.026   -11.443 -9.584  1.00 19.80 ? 69  LYS A N   1 
ATOM   517  C  CA  . LYS A 1 77  ? 2.335   -10.009 -9.626  1.00 21.24 ? 69  LYS A CA  1 
ATOM   518  C  C   . LYS A 1 77  ? 1.171   -9.140  -10.049 1.00 20.73 ? 69  LYS A C   1 
ATOM   519  O  O   . LYS A 1 77  ? 1.014   -8.033  -9.548  1.00 23.61 ? 69  LYS A O   1 
ATOM   520  C  CB  . LYS A 1 77  ? 3.516   -9.719  -10.542 1.00 21.24 ? 69  LYS A CB  1 
ATOM   521  C  CG  . LYS A 1 77  ? 4.826   -10.081 -9.930  1.00 26.11 ? 69  LYS A CG  1 
ATOM   522  C  CD  . LYS A 1 77  ? 5.940   -9.929  -10.947 1.00 29.68 ? 69  LYS A CD  1 
ATOM   523  C  CE  . LYS A 1 77  ? 7.176   -10.671 -10.472 1.00 30.83 ? 69  LYS A CE  1 
ATOM   524  N  NZ  . LYS A 1 77  ? 8.402   -10.139 -11.131 1.00 34.98 ? 69  LYS A NZ  1 
ATOM   525  N  N   . GLY A 1 78  ? 0.357   -9.633  -10.969 1.00 22.12 ? 70  GLY A N   1 
ATOM   526  C  CA  . GLY A 1 78  ? -0.773  -8.871  -11.457 1.00 22.09 ? 70  GLY A CA  1 
ATOM   527  C  C   . GLY A 1 78  ? -1.848  -8.613  -10.427 1.00 21.07 ? 70  GLY A C   1 
ATOM   528  O  O   . GLY A 1 78  ? -2.709  -7.757  -10.637 1.00 23.82 ? 70  GLY A O   1 
ATOM   529  N  N   . LYS A 1 79  ? -1.799  -9.348  -9.316  1.00 18.87 ? 71  LYS A N   1 
ATOM   530  C  CA  . LYS A 1 79  ? -2.762  -9.220  -8.228  1.00 19.83 ? 71  LYS A CA  1 
ATOM   531  C  C   . LYS A 1 79  ? -2.303  -8.281  -7.109  1.00 12.84 ? 71  LYS A C   1 
ATOM   532  O  O   . LYS A 1 79  ? -3.006  -8.120  -6.114  1.00 13.90 ? 71  LYS A O   1 
ATOM   533  C  CB  . LYS A 1 79  ? -3.070  -10.603 -7.649  1.00 21.93 ? 71  LYS A CB  1 
ATOM   534  C  CG  . LYS A 1 79  ? -3.649  -11.560 -8.702  1.00 29.20 ? 71  LYS A CG  1 
ATOM   535  C  CD  . LYS A 1 79  ? -4.087  -12.867 -8.078  1.00 33.19 ? 71  LYS A CD  1 
ATOM   536  C  CE  . LYS A 1 79  ? -4.957  -13.659 -9.063  1.00 36.85 ? 71  LYS A CE  1 
ATOM   537  N  NZ  . LYS A 1 79  ? -4.860  -15.121 -8.812  1.00 39.80 ? 71  LYS A NZ  1 
ATOM   538  N  N   . ILE A 1 80  ? -1.114  -7.689  -7.277  1.00 12.64 ? 72  ILE A N   1 
ATOM   539  C  CA  . ILE A 1 80  ? -0.490  -6.850  -6.240  1.00 11.71 ? 72  ILE A CA  1 
ATOM   540  C  C   . ILE A 1 80  ? -0.523  -5.367  -6.633  1.00 11.24 ? 72  ILE A C   1 
ATOM   541  O  O   . ILE A 1 80  ? -0.217  -5.008  -7.771  1.00 14.96 ? 72  ILE A O   1 
ATOM   542  C  CB  . ILE A 1 80  ? 0.985   -7.271  -5.990  1.00 12.74 ? 72  ILE A CB  1 
ATOM   543  C  CG1 . ILE A 1 80  ? 1.061   -8.747  -5.575  1.00 15.61 ? 72  ILE A CG1 1 
ATOM   544  C  CG2 . ILE A 1 80  ? 1.602   -6.380  -4.933  1.00 14.25 ? 72  ILE A CG2 1 
ATOM   545  C  CD1 . ILE A 1 80  ? 2.525   -9.303  -5.624  1.00 16.02 ? 72  ILE A CD1 1 
ATOM   546  N  N   . PHE A 1 81  ? -0.918  -4.519  -5.690  1.00 12.18 ? 73  PHE A N   1 
ATOM   547  C  CA  . PHE A 1 81  ? -0.756  -3.066  -5.846  1.00 12.73 ? 73  PHE A CA  1 
ATOM   548  C  C   . PHE A 1 81  ? 0.158   -2.568  -4.752  1.00 11.36 ? 73  PHE A C   1 
ATOM   549  O  O   . PHE A 1 81  ? -0.156  -2.759  -3.571  1.00 12.37 ? 73  PHE A O   1 
ATOM   550  C  CB  . PHE A 1 81  ? -2.116  -2.343  -5.746  1.00 11.48 ? 73  PHE A CB  1 
ATOM   551  C  CG  . PHE A 1 81  ? -2.030  -0.870  -6.072  1.00 12.13 ? 73  PHE A CG  1 
ATOM   552  C  CD1 . PHE A 1 81  ? -2.496  -0.380  -7.279  1.00 14.35 ? 73  PHE A CD1 1 
ATOM   553  C  CD2 . PHE A 1 81  ? -1.456  0.018   -5.153  1.00 13.91 ? 73  PHE A CD2 1 
ATOM   554  C  CE1 . PHE A 1 81  ? -2.407  0.996   -7.575  1.00 17.07 ? 73  PHE A CE1 1 
ATOM   555  C  CE2 . PHE A 1 81  ? -1.337  1.375   -5.440  1.00 14.79 ? 73  PHE A CE2 1 
ATOM   556  C  CZ  . PHE A 1 81  ? -1.831  1.868   -6.645  1.00 16.29 ? 73  PHE A CZ  1 
ATOM   557  N  N   . PHE A 1 82  ? 1.275   -1.939  -5.138  1.00 11.03 ? 74  PHE A N   1 
ATOM   558  C  CA  . PHE A 1 82  ? 2.254   -1.409  -4.203  1.00 12.09 ? 74  PHE A CA  1 
ATOM   559  C  C   . PHE A 1 82  ? 2.258   0.111   -4.339  1.00 12.24 ? 74  PHE A C   1 
ATOM   560  O  O   . PHE A 1 82  ? 2.370   0.638   -5.451  1.00 13.79 ? 74  PHE A O   1 
ATOM   561  C  CB  . PHE A 1 82  ? 3.648   -1.960  -4.543  1.00 11.56 ? 74  PHE A CB  1 
ATOM   562  C  CG  . PHE A 1 82  ? 4.759   -1.295  -3.760  1.00 12.18 ? 74  PHE A CG  1 
ATOM   563  C  CD1 . PHE A 1 82  ? 4.805   -1.395  -2.371  1.00 14.53 ? 74  PHE A CD1 1 
ATOM   564  C  CD2 . PHE A 1 82  ? 5.728   -0.539  -4.396  1.00 15.58 ? 74  PHE A CD2 1 
ATOM   565  C  CE1 . PHE A 1 82  ? 5.837   -0.770  -1.622  1.00 15.43 ? 74  PHE A CE1 1 
ATOM   566  C  CE2 . PHE A 1 82  ? 6.766   0.084   -3.667  1.00 17.75 ? 74  PHE A CE2 1 
ATOM   567  C  CZ  . PHE A 1 82  ? 6.819   -0.031  -2.281  1.00 14.91 ? 74  PHE A CZ  1 
ATOM   568  N  N   . LEU A 1 83  ? 2.117   0.806   -3.218  1.00 10.92 ? 75  LEU A N   1 
ATOM   569  C  CA  . LEU A 1 83  ? 2.259   2.267   -3.210  1.00 10.60 ? 75  LEU A CA  1 
ATOM   570  C  C   . LEU A 1 83  ? 3.518   2.582   -2.421  1.00 12.46 ? 75  LEU A C   1 
ATOM   571  O  O   . LEU A 1 83  ? 3.573   2.284   -1.232  1.00 11.87 ? 75  LEU A O   1 
ATOM   572  C  CB  . LEU A 1 83  ? 1.029   2.903   -2.566  1.00 12.57 ? 75  LEU A CB  1 
ATOM   573  C  CG  . LEU A 1 83  ? 1.003   4.429   -2.547  1.00 12.69 ? 75  LEU A CG  1 
ATOM   574  C  CD1 . LEU A 1 83  ? 0.795   4.951   -3.976  1.00 17.69 ? 75  LEU A CD1 1 
ATOM   575  C  CD2 . LEU A 1 83  ? -0.084  4.905   -1.601  1.00 16.41 ? 75  LEU A CD2 1 
ATOM   576  N  N   . PRO A 1 84  ? 4.528   3.185   -3.054  1.00 11.01 ? 76  PRO A N   1 
ATOM   577  C  CA  . PRO A 1 84  ? 5.787   3.491   -2.354  1.00 10.99 ? 76  PRO A CA  1 
ATOM   578  C  C   . PRO A 1 84  ? 5.621   4.694   -1.433  1.00 12.25 ? 76  PRO A C   1 
ATOM   579  O  O   . PRO A 1 84  ? 4.618   5.415   -1.524  1.00 11.81 ? 76  PRO A O   1 
ATOM   580  C  CB  . PRO A 1 84  ? 6.760   3.815   -3.502  1.00 14.33 ? 76  PRO A CB  1 
ATOM   581  C  CG  . PRO A 1 84  ? 5.900   4.247   -4.628  1.00 18.08 ? 76  PRO A CG  1 
ATOM   582  C  CD  . PRO A 1 84  ? 4.531   3.625   -4.465  1.00 14.48 ? 76  PRO A CD  1 
ATOM   583  N  N   . GLU A 1 85  ? 6.607   4.919   -0.571  1.00 13.89 ? 77  GLU A N   1 
ATOM   584  C  CA  . GLU A 1 85  ? 6.586   6.056   0.342   1.00 15.69 ? 77  GLU A CA  1 
ATOM   585  C  C   . GLU A 1 85  ? 6.806   7.389   -0.375  1.00 14.51 ? 77  GLU A C   1 
ATOM   586  O  O   . GLU A 1 85  ? 6.352   8.454   0.110   1.00 17.94 ? 77  GLU A O   1 
ATOM   587  C  CB  . GLU A 1 85  ? 7.633   5.863   1.446   1.00 18.84 ? 77  GLU A CB  1 
ATOM   588  C  CG  . GLU A 1 85  ? 9.076   5.820   0.972   1.00 26.85 ? 77  GLU A CG  1 
ATOM   589  C  CD  . GLU A 1 85  ? 10.036  5.430   2.087   1.00 35.79 ? 77  GLU A CD  1 
ATOM   590  O  OE1 . GLU A 1 85  ? 9.702   5.690   3.272   1.00 37.50 ? 77  GLU A OE1 1 
ATOM   591  O  OE2 . GLU A 1 85  ? 11.124  4.879   1.775   1.00 39.80 ? 77  GLU A OE2 1 
ATOM   592  N  N   . GLU A 1 86  ? 7.493   7.353   -1.512  1.00 12.95 ? 78  GLU A N   1 
ATOM   593  C  CA  . GLU A 1 86  ? 7.691   8.572   -2.315  1.00 11.89 ? 78  GLU A CA  1 
ATOM   594  C  C   . GLU A 1 86  ? 6.400   8.950   -3.039  1.00 13.24 ? 78  GLU A C   1 
ATOM   595  O  O   . GLU A 1 86  ? 5.553   8.094   -3.297  1.00 14.41 ? 78  GLU A O   1 
ATOM   596  C  CB  . GLU A 1 86  ? 8.810   8.356   -3.350  1.00 17.35 ? 78  GLU A CB  1 
ATOM   597  C  CG  . GLU A 1 86  ? 8.564   7.224   -4.346  1.00 25.57 ? 78  GLU A CG  1 
ATOM   598  C  CD  . GLU A 1 86  ? 9.476   6.014   -4.132  1.00 32.10 ? 78  GLU A CD  1 
ATOM   599  O  OE1 . GLU A 1 86  ? 9.615   5.543   -2.975  1.00 31.91 ? 78  GLU A OE1 1 
ATOM   600  O  OE2 . GLU A 1 86  ? 10.039  5.509   -5.134  1.00 35.14 ? 78  GLU A OE2 1 
ATOM   601  N  N   . ILE A 1 87  ? 6.275   10.245  -3.344  1.00 12.05 ? 79  ILE A N   1 
ATOM   602  C  CA  . ILE A 1 87  ? 5.132   10.757  -4.074  1.00 11.98 ? 79  ILE A CA  1 
ATOM   603  C  C   . ILE A 1 87  ? 5.639   11.217  -5.431  1.00 13.55 ? 79  ILE A C   1 
ATOM   604  O  O   . ILE A 1 87  ? 6.201   12.319  -5.550  1.00 17.54 ? 79  ILE A O   1 
ATOM   605  C  CB  . ILE A 1 87  ? 4.494   11.929  -3.289  1.00 11.21 ? 79  ILE A CB  1 
ATOM   606  C  CG1 . ILE A 1 87  ? 4.022   11.470  -1.910  1.00 11.87 ? 79  ILE A CG1 1 
ATOM   607  C  CG2 . ILE A 1 87  ? 3.293   12.487  -4.055  1.00 14.00 ? 79  ILE A CG2 1 
ATOM   608  C  CD1 . ILE A 1 87  ? 3.639   12.654  -0.987  1.00 15.33 ? 79  ILE A CD1 1 
ATOM   609  N  N   . ILE A 1 88  ? 5.469   10.359  -6.431  1.00 11.29 ? 80  ILE A N   1 
ATOM   610  C  CA  . ILE A 1 88  ? 5.949   10.655  -7.775  1.00 12.81 ? 80  ILE A CA  1 
ATOM   611  C  C   . ILE A 1 88  ? 4.821   10.398  -8.755  1.00 10.34 ? 80  ILE A C   1 
ATOM   612  O  O   . ILE A 1 88  ? 4.353   9.258   -8.914  1.00 13.87 ? 80  ILE A O   1 
ATOM   613  C  CB  . ILE A 1 88  ? 7.181   9.800   -8.150  1.00 16.07 ? 80  ILE A CB  1 
ATOM   614  C  CG1 . ILE A 1 88  ? 8.302   9.937   -7.096  1.00 17.71 ? 80  ILE A CG1 1 
ATOM   615  C  CG2 . ILE A 1 88  ? 7.692   10.255  -9.494  1.00 16.70 ? 80  ILE A CG2 1 
ATOM   616  C  CD1 . ILE A 1 88  ? 8.869   11.387  -7.011  1.00 21.66 ? 80  ILE A CD1 1 
ATOM   617  N  N   . VAL A 1 89  ? 4.389   11.473  -9.404  1.00 11.92 ? 81  VAL A N   1 
ATOM   618  C  CA  . VAL A 1 89  ? 3.266   11.424  -10.337 1.00 11.13 ? 81  VAL A CA  1 
ATOM   619  C  C   . VAL A 1 89  ? 3.578   12.278  -11.565 1.00 12.14 ? 81  VAL A C   1 
ATOM   620  O  O   . VAL A 1 89  ? 4.421   13.170  -11.504 1.00 13.81 ? 81  VAL A O   1 
ATOM   621  C  CB  . VAL A 1 89  ? 1.965   11.949  -9.674  1.00 11.43 ? 81  VAL A CB  1 
ATOM   622  C  CG1 . VAL A 1 89  ? 1.576   11.077  -8.479  1.00 10.74 ? 81  VAL A CG1 1 
ATOM   623  C  CG2 . VAL A 1 89  ? 2.098   13.424  -9.258  1.00 12.88 ? 81  VAL A CG2 1 
ATOM   624  N  N   . PRO A 1 90  ? 2.896   12.010  -12.674 1.00 13.47 ? 82  PRO A N   1 
ATOM   625  C  CA  . PRO A 1 90  ? 3.045   12.845  -13.882 1.00 12.25 ? 82  PRO A CA  1 
ATOM   626  C  C   . PRO A 1 90  ? 2.401   14.207  -13.617 1.00 13.91 ? 82  PRO A C   1 
ATOM   627  O  O   . PRO A 1 90  ? 1.218   14.285  -13.277 1.00 21.03 ? 82  PRO A O   1 
ATOM   628  C  CB  . PRO A 1 90  ? 2.274   12.079  -14.959 1.00 14.62 ? 82  PRO A CB  1 
ATOM   629  C  CG  . PRO A 1 90  ? 1.841   10.809  -14.357 1.00 15.54 ? 82  PRO A CG  1 
ATOM   630  C  CD  . PRO A 1 90  ? 1.966   10.885  -12.862 1.00 13.85 ? 82  PRO A CD  1 
ATOM   631  N  N   . ARG A 1 91  ? 3.171   15.265  -13.792 1.00 13.65 ? 83  ARG A N   1 
ATOM   632  C  CA  . ARG A 1 91  ? 2.694   16.588  -13.348 1.00 15.57 ? 83  ARG A CA  1 
ATOM   633  C  C   . ARG A 1 91  ? 1.738   17.282  -14.317 1.00 16.12 ? 83  ARG A C   1 
ATOM   634  O  O   . ARG A 1 91  ? 1.003   18.206  -13.916 1.00 15.78 ? 83  ARG A O   1 
ATOM   635  C  CB  . ARG A 1 91  ? 3.895   17.459  -12.969 1.00 21.22 ? 83  ARG A CB  1 
ATOM   636  C  CG  . ARG A 1 91  ? 4.445   17.125  -11.574 1.00 28.39 ? 83  ARG A CG  1 
ATOM   637  C  CD  . ARG A 1 91  ? 5.951   17.321  -11.424 1.00 36.17 ? 83  ARG A CD  1 
ATOM   638  N  NE  . ARG A 1 91  ? 6.369   18.716  -11.563 1.00 42.84 ? 83  ARG A NE  1 
ATOM   639  C  CZ  . ARG A 1 91  ? 7.413   19.132  -12.278 1.00 45.88 ? 83  ARG A CZ  1 
ATOM   640  N  NH1 . ARG A 1 91  ? 8.170   18.265  -12.941 1.00 45.33 ? 83  ARG A NH1 1 
ATOM   641  N  NH2 . ARG A 1 91  ? 7.704   20.427  -12.330 1.00 47.85 ? 83  ARG A NH2 1 
ATOM   642  N  N   . LYS A 1 92  ? 1.715   16.850  -15.579 1.00 14.22 ? 84  LYS A N   1 
ATOM   643  C  CA  . LYS A 1 92  ? 0.810   17.451  -16.576 1.00 15.41 ? 84  LYS A CA  1 
ATOM   644  C  C   . LYS A 1 92  ? -0.522  16.727  -16.786 1.00 15.67 ? 84  LYS A C   1 
ATOM   645  O  O   . LYS A 1 92  ? -1.350  17.155  -17.600 1.00 20.79 ? 84  LYS A O   1 
ATOM   646  C  CB  . LYS A 1 92  ? 1.533   17.627  -17.920 1.00 19.34 ? 84  LYS A CB  1 
ATOM   647  C  CG  . LYS A 1 92  ? 2.763   18.496  -17.836 1.00 22.12 ? 84  LYS A CG  1 
ATOM   648  C  CD  . LYS A 1 92  ? 3.371   18.664  -19.230 1.00 26.36 ? 84  LYS A CD  1 
ATOM   649  C  CE  . LYS A 1 92  ? 4.748   19.269  -19.159 1.00 31.69 ? 84  LYS A CE  1 
ATOM   650  N  NZ  . LYS A 1 92  ? 5.398   19.179  -20.489 1.00 34.23 ? 84  LYS A NZ  1 
ATOM   651  N  N   . ILE A 1 93  ? -0.726  15.631  -16.059 1.00 14.08 ? 85  ILE A N   1 
ATOM   652  C  CA  . ILE A 1 93  ? -1.943  14.847  -16.145 1.00 14.00 ? 85  ILE A CA  1 
ATOM   653  C  C   . ILE A 1 93  ? -2.974  15.358  -15.128 1.00 11.76 ? 85  ILE A C   1 
ATOM   654  O  O   . ILE A 1 93  ? -2.618  15.781  -14.036 1.00 13.68 ? 85  ILE A O   1 
ATOM   655  C  CB  . ILE A 1 93  ? -1.606  13.335  -15.905 1.00 17.16 ? 85  ILE A CB  1 
ATOM   656  C  CG1 . ILE A 1 93  ? -2.718  12.411  -16.366 1.00 19.78 ? 85  ILE A CG1 1 
ATOM   657  C  CG2 . ILE A 1 93  ? -1.319  13.028  -14.433 1.00 19.86 ? 85  ILE A CG2 1 
ATOM   658  C  CD1 . ILE A 1 93  ? -2.294  10.924  -16.402 1.00 21.13 ? 85  ILE A CD1 1 
ATOM   659  N  N   . SER A 1 94  ? -4.259  15.301  -15.501 1.00 15.15 ? 86  SER A N   1 
ATOM   660  C  CA  . SER A 1 94  ? -5.295  15.681  -14.551 1.00 13.54 ? 86  SER A CA  1 
ATOM   661  C  C   . SER A 1 94  ? -5.498  14.576  -13.512 1.00 11.14 ? 86  SER A C   1 
ATOM   662  O  O   . SER A 1 94  ? -5.117  13.416  -13.729 1.00 12.28 ? 86  SER A O   1 
ATOM   663  C  CB  . SER A 1 94  ? -6.606  15.940  -15.291 1.00 15.12 ? 86  SER A CB  1 
ATOM   664  O  OG  . SER A 1 94  ? -7.091  14.729  -15.856 1.00 15.86 ? 86  SER A OG  1 
ATOM   665  N  N   . VAL A 1 95  ? -6.132  14.948  -12.402 1.00 11.04 ? 87  VAL A N   1 
ATOM   666  C  CA  . VAL A 1 95  ? -6.545  13.993  -11.380 1.00 11.13 ? 87  VAL A CA  1 
ATOM   667  C  C   . VAL A 1 95  ? -7.341  12.834  -11.993 1.00 13.36 ? 87  VAL A C   1 
ATOM   668  O  O   . VAL A 1 95  ? -7.035  11.675  -11.761 1.00 13.07 ? 87  VAL A O   1 
ATOM   669  C  CB  . VAL A 1 95  ? -7.349  14.681  -10.289 1.00 12.25 ? 87  VAL A CB  1 
ATOM   670  C  CG1 . VAL A 1 95  ? -7.964  13.644  -9.315  1.00 11.17 ? 87  VAL A CG1 1 
ATOM   671  C  CG2 . VAL A 1 95  ? -6.466  15.728  -9.553  1.00 12.75 ? 87  VAL A CG2 1 
ATOM   672  N  N   . GLU A 1 96  ? -8.372  13.148  -12.781 1.00 12.07 ? 88  GLU A N   1 
ATOM   673  C  CA  . GLU A 1 96  ? -9.200  12.074  -13.331 1.00 14.27 ? 88  GLU A CA  1 
ATOM   674  C  C   . GLU A 1 96  ? -8.438  11.179  -14.330 1.00 15.77 ? 88  GLU A C   1 
ATOM   675  O  O   . GLU A 1 96  ? -8.608  9.942   -14.323 1.00 16.11 ? 88  GLU A O   1 
ATOM   676  C  CB  . GLU A 1 96  ? -10.487 12.647  -13.944 1.00 14.95 ? 88  GLU A CB  1 
ATOM   677  C  CG  . GLU A 1 96  ? -10.273 13.611  -15.083 1.00 19.57 ? 88  GLU A CG  1 
ATOM   678  C  CD  . GLU A 1 96  ? -11.613 14.091  -15.665 1.00 26.32 ? 88  GLU A CD  1 
ATOM   679  O  OE1 . GLU A 1 96  ? -12.673 13.570  -15.240 1.00 29.23 ? 88  GLU A OE1 1 
ATOM   680  O  OE2 . GLU A 1 96  ? -11.603 14.965  -16.547 1.00 28.02 ? 88  GLU A OE2 1 
ATOM   681  N  N   . ASP A 1 97  ? -7.562  11.782  -15.123 1.00 12.39 ? 89  ASP A N   1 
ATOM   682  C  CA  . ASP A 1 97  ? -6.792  11.014  -16.107 1.00 15.01 ? 89  ASP A CA  1 
ATOM   683  C  C   . ASP A 1 97  ? -5.768  10.116  -15.415 1.00 14.71 ? 89  ASP A C   1 
ATOM   684  O  O   . ASP A 1 97  ? -5.540  8.991   -15.859 1.00 13.41 ? 89  ASP A O   1 
ATOM   685  C  CB  . ASP A 1 97  ? -6.120  11.922  -17.145 1.00 16.13 ? 89  ASP A CB  1 
ATOM   686  C  CG  . ASP A 1 97  ? -7.098  12.436  -18.197 1.00 20.40 ? 89  ASP A CG  1 
ATOM   687  O  OD1 . ASP A 1 97  ? -8.276  12.015  -18.205 1.00 25.83 ? 89  ASP A OD1 1 
ATOM   688  O  OD2 . ASP A 1 97  ? -6.773  13.275  -19.049 1.00 25.72 ? 89  ASP A OD2 1 
ATOM   689  N  N   . TYR A 1 98  ? -5.176  10.615  -14.320 1.00 12.75 ? 90  TYR A N   1 
ATOM   690  C  CA  . TYR A 1 98  ? -4.282  9.771   -13.517 1.00 12.78 ? 90  TYR A CA  1 
ATOM   691  C  C   . TYR A 1 98  ? -5.003  8.549   -12.971 1.00 12.09 ? 90  TYR A C   1 
ATOM   692  O  O   . TYR A 1 98  ? -4.495  7.424   -13.090 1.00 12.22 ? 90  TYR A O   1 
ATOM   693  C  CB  . TYR A 1 98  ? -3.620  10.590  -12.398 1.00 11.46 ? 90  TYR A CB  1 
ATOM   694  C  CG  . TYR A 1 98  ? -2.701  9.797   -11.497 1.00 9.43  ? 90  TYR A CG  1 
ATOM   695  C  CD1 . TYR A 1 98  ? -1.450  9.413   -11.947 1.00 10.67 ? 90  TYR A CD1 1 
ATOM   696  C  CD2 . TYR A 1 98  ? -3.077  9.465   -10.207 1.00 12.42 ? 90  TYR A CD2 1 
ATOM   697  C  CE1 . TYR A 1 98  ? -0.578  8.726   -11.121 1.00 13.06 ? 90  TYR A CE1 1 
ATOM   698  C  CE2 . TYR A 1 98  ? -2.223  8.744   -9.372  1.00 12.50 ? 90  TYR A CE2 1 
ATOM   699  C  CZ  . TYR A 1 98  ? -0.966  8.398   -9.848  1.00 11.42 ? 90  TYR A CZ  1 
ATOM   700  O  OH  . TYR A 1 98  ? -0.094  7.712   -9.031  1.00 13.19 ? 90  TYR A OH  1 
ATOM   701  N  N   . LEU A 1 99  ? -6.186  8.754   -12.391 1.00 10.86 ? 91  LEU A N   1 
ATOM   702  C  CA  . LEU A 1 99  ? -6.956  7.643   -11.839 1.00 9.76  ? 91  LEU A CA  1 
ATOM   703  C  C   . LEU A 1 99  ? -7.338  6.654   -12.933 1.00 11.85 ? 91  LEU A C   1 
ATOM   704  O  O   . LEU A 1 99  ? -7.227  5.433   -12.741 1.00 13.16 ? 91  LEU A O   1 
ATOM   705  C  CB  . LEU A 1 99  ? -8.200  8.169   -11.118 1.00 14.42 ? 91  LEU A CB  1 
ATOM   706  C  CG  . LEU A 1 99  ? -8.099  8.103   -9.590  1.00 19.96 ? 91  LEU A CG  1 
ATOM   707  C  CD1 . LEU A 1 99  ? -6.859  8.789   -9.076  1.00 21.02 ? 91  LEU A CD1 1 
ATOM   708  C  CD2 . LEU A 1 99  ? -9.370  8.636   -8.900  1.00 21.74 ? 91  LEU A CD2 1 
ATOM   709  N  N   . LYS A 1 100 ? -7.737  7.174   -14.094 1.00 11.81 ? 92  LYS A N   1 
ATOM   710  C  CA  . LYS A 1 100 ? -8.091  6.280   -15.209 1.00 11.91 ? 92  LYS A CA  1 
ATOM   711  C  C   . LYS A 1 100 ? -6.875  5.458   -15.647 1.00 14.01 ? 92  LYS A C   1 
ATOM   712  O  O   . LYS A 1 100 ? -6.989  4.240   -15.916 1.00 14.16 ? 92  LYS A O   1 
ATOM   713  C  CB  . LYS A 1 100 ? -8.667  7.085   -16.379 1.00 15.13 ? 92  LYS A CB  1 
ATOM   714  C  CG  . LYS A 1 100 ? -9.223  6.233   -17.541 1.00 22.95 ? 92  LYS A CG  1 
ATOM   715  C  CD  . LYS A 1 100 ? -9.855  7.117   -18.627 1.00 25.79 ? 92  LYS A CD  1 
ATOM   716  C  CE  . LYS A 1 100 ? -10.610 6.272   -19.656 1.00 28.81 ? 92  LYS A CE  1 
ATOM   717  N  N   . ALA A 1 101 ? -5.719  6.118   -15.674 1.00 11.93 ? 93  ALA A N   1 
ATOM   718  C  CA  . ALA A 1 101 ? -4.469  5.486   -16.116 1.00 11.95 ? 93  ALA A CA  1 
ATOM   719  C  C   . ALA A 1 101 ? -3.987  4.411   -15.163 1.00 12.77 ? 93  ALA A C   1 
ATOM   720  O  O   . ALA A 1 101 ? -3.584  3.322   -15.614 1.00 13.03 ? 93  ALA A O   1 
ATOM   721  C  CB  . ALA A 1 101 ? -3.362  6.537   -16.411 1.00 15.09 ? 93  ALA A CB  1 
ATOM   722  N  N   . VAL A 1 102 ? -4.012  4.699   -13.859 1.00 12.31 ? 94  VAL A N   1 
ATOM   723  C  CA  . VAL A 1 102 ? -3.624  3.689   -12.878 1.00 11.24 ? 94  VAL A CA  1 
ATOM   724  C  C   . VAL A 1 102 ? -4.575  2.490   -12.991 1.00 11.55 ? 94  VAL A C   1 
ATOM   725  O  O   . VAL A 1 102 ? -4.121  1.343   -13.046 1.00 11.11 ? 94  VAL A O   1 
ATOM   726  C  CB  . VAL A 1 102 ? -3.652  4.273   -11.451 1.00 12.20 ? 94  VAL A CB  1 
ATOM   727  C  CG1 . VAL A 1 102 ? -3.378  3.203   -10.421 1.00 13.80 ? 94  VAL A CG1 1 
ATOM   728  C  CG2 . VAL A 1 102 ? -2.558  5.355   -11.320 1.00 14.28 ? 94  VAL A CG2 1 
ATOM   729  N  N   . ALA A 1 103 ? -5.889  2.730   -13.053 1.00 12.23 ? 95  ALA A N   1 
ATOM   730  C  CA  . ALA A 1 103 ? -6.817  1.610   -13.194 1.00 12.92 ? 95  ALA A CA  1 
ATOM   731  C  C   . ALA A 1 103 ? -6.525  0.779   -14.467 1.00 12.47 ? 95  ALA A C   1 
ATOM   732  O  O   . ALA A 1 103 ? -6.628  -0.450  -14.445 1.00 14.34 ? 95  ALA A O   1 
ATOM   733  C  CB  . ALA A 1 103 ? -8.272  2.110   -13.205 1.00 12.52 ? 95  ALA A CB  1 
ATOM   734  N  N   . SER A 1 104 ? -6.167  1.461   -15.551 1.00 11.72 ? 96  SER A N   1 
ATOM   735  C  CA  . SER A 1 104 ? -5.895  0.797   -16.834 1.00 14.89 ? 96  SER A CA  1 
ATOM   736  C  C   . SER A 1 104 ? -4.674  -0.126  -16.752 1.00 18.95 ? 96  SER A C   1 
ATOM   737  O  O   . SER A 1 104 ? -4.607  -1.150  -17.478 1.00 17.11 ? 96  SER A O   1 
ATOM   738  C  CB  . SER A 1 104 ? -5.721  1.816   -17.963 1.00 18.94 ? 96  SER A CB  1 
ATOM   739  O  OG  . SER A 1 104 ? -5.573  1.153   -19.225 1.00 22.41 ? 96  SER A OG  1 
ATOM   740  N  N   . LEU A 1 105 ? -3.728  0.188   -15.864 1.00 14.54 ? 97  LEU A N   1 
ATOM   741  C  CA  . LEU A 1 105 ? -2.588  -0.734  -15.671 1.00 14.30 ? 97  LEU A CA  1 
ATOM   742  C  C   . LEU A 1 105 ? -3.032  -2.117  -15.192 1.00 16.26 ? 97  LEU A C   1 
ATOM   743  O  O   . LEU A 1 105 ? -2.319  -3.115  -15.406 1.00 20.14 ? 97  LEU A O   1 
ATOM   744  C  CB  . LEU A 1 105 ? -1.581  -0.190  -14.676 1.00 14.39 ? 97  LEU A CB  1 
ATOM   745  C  CG  . LEU A 1 105 ? -0.917  1.138   -15.010 1.00 18.16 ? 97  LEU A CG  1 
ATOM   746  C  CD1 . LEU A 1 105 ? -0.131  1.528   -13.765 1.00 18.41 ? 97  LEU A CD1 1 
ATOM   747  C  CD2 . LEU A 1 105 ? -0.036  1.002   -16.245 1.00 18.48 ? 97  LEU A CD2 1 
ATOM   748  N  N   . TYR A 1 106 ? -4.194  -2.178  -14.536 1.00 12.14 ? 98  TYR A N   1 
ATOM   749  C  CA  . TYR A 1 106 ? -4.791  -3.436  -14.063 1.00 15.03 ? 98  TYR A CA  1 
ATOM   750  C  C   . TYR A 1 106 ? -5.882  -3.938  -14.990 1.00 17.24 ? 98  TYR A C   1 
ATOM   751  O  O   . TYR A 1 106 ? -6.615  -4.873  -14.643 1.00 22.93 ? 98  TYR A O   1 
ATOM   752  C  CB  . TYR A 1 106 ? -5.356  -3.261  -12.655 1.00 17.48 ? 98  TYR A CB  1 
ATOM   753  C  CG  . TYR A 1 106 ? -4.239  -3.156  -11.678 1.00 16.93 ? 98  TYR A CG  1 
ATOM   754  C  CD1 . TYR A 1 106 ? -3.808  -4.276  -10.973 1.00 17.96 ? 98  TYR A CD1 1 
ATOM   755  C  CD2 . TYR A 1 106 ? -3.558  -1.949  -11.510 1.00 15.82 ? 98  TYR A CD2 1 
ATOM   756  C  CE1 . TYR A 1 106 ? -2.756  -4.198  -10.109 1.00 13.96 ? 98  TYR A CE1 1 
ATOM   757  C  CE2 . TYR A 1 106 ? -2.496  -1.845  -10.643 1.00 17.01 ? 98  TYR A CE2 1 
ATOM   758  C  CZ  . TYR A 1 106 ? -2.097  -2.982  -9.951  1.00 15.46 ? 98  TYR A CZ  1 
ATOM   759  O  OH  . TYR A 1 106 ? -1.059  -2.887  -9.109  1.00 17.65 ? 98  TYR A OH  1 
ATOM   760  N  N   . GLY A 1 107 ? -5.969  -3.326  -16.165 1.00 18.35 ? 99  GLY A N   1 
ATOM   761  C  CA  . GLY A 1 107 ? -6.966  -3.710  -17.154 1.00 20.44 ? 99  GLY A CA  1 
ATOM   762  C  C   . GLY A 1 107 ? -8.384  -3.352  -16.740 1.00 21.77 ? 99  GLY A C   1 
ATOM   763  O  O   . GLY A 1 107 ? -9.353  -3.902  -17.285 1.00 21.86 ? 99  GLY A O   1 
ATOM   764  N  N   . VAL A 1 108 ? -8.513  -2.421  -15.792 1.00 16.26 ? 100 VAL A N   1 
ATOM   765  C  CA  . VAL A 1 108 ? -9.810  -2.006  -15.290 1.00 16.57 ? 100 VAL A CA  1 
ATOM   766  C  C   . VAL A 1 108 ? -10.211 -0.708  -15.970 1.00 18.04 ? 100 VAL A C   1 
ATOM   767  O  O   . VAL A 1 108 ? -9.431  0.243   -16.016 1.00 16.44 ? 100 VAL A O   1 
ATOM   768  C  CB  . VAL A 1 108 ? -9.819  -1.798  -13.752 1.00 18.91 ? 100 VAL A CB  1 
ATOM   769  C  CG1 . VAL A 1 108 ? -11.205 -1.355  -13.284 1.00 19.79 ? 100 VAL A CG1 1 
ATOM   770  C  CG2 . VAL A 1 108 ? -9.411  -3.069  -13.038 1.00 20.26 ? 100 VAL A CG2 1 
ATOM   771  N  N   . LYS A 1 109 ? -11.444 -0.671  -16.487 1.00 17.55 ? 101 LYS A N   1 
ATOM   772  C  CA  . LYS A 1 109 ? -11.984 0.552   -17.061 1.00 17.92 ? 101 LYS A CA  1 
ATOM   773  C  C   . LYS A 1 109 ? -12.934 1.195   -16.063 1.00 20.43 ? 101 LYS A C   1 
ATOM   774  O  O   . LYS A 1 109 ? -13.884 0.565   -15.594 1.00 24.00 ? 101 LYS A O   1 
ATOM   775  C  CB  . LYS A 1 109 ? -12.669 0.275   -18.404 1.00 22.04 ? 101 LYS A CB  1 
ATOM   776  C  CG  . LYS A 1 109 ? -11.674 0.053   -19.554 1.00 25.20 ? 101 LYS A CG  1 
ATOM   777  N  N   . VAL A 1 110 ? -12.641 2.440   -15.701 1.00 18.82 ? 102 VAL A N   1 
ATOM   778  C  CA  . VAL A 1 110 ? -13.460 3.161   -14.737 1.00 19.59 ? 102 VAL A CA  1 
ATOM   779  C  C   . VAL A 1 110 ? -14.134 4.321   -15.448 1.00 21.36 ? 102 VAL A C   1 
ATOM   780  O  O   . VAL A 1 110 ? -13.564 4.957   -16.348 1.00 25.46 ? 102 VAL A O   1 
ATOM   781  C  CB  . VAL A 1 110 ? -12.629 3.704   -13.547 1.00 19.66 ? 102 VAL A CB  1 
ATOM   782  C  CG1 . VAL A 1 110 ? -12.141 2.532   -12.668 1.00 20.87 ? 102 VAL A CG1 1 
ATOM   783  C  CG2 . VAL A 1 110 ? -11.459 4.560   -14.060 1.00 21.18 ? 102 VAL A CG2 1 
ATOM   784  N  N   . ASN A 1 111 ? -15.362 4.581   -15.039 1.00 22.22 ? 103 ASN A N   1 
ATOM   785  C  CA  . ASN A 1 111 ? -16.065 5.751   -15.526 1.00 24.72 ? 103 ASN A CA  1 
ATOM   786  C  C   . ASN A 1 111 ? -15.815 6.917   -14.562 1.00 24.67 ? 103 ASN A C   1 
ATOM   787  O  O   . ASN A 1 111 ? -15.263 6.723   -13.473 1.00 24.99 ? 103 ASN A O   1 
ATOM   788  C  CB  . ASN A 1 111 ? -17.556 5.438   -15.734 1.00 27.50 ? 103 ASN A CB  1 
ATOM   789  C  CG  . ASN A 1 111 ? -18.268 5.064   -14.452 1.00 31.63 ? 103 ASN A CG  1 
ATOM   790  O  OD1 . ASN A 1 111 ? -18.273 5.839   -13.495 1.00 33.63 ? 103 ASN A OD1 1 
ATOM   791  N  ND2 . ASN A 1 111 ? -18.888 3.885   -14.425 1.00 31.68 ? 103 ASN A ND2 1 
ATOM   792  N  N   . LYS A 1 112 ? -16.218 8.118   -14.961 1.00 26.14 ? 104 LYS A N   1 
ATOM   793  C  CA  . LYS A 1 112 ? -15.984 9.295   -14.134 1.00 24.92 ? 104 LYS A CA  1 
ATOM   794  C  C   . LYS A 1 112 ? -16.726 9.274   -12.794 1.00 23.63 ? 104 LYS A C   1 
ATOM   795  O  O   . LYS A 1 112 ? -16.296 9.928   -11.857 1.00 20.10 ? 104 LYS A O   1 
ATOM   796  C  CB  . LYS A 1 112 ? -16.260 10.581  -14.906 1.00 26.62 ? 104 LYS A CB  1 
ATOM   797  C  CG  . LYS A 1 112 ? -15.044 11.057  -15.670 1.00 28.63 ? 104 LYS A CG  1 
ATOM   798  C  CD  . LYS A 1 112 ? -15.418 11.541  -17.050 1.00 35.42 ? 104 LYS A CD  1 
ATOM   799  C  CE  . LYS A 1 112 ? -14.179 11.919  -17.849 1.00 38.59 ? 104 LYS A CE  1 
ATOM   800  N  NZ  . LYS A 1 112 ? -13.921 13.380  -17.797 1.00 41.11 ? 104 LYS A NZ  1 
ATOM   801  N  N   . ASN A 1 113 ? -17.818 8.526   -12.706 1.00 22.77 ? 105 ASN A N   1 
ATOM   802  C  CA  . ASN A 1 113 ? -18.546 8.340   -11.445 1.00 25.50 ? 105 ASN A CA  1 
ATOM   803  C  C   . ASN A 1 113 ? -17.862 7.403   -10.424 1.00 25.78 ? 105 ASN A C   1 
ATOM   804  O  O   . ASN A 1 113 ? -17.909 7.645   -9.207  1.00 25.62 ? 105 ASN A O   1 
ATOM   805  C  CB  A ASN A 1 113 ? -20.019 7.969   -11.680 0.65 28.30 ? 105 ASN A CB  1 
ATOM   806  C  CB  B ASN A 1 113 ? -19.964 7.828   -11.769 0.35 27.69 ? 105 ASN A CB  1 
ATOM   807  C  CG  A ASN A 1 113 ? -20.895 9.194   -11.977 0.65 28.24 ? 105 ASN A CG  1 
ATOM   808  C  CG  B ASN A 1 113 ? -20.676 7.201   -10.572 0.35 28.62 ? 105 ASN A CG  1 
ATOM   809  O  OD1 A ASN A 1 113 ? -20.976 10.134  -11.177 0.65 25.03 ? 105 ASN A OD1 1 
ATOM   810  O  OD1 B ASN A 1 113 ? -20.349 6.094   -10.134 0.35 27.20 ? 105 ASN A OD1 1 
ATOM   811  N  ND2 A ASN A 1 113 ? -21.552 9.182   -13.135 0.65 27.87 ? 105 ASN A ND2 1 
ATOM   812  N  ND2 B ASN A 1 113 ? -21.690 7.895   -10.070 0.35 28.29 ? 105 ASN A ND2 1 
ATOM   813  N  N   . GLU A 1 114 ? -17.249 6.326   -10.909 1.00 22.25 ? 106 GLU A N   1 
ATOM   814  C  CA  . GLU A 1 114 ? -16.434 5.468   -10.042 1.00 19.81 ? 106 GLU A CA  1 
ATOM   815  C  C   . GLU A 1 114 ? -15.215 6.269   -9.561  1.00 14.70 ? 106 GLU A C   1 
ATOM   816  O  O   . GLU A 1 114 ? -14.759 6.100   -8.430  1.00 18.94 ? 106 GLU A O   1 
ATOM   817  C  CB  . GLU A 1 114 ? -15.942 4.256   -10.814 1.00 22.62 ? 106 GLU A CB  1 
ATOM   818  C  CG  . GLU A 1 114 ? -17.012 3.179   -10.959 1.00 25.20 ? 106 GLU A CG  1 
ATOM   819  C  CD  . GLU A 1 114 ? -16.605 2.100   -11.943 1.00 26.60 ? 106 GLU A CD  1 
ATOM   820  O  OE1 . GLU A 1 114 ? -16.283 2.446   -13.101 1.00 30.31 ? 106 GLU A OE1 1 
ATOM   821  O  OE2 . GLU A 1 114 ? -16.602 0.922   -11.541 1.00 34.34 ? 106 GLU A OE2 1 
ATOM   822  N  N   . ILE A 1 115 ? -14.698 7.115   -10.446 1.00 17.94 ? 107 ILE A N   1 
ATOM   823  C  CA  . ILE A 1 115 ? -13.564 7.968   -10.110 1.00 13.13 ? 107 ILE A CA  1 
ATOM   824  C  C   . ILE A 1 115 ? -13.964 8.933   -8.979  1.00 13.42 ? 107 ILE A C   1 
ATOM   825  O  O   . ILE A 1 115 ? -13.247 9.081   -7.973  1.00 14.28 ? 107 ILE A O   1 
ATOM   826  C  CB  . ILE A 1 115 ? -13.061 8.723   -11.364 1.00 16.08 ? 107 ILE A CB  1 
ATOM   827  C  CG1 . ILE A 1 115 ? -12.286 7.742   -12.263 1.00 20.26 ? 107 ILE A CG1 1 
ATOM   828  C  CG2 . ILE A 1 115 ? -12.179 9.921   -10.976 1.00 15.26 ? 107 ILE A CG2 1 
ATOM   829  C  CD1 . ILE A 1 115 ? -11.844 8.321   -13.631 1.00 23.96 ? 107 ILE A CD1 1 
ATOM   830  N  N   . MET A 1 116 ? -15.126 9.577   -9.140  1.00 15.93 ? 108 MET A N   1 
ATOM   831  C  CA  . MET A 1 116 ? -15.580 10.521  -8.113  1.00 15.61 ? 108 MET A CA  1 
ATOM   832  C  C   . MET A 1 116 ? -15.873 9.853   -6.770  1.00 14.34 ? 108 MET A C   1 
ATOM   833  O  O   . MET A 1 116 ? -15.565 10.416  -5.705  1.00 13.57 ? 108 MET A O   1 
ATOM   834  C  CB  . MET A 1 116 ? -16.799 11.339  -8.591  1.00 14.60 ? 108 MET A CB  1 
ATOM   835  C  CG  . MET A 1 116 ? -17.284 12.352  -7.547  1.00 17.13 ? 108 MET A CG  1 
ATOM   836  S  SD  . MET A 1 116 ? -16.061 13.601  -7.128  1.00 20.70 ? 108 MET A SD  1 
ATOM   837  C  CE  . MET A 1 116 ? -16.585 14.870  -8.241  1.00 19.49 ? 108 MET A CE  1 
ATOM   838  N  N   . ASP A 1 117 ? -16.460 8.656   -6.785  1.00 15.48 ? 109 ASP A N   1 
ATOM   839  C  CA  . ASP A 1 117 ? -16.668 7.941   -5.525  1.00 15.74 ? 109 ASP A CA  1 
ATOM   840  C  C   . ASP A 1 117 ? -15.322 7.747   -4.776  1.00 15.41 ? 109 ASP A C   1 
ATOM   841  O  O   . ASP A 1 117 ? -15.252 7.922   -3.565  1.00 15.77 ? 109 ASP A O   1 
ATOM   842  C  CB  . ASP A 1 117 ? -17.321 6.578   -5.793  1.00 20.87 ? 109 ASP A CB  1 
ATOM   843  N  N   . ALA A 1 118 ? -14.260 7.377   -5.506  1.00 14.49 ? 110 ALA A N   1 
ATOM   844  C  CA  . ALA A 1 118 ? -12.963 7.156   -4.877  1.00 14.29 ? 110 ALA A CA  1 
ATOM   845  C  C   . ALA A 1 118 ? -12.396 8.449   -4.318  1.00 13.02 ? 110 ALA A C   1 
ATOM   846  O  O   . ALA A 1 118 ? -11.868 8.485   -3.211  1.00 12.98 ? 110 ALA A O   1 
ATOM   847  C  CB  . ALA A 1 118 ? -11.974 6.498   -5.887  1.00 12.82 ? 110 ALA A CB  1 
ATOM   848  N  N   . LEU A 1 119 ? -12.509 9.512   -5.097  1.00 11.11 ? 111 LEU A N   1 
ATOM   849  C  CA  . LEU A 1 119 ? -12.031 10.824  -4.654  1.00 11.64 ? 111 LEU A CA  1 
ATOM   850  C  C   . LEU A 1 119 ? -12.834 11.349  -3.484  1.00 13.91 ? 111 LEU A C   1 
ATOM   851  O  O   . LEU A 1 119 ? -12.279 11.981  -2.601  1.00 13.49 ? 111 LEU A O   1 
ATOM   852  C  CB  . LEU A 1 119 ? -12.069 11.829  -5.798  1.00 12.97 ? 111 LEU A CB  1 
ATOM   853  C  CG  . LEU A 1 119 ? -11.016 11.514  -6.867  1.00 13.62 ? 111 LEU A CG  1 
ATOM   854  C  CD1 . LEU A 1 119 ? -11.311 12.389  -8.065  1.00 15.25 ? 111 LEU A CD1 1 
ATOM   855  C  CD2 . LEU A 1 119 ? -9.581  11.762  -6.374  1.00 13.87 ? 111 LEU A CD2 1 
ATOM   856  N  N   . GLU A 1 120 ? -14.132 11.069  -3.470  1.00 13.64 ? 112 GLU A N   1 
ATOM   857  C  CA  . GLU A 1 120 ? -14.946 11.445  -2.315  1.00 16.78 ? 112 GLU A CA  1 
ATOM   858  C  C   . GLU A 1 120 ? -14.417 10.828  -0.998  1.00 16.95 ? 112 GLU A C   1 
ATOM   859  O  O   . GLU A 1 120 ? -14.430 11.479  0.067   1.00 17.64 ? 112 GLU A O   1 
ATOM   860  C  CB  . GLU A 1 120 ? -16.404 11.087  -2.609  1.00 18.26 ? 112 GLU A CB  1 
ATOM   861  C  CG  . GLU A 1 120 ? -17.406 11.209  -1.483  1.00 22.65 ? 112 GLU A CG  1 
ATOM   862  C  CD  . GLU A 1 120 ? -18.823 11.124  -2.030  1.00 23.75 ? 112 GLU A CD  1 
ATOM   863  O  OE1 . GLU A 1 120 ? -19.588 12.064  -1.806  1.00 23.91 ? 112 GLU A OE1 1 
ATOM   864  O  OE2 . GLU A 1 120 ? -19.154 10.121  -2.713  1.00 27.39 ? 112 GLU A OE2 1 
ATOM   865  N  N   . SER A 1 121 ? -13.908 9.593   -1.076  1.00 13.80 ? 113 SER A N   1 
ATOM   866  C  CA  . SER A 1 121 ? -13.402 8.887   0.094   1.00 15.82 ? 113 SER A CA  1 
ATOM   867  C  C   . SER A 1 121 ? -12.155 9.553   0.716   1.00 15.71 ? 113 SER A C   1 
ATOM   868  O  O   . SER A 1 121 ? -11.845 9.356   1.902   1.00 19.07 ? 113 SER A O   1 
ATOM   869  C  CB  . SER A 1 121 ? -13.116 7.425   -0.258  1.00 16.82 ? 113 SER A CB  1 
ATOM   870  O  OG  . SER A 1 121 ? -14.317 6.718   -0.591  1.00 21.40 ? 113 SER A OG  1 
ATOM   871  N  N   . VAL A 1 122 ? -11.455 10.368  -0.079  1.00 14.38 ? 114 VAL A N   1 
ATOM   872  C  CA  . VAL A 1 122 ? -10.289 11.118  0.398   1.00 11.69 ? 114 VAL A CA  1 
ATOM   873  C  C   . VAL A 1 122 ? -10.498 12.646  0.354   1.00 12.69 ? 114 VAL A C   1 
ATOM   874  O  O   . VAL A 1 122 ? -9.544  13.410  0.488   1.00 15.84 ? 114 VAL A O   1 
ATOM   875  C  CB  . VAL A 1 122 ? -8.993  10.724  -0.412  1.00 11.70 ? 114 VAL A CB  1 
ATOM   876  C  CG1 . VAL A 1 122 ? -8.672  9.246   -0.228  1.00 15.37 ? 114 VAL A CG1 1 
ATOM   877  C  CG2 . VAL A 1 122 ? -9.141  11.094  -1.897  1.00 12.72 ? 114 VAL A CG2 1 
ATOM   878  N  N   . GLU A 1 123 ? -11.747 13.067  0.180   1.00 14.16 ? 115 GLU A N   1 
ATOM   879  C  CA  . GLU A 1 123 ? -12.141 14.484  0.200   1.00 15.86 ? 115 GLU A CA  1 
ATOM   880  C  C   . GLU A 1 123 ? -11.381 15.330  -0.812  1.00 16.57 ? 115 GLU A C   1 
ATOM   881  O  O   . GLU A 1 123 ? -10.918 16.445  -0.488  1.00 20.71 ? 115 GLU A O   1 
ATOM   882  C  CB  . GLU A 1 123 ? -12.071 15.068  1.624   1.00 21.10 ? 115 GLU A CB  1 
ATOM   883  C  CG  . GLU A 1 123 ? -13.050 14.368  2.563   1.00 28.17 ? 115 GLU A CG  1 
ATOM   884  C  CD  . GLU A 1 123 ? -13.249 15.105  3.871   1.00 32.28 ? 115 GLU A CD  1 
ATOM   885  O  OE1 . GLU A 1 123 ? -12.357 15.022  4.734   1.00 30.80 ? 115 GLU A OE1 1 
ATOM   886  O  OE2 . GLU A 1 123 ? -14.297 15.767  4.031   1.00 35.90 ? 115 GLU A OE2 1 
ATOM   887  N  N   . VAL A 1 124 ? -11.240 14.798  -2.031  1.00 13.47 ? 116 VAL A N   1 
ATOM   888  C  CA  . VAL A 1 124 ? -10.727 15.570  -3.155  1.00 14.19 ? 116 VAL A CA  1 
ATOM   889  C  C   . VAL A 1 124 ? -11.854 15.841  -4.144  1.00 12.88 ? 116 VAL A C   1 
ATOM   890  O  O   . VAL A 1 124 ? -12.557 14.913  -4.568  1.00 15.35 ? 116 VAL A O   1 
ATOM   891  C  CB  . VAL A 1 124 ? -9.555  14.852  -3.876  1.00 12.98 ? 116 VAL A CB  1 
ATOM   892  C  CG1 . VAL A 1 124 ? -9.164  15.576  -5.181  1.00 12.06 ? 116 VAL A CG1 1 
ATOM   893  C  CG2 . VAL A 1 124 ? -8.363  14.783  -2.914  1.00 15.08 ? 116 VAL A CG2 1 
ATOM   894  N  N   . LEU A 1 125 ? -11.994 17.118  -4.516  1.00 12.08 ? 117 LEU A N   1 
ATOM   895  C  CA  . LEU A 1 125 ? -13.145 17.531  -5.340  1.00 16.14 ? 117 LEU A CA  1 
ATOM   896  C  C   . LEU A 1 125 ? -12.907 17.777  -6.841  1.00 16.12 ? 117 LEU A C   1 
ATOM   897  O  O   . LEU A 1 125 ? -13.724 17.354  -7.683  1.00 18.12 ? 117 LEU A O   1 
ATOM   898  C  CB  . LEU A 1 125 ? -13.802 18.766  -4.697  1.00 16.37 ? 117 LEU A CB  1 
ATOM   899  C  CG  . LEU A 1 125 ? -14.999 19.375  -5.407  1.00 20.84 ? 117 LEU A CG  1 
ATOM   900  C  CD1 . LEU A 1 125 ? -16.145 18.374  -5.461  1.00 21.41 ? 117 LEU A CD1 1 
ATOM   901  C  CD2 . LEU A 1 125 ? -15.420 20.690  -4.707  1.00 19.83 ? 117 LEU A CD2 1 
ATOM   902  N  N   . ASP A 1 126 ? -11.827 18.457  -7.187  1.00 17.15 ? 118 ASP A N   1 
ATOM   903  C  CA  . ASP A 1 126 ? -11.635 18.872  -8.575  1.00 20.37 ? 118 ASP A CA  1 
ATOM   904  C  C   . ASP A 1 126 ? -10.918 17.798  -9.403  1.00 17.40 ? 118 ASP A C   1 
ATOM   905  O  O   . ASP A 1 126 ? -9.697  17.700  -9.342  1.00 21.82 ? 118 ASP A O   1 
ATOM   906  C  CB  . ASP A 1 126 ? -10.867 20.190  -8.648  1.00 23.36 ? 118 ASP A CB  1 
ATOM   907  C  CG  . ASP A 1 126 ? -10.914 20.824  -10.040 1.00 27.58 ? 118 ASP A CG  1 
ATOM   908  O  OD1 . ASP A 1 126 ? -11.417 20.197  -11.015 1.00 24.40 ? 118 ASP A OD1 1 
ATOM   909  O  OD2 . ASP A 1 126 ? -10.484 21.969  -10.246 1.00 29.13 ? 118 ASP A OD2 1 
ATOM   910  N  N   . LEU A 1 127 ? -11.683 17.058  -10.203 1.00 17.70 ? 119 LEU A N   1 
ATOM   911  C  CA  . LEU A 1 127 ? -11.147 16.006  -11.076 1.00 16.25 ? 119 LEU A CA  1 
ATOM   912  C  C   . LEU A 1 127 ? -10.286 16.551  -12.185 1.00 14.90 ? 119 LEU A C   1 
ATOM   913  O  O   . LEU A 1 127 ? -9.496  15.829  -12.750 1.00 13.99 ? 119 LEU A O   1 
ATOM   914  C  CB  . LEU A 1 127 ? -12.302 15.236  -11.758 1.00 22.59 ? 119 LEU A CB  1 
ATOM   915  C  CG  . LEU A 1 127 ? -12.815 13.976  -11.080 1.00 25.22 ? 119 LEU A CG  1 
ATOM   916  C  CD1 . LEU A 1 127 ? -13.555 14.351  -9.815  1.00 29.00 ? 119 LEU A CD1 1 
ATOM   917  C  CD2 . LEU A 1 127 ? -13.701 13.202  -12.035 1.00 24.64 ? 119 LEU A CD2 1 
ATOM   918  N  N   . LYS A 1 128 ? -10.475 17.825  -12.537 1.00 15.19 ? 120 LYS A N   1 
ATOM   919  C  CA  . LYS A 1 128 ? -9.889  18.356  -13.762 1.00 14.58 ? 120 LYS A CA  1 
ATOM   920  C  C   . LYS A 1 128 ? -8.503  18.943  -13.608 1.00 14.52 ? 120 LYS A C   1 
ATOM   921  O  O   . LYS A 1 128 ? -7.794  19.106  -14.605 1.00 17.00 ? 120 LYS A O   1 
ATOM   922  C  CB  . LYS A 1 128 ? -10.808 19.429  -14.348 1.00 14.54 ? 120 LYS A CB  1 
ATOM   923  C  CG  . LYS A 1 128 ? -12.281 19.030  -14.436 1.00 17.03 ? 120 LYS A CG  1 
ATOM   924  C  CD  . LYS A 1 128 ? -13.122 20.203  -15.013 1.00 19.63 ? 120 LYS A CD  1 
ATOM   925  C  CE  . LYS A 1 128 ? -13.226 21.451  -14.101 1.00 21.27 ? 120 LYS A CE  1 
ATOM   926  N  NZ  . LYS A 1 128 ? -13.712 21.128  -12.720 1.00 21.93 ? 120 LYS A NZ  1 
ATOM   927  N  N   . LYS A 1 129 ? -8.100  19.234  -12.371 1.00 14.95 ? 121 LYS A N   1 
ATOM   928  C  CA  . LYS A 1 129 ? -6.853  19.950  -12.107 1.00 16.66 ? 121 LYS A CA  1 
ATOM   929  C  C   . LYS A 1 129 ? -5.620  19.075  -12.368 1.00 14.42 ? 121 LYS A C   1 
ATOM   930  O  O   . LYS A 1 129 ? -5.642  17.886  -12.089 1.00 14.82 ? 121 LYS A O   1 
ATOM   931  C  CB  . LYS A 1 129 ? -6.846  20.458  -10.667 1.00 19.82 ? 121 LYS A CB  1 
ATOM   932  C  CG  . LYS A 1 129 ? -5.719  21.419  -10.360 1.00 19.51 ? 121 LYS A CG  1 
ATOM   933  C  CD  . LYS A 1 129 ? -6.116  22.411  -9.269  1.00 26.23 ? 121 LYS A CD  1 
ATOM   934  N  N   . LYS A 1 130 ? -4.565  19.673  -12.928 1.00 14.48 ? 122 LYS A N   1 
ATOM   935  C  CA  . LYS A 1 130 ? -3.335  18.910  -13.204 1.00 14.98 ? 122 LYS A CA  1 
ATOM   936  C  C   . LYS A 1 130 ? -2.580  18.673  -11.915 1.00 10.92 ? 122 LYS A C   1 
ATOM   937  O  O   . LYS A 1 130 ? -2.544  19.534  -11.036 1.00 13.93 ? 122 LYS A O   1 
ATOM   938  C  CB  . LYS A 1 130 ? -2.450  19.649  -14.210 1.00 16.68 ? 122 LYS A CB  1 
ATOM   939  C  CG  . LYS A 1 130 ? -3.063  19.718  -15.636 1.00 18.74 ? 122 LYS A CG  1 
ATOM   940  C  CD  . LYS A 1 130 ? -2.250  20.652  -16.506 1.00 25.38 ? 122 LYS A CD  1 
ATOM   941  N  N   . LEU A 1 131 ? -1.980  17.487  -11.790 1.00 11.43 ? 123 LEU A N   1 
ATOM   942  C  CA  . LEU A 1 131 ? -1.337  17.105  -10.543 1.00 9.96  ? 123 LEU A CA  1 
ATOM   943  C  C   . LEU A 1 131 ? -0.242  18.055  -10.133 1.00 11.93 ? 123 LEU A C   1 
ATOM   944  O  O   . LEU A 1 131 ? -0.048  18.278  -8.933  1.00 14.47 ? 123 LEU A O   1 
ATOM   945  C  CB  . LEU A 1 131 ? -0.789  15.659  -10.629 1.00 12.63 ? 123 LEU A CB  1 
ATOM   946  C  CG  . LEU A 1 131 ? -1.869  14.600  -10.861 1.00 14.48 ? 123 LEU A CG  1 
ATOM   947  C  CD1 . LEU A 1 131 ? -1.231  13.227  -10.965 1.00 14.76 ? 123 LEU A CD1 1 
ATOM   948  C  CD2 . LEU A 1 131 ? -2.837  14.564  -9.694  1.00 15.96 ? 123 LEU A CD2 1 
ATOM   949  N  N   . GLY A 1 132 ? 0.461   18.633  -11.105 1.00 12.68 ? 124 GLY A N   1 
ATOM   950  C  CA  . GLY A 1 132 ? 1.542   19.563  -10.803 1.00 16.35 ? 124 GLY A CA  1 
ATOM   951  C  C   . GLY A 1 132 ? 1.094   20.851  -10.144 1.00 16.89 ? 124 GLY A C   1 
ATOM   952  O  O   . GLY A 1 132 ? 1.931   21.633  -9.673  1.00 20.09 ? 124 GLY A O   1 
ATOM   953  N  N   . GLU A 1 133 ? -0.211  21.065  -10.092 1.00 15.22 ? 125 GLU A N   1 
ATOM   954  C  CA  . GLU A 1 133 ? -0.762  22.269  -9.476  1.00 15.07 ? 125 GLU A CA  1 
ATOM   955  C  C   . GLU A 1 133 ? -1.232  21.997  -8.061  1.00 15.46 ? 125 GLU A C   1 
ATOM   956  O  O   . GLU A 1 133 ? -1.677  22.914  -7.380  1.00 16.11 ? 125 GLU A O   1 
ATOM   957  C  CB  . GLU A 1 133 ? -1.918  22.804  -10.322 1.00 18.02 ? 125 GLU A CB  1 
ATOM   958  C  CG  . GLU A 1 133 ? -1.390  23.364  -11.635 1.00 24.51 ? 125 GLU A CG  1 
ATOM   959  C  CD  . GLU A 1 133 ? -2.481  23.836  -12.563 1.00 32.42 ? 125 GLU A CD  1 
ATOM   960  O  OE1 . GLU A 1 133 ? -3.518  24.334  -12.075 1.00 36.87 ? 125 GLU A OE1 1 
ATOM   961  O  OE2 . GLU A 1 133 ? -2.306  23.697  -13.797 1.00 38.10 ? 125 GLU A OE2 1 
ATOM   962  N  N   . LEU A 1 134 ? -1.099  20.746  -7.611  1.00 12.05 ? 126 LEU A N   1 
ATOM   963  C  CA  . LEU A 1 134 ? -1.566  20.355  -6.284  1.00 11.56 ? 126 LEU A CA  1 
ATOM   964  C  C   . LEU A 1 134 ? -0.429  20.247  -5.260  1.00 11.06 ? 126 LEU A C   1 
ATOM   965  O  O   . LEU A 1 134 ? 0.743   20.060  -5.607  1.00 14.62 ? 126 LEU A O   1 
ATOM   966  C  CB  . LEU A 1 134 ? -2.315  19.021  -6.348  1.00 12.52 ? 126 LEU A CB  1 
ATOM   967  C  CG  . LEU A 1 134 ? -3.458  19.011  -7.362  1.00 16.64 ? 126 LEU A CG  1 
ATOM   968  C  CD1 . LEU A 1 134 ? -4.066  17.586  -7.354  1.00 17.69 ? 126 LEU A CD1 1 
ATOM   969  C  CD2 . LEU A 1 134 ? -4.468  20.090  -6.990  1.00 19.98 ? 126 LEU A CD2 1 
ATOM   970  N  N   . SER A 1 135 ? -0.796  20.346  -3.991  1.00 13.69 ? 127 SER A N   1 
ATOM   971  C  CA  . SER A 1 135 ? 0.140   20.119  -2.884  1.00 12.66 ? 127 SER A CA  1 
ATOM   972  C  C   . SER A 1 135 ? 0.496   18.657  -2.756  1.00 12.53 ? 127 SER A C   1 
ATOM   973  O  O   . SER A 1 135 ? -0.246  17.793  -3.255  1.00 13.39 ? 127 SER A O   1 
ATOM   974  C  CB  . SER A 1 135 ? -0.493  20.581  -1.572  1.00 12.18 ? 127 SER A CB  1 
ATOM   975  O  OG  . SER A 1 135 ? -1.543  19.717  -1.119  1.00 14.65 ? 127 SER A OG  1 
ATOM   976  N  N   . GLN A 1 136 ? 1.603   18.354  -2.079  1.00 12.31 ? 128 GLN A N   1 
ATOM   977  C  CA  . GLN A 1 136 ? 1.985   16.954  -1.924  1.00 10.03 ? 128 GLN A CA  1 
ATOM   978  C  C   . GLN A 1 136 ? 0.918   16.125  -1.180  1.00 13.02 ? 128 GLN A C   1 
ATOM   979  O  O   . GLN A 1 136 ? 0.679   14.963  -1.515  1.00 11.41 ? 128 GLN A O   1 
ATOM   980  C  CB  . GLN A 1 136 ? 3.349   16.853  -1.221  1.00 12.00 ? 128 GLN A CB  1 
ATOM   981  C  CG  . GLN A 1 136 ? 4.477   17.448  -2.033  1.00 13.54 ? 128 GLN A CG  1 
ATOM   982  C  CD  . GLN A 1 136 ? 4.801   16.632  -3.273  1.00 14.45 ? 128 GLN A CD  1 
ATOM   983  O  OE1 . GLN A 1 136 ? 4.394   17.001  -4.398  1.00 17.82 ? 128 GLN A OE1 1 
ATOM   984  N  NE2 . GLN A 1 136 ? 5.532   15.551  -3.093  1.00 12.12 ? 128 GLN A NE2 1 
ATOM   985  N  N   . GLY A 1 137 ? 0.293   16.707  -0.151  1.00 12.35 ? 129 GLY A N   1 
ATOM   986  C  CA  . GLY A 1 137 ? -0.763  16.010  0.580   1.00 13.25 ? 129 GLY A CA  1 
ATOM   987  C  C   . GLY A 1 137 ? -1.954  15.694  -0.297  1.00 11.95 ? 129 GLY A C   1 
ATOM   988  O  O   . GLY A 1 137 ? -2.516  14.595  -0.225  1.00 10.31 ? 129 GLY A O   1 
ATOM   989  N  N   . THR A 1 138 ? -2.326  16.663  -1.129  1.00 10.26 ? 130 THR A N   1 
ATOM   990  C  CA  . THR A 1 138 ? -3.420  16.432  -2.060  1.00 9.15  ? 130 THR A CA  1 
ATOM   991  C  C   . THR A 1 138 ? -3.077  15.360  -3.066  1.00 9.76  ? 130 THR A C   1 
ATOM   992  O  O   . THR A 1 138 ? -3.909  14.512  -3.368  1.00 10.31 ? 130 THR A O   1 
ATOM   993  C  CB  . THR A 1 138 ? -3.810  17.712  -2.746  1.00 12.32 ? 130 THR A CB  1 
ATOM   994  O  OG1 . THR A 1 138 ? -4.250  18.638  -1.740  1.00 14.91 ? 130 THR A OG1 1 
ATOM   995  C  CG2 . THR A 1 138 ? -5.059  17.480  -3.586  1.00 14.12 ? 130 THR A CG2 1 
ATOM   996  N  N   . ILE A 1 139 ? -1.862  15.408  -3.583  1.00 10.92 ? 131 ILE A N   1 
ATOM   997  C  CA  . ILE A 1 139 ? -1.434  14.364  -4.525  1.00 9.16  ? 131 ILE A CA  1 
ATOM   998  C  C   . ILE A 1 139 ? -1.482  12.988  -3.844  1.00 10.42 ? 131 ILE A C   1 
ATOM   999  O  O   . ILE A 1 139 ? -1.937  12.007  -4.446  1.00 9.49  ? 131 ILE A O   1 
ATOM   1000 C  CB  . ILE A 1 139 ? -0.034  14.658  -5.055  1.00 7.56  ? 131 ILE A CB  1 
ATOM   1001 C  CG1 . ILE A 1 139 ? -0.079  15.925  -5.931  1.00 10.39 ? 131 ILE A CG1 1 
ATOM   1002 C  CG2 . ILE A 1 139 ? 0.469   13.441  -5.898  1.00 10.21 ? 131 ILE A CG2 1 
ATOM   1003 C  CD1 . ILE A 1 139 ? 1.315   16.448  -6.270  1.00 12.01 ? 131 ILE A CD1 1 
ATOM   1004 N  N   . ARG A 1 140 ? -1.010  12.892  -2.598  1.00 9.31  ? 132 ARG A N   1 
ATOM   1005 C  CA  . ARG A 1 140 ? -1.059  11.594  -1.907  1.00 8.69  ? 132 ARG A CA  1 
ATOM   1006 C  C   . ARG A 1 140 ? -2.504  11.103  -1.729  1.00 7.86  ? 132 ARG A C   1 
ATOM   1007 O  O   . ARG A 1 140 ? -2.799  9.907   -1.865  1.00 10.00 ? 132 ARG A O   1 
ATOM   1008 C  CB  . ARG A 1 140 ? -0.328  11.667  -0.573  1.00 9.01  ? 132 ARG A CB  1 
ATOM   1009 C  CG  . ARG A 1 140 ? -0.163  10.291  0.101   1.00 9.66  ? 132 ARG A CG  1 
ATOM   1010 C  CD  . ARG A 1 140 ? 0.567   9.297   -0.835  1.00 11.55 ? 132 ARG A CD  1 
ATOM   1011 N  NE  . ARG A 1 140 ? 1.132   8.186   -0.089  1.00 10.65 ? 132 ARG A NE  1 
ATOM   1012 C  CZ  . ARG A 1 140 ? 2.167   7.458   -0.518  1.00 10.74 ? 132 ARG A CZ  1 
ATOM   1013 N  NH1 . ARG A 1 140 ? 2.687   7.705   -1.727  1.00 9.67  ? 132 ARG A NH1 1 
ATOM   1014 N  NH2 . ARG A 1 140 ? 2.669   6.487   0.268   1.00 8.65  ? 132 ARG A NH2 1 
ATOM   1015 N  N   . ARG A 1 141 ? -3.418  12.033  -1.432  1.00 8.73  ? 133 ARG A N   1 
ATOM   1016 C  CA  . ARG A 1 141 ? -4.821  11.675  -1.367  1.00 7.69  ? 133 ARG A CA  1 
ATOM   1017 C  C   . ARG A 1 141 ? -5.284  11.072  -2.700  1.00 9.60  ? 133 ARG A C   1 
ATOM   1018 O  O   . ARG A 1 141 ? -5.979  10.052  -2.694  1.00 10.78 ? 133 ARG A O   1 
ATOM   1019 C  CB  . ARG A 1 141 ? -5.689  12.879  -1.033  1.00 8.31  ? 133 ARG A CB  1 
ATOM   1020 C  CG  . ARG A 1 141 ? -5.555  13.349  0.384   1.00 10.94 ? 133 ARG A CG  1 
ATOM   1021 C  CD  . ARG A 1 141 ? -6.428  14.553  0.605   1.00 11.53 ? 133 ARG A CD  1 
ATOM   1022 N  NE  . ARG A 1 141 ? -6.217  15.159  1.925   1.00 14.48 ? 133 ARG A NE  1 
ATOM   1023 C  CZ  . ARG A 1 141 ? -7.089  15.069  2.921   1.00 17.63 ? 133 ARG A CZ  1 
ATOM   1024 N  NH1 . ARG A 1 141 ? -8.218  14.380  2.772   1.00 18.09 ? 133 ARG A NH1 1 
ATOM   1025 N  NH2 . ARG A 1 141 ? -6.816  15.657  4.080   1.00 18.87 ? 133 ARG A NH2 1 
ATOM   1026 N  N   . VAL A 1 142 ? -4.866  11.675  -3.822  1.00 9.43  ? 134 VAL A N   1 
ATOM   1027 C  CA  . VAL A 1 142 ? -5.271  11.150  -5.145  1.00 8.90  ? 134 VAL A CA  1 
ATOM   1028 C  C   . VAL A 1 142 ? -4.673  9.752   -5.362  1.00 9.93  ? 134 VAL A C   1 
ATOM   1029 O  O   . VAL A 1 142 ? -5.343  8.837   -5.878  1.00 9.93  ? 134 VAL A O   1 
ATOM   1030 C  CB  . VAL A 1 142 ? -4.858  12.123  -6.244  1.00 9.75  ? 134 VAL A CB  1 
ATOM   1031 C  CG1 . VAL A 1 142 ? -5.048  11.512  -7.631  1.00 10.24 ? 134 VAL A CG1 1 
ATOM   1032 C  CG2 . VAL A 1 142 ? -5.668  13.424  -6.080  1.00 11.03 ? 134 VAL A CG2 1 
ATOM   1033 N  N   . GLN A 1 143 ? -3.420  9.558   -4.934  1.00 10.54 ? 135 GLN A N   1 
ATOM   1034 C  CA  . GLN A 1 143 ? -2.817  8.230   -5.045  1.00 10.44 ? 135 GLN A CA  1 
ATOM   1035 C  C   . GLN A 1 143 ? -3.572  7.219   -4.223  1.00 10.61 ? 135 GLN A C   1 
ATOM   1036 O  O   . GLN A 1 143 ? -3.759  6.082   -4.653  1.00 10.63 ? 135 GLN A O   1 
ATOM   1037 C  CB  . GLN A 1 143 ? -1.355  8.229   -4.635  1.00 9.26  ? 135 GLN A CB  1 
ATOM   1038 C  CG  . GLN A 1 143 ? -0.480  9.082   -5.539  1.00 8.92  ? 135 GLN A CG  1 
ATOM   1039 C  CD  . GLN A 1 143 ? 0.986   8.823   -5.215  1.00 10.17 ? 135 GLN A CD  1 
ATOM   1040 O  OE1 . GLN A 1 143 ? 1.419   9.059   -4.082  1.00 11.92 ? 135 GLN A OE1 1 
ATOM   1041 N  NE2 . GLN A 1 143 ? 1.725   8.284   -6.188  1.00 11.67 ? 135 GLN A NE2 1 
ATOM   1042 N  N   . LEU A 1 144 ? -4.008  7.614   -3.031  1.00 10.48 ? 136 LEU A N   1 
ATOM   1043 C  CA  . LEU A 1 144 ? -4.785  6.679   -2.233  1.00 8.34  ? 136 LEU A CA  1 
ATOM   1044 C  C   . LEU A 1 144 ? -6.126  6.366   -2.901  1.00 9.40  ? 136 LEU A C   1 
ATOM   1045 O  O   . LEU A 1 144 ? -6.597  5.235   -2.850  1.00 10.02 ? 136 LEU A O   1 
ATOM   1046 C  CB  . LEU A 1 144 ? -4.970  7.207   -0.809  1.00 10.34 ? 136 LEU A CB  1 
ATOM   1047 C  CG  . LEU A 1 144 ? -3.671  7.177   0.024   1.00 11.87 ? 136 LEU A CG  1 
ATOM   1048 C  CD1 . LEU A 1 144 ? -3.862  8.022   1.283   1.00 12.34 ? 136 LEU A CD1 1 
ATOM   1049 C  CD2 . LEU A 1 144 ? -3.209  5.760   0.409   1.00 12.93 ? 136 LEU A CD2 1 
ATOM   1050 N  N   . ALA A 1 145 ? -6.737  7.362   -3.538  1.00 9.72  ? 137 ALA A N   1 
ATOM   1051 C  CA  . ALA A 1 145 ? -7.970  7.109   -4.278  1.00 9.53  ? 137 ALA A CA  1 
ATOM   1052 C  C   . ALA A 1 145 ? -7.727  6.107   -5.391  1.00 9.89  ? 137 ALA A C   1 
ATOM   1053 O  O   . ALA A 1 145 ? -8.577  5.257   -5.647  1.00 11.40 ? 137 ALA A O   1 
ATOM   1054 C  CB  . ALA A 1 145 ? -8.520  8.419   -4.853  1.00 10.24 ? 137 ALA A CB  1 
ATOM   1055 N  N   . SER A 1 146 ? -6.557  6.176   -6.032  1.00 11.53 ? 138 SER A N   1 
ATOM   1056 C  CA  . SER A 1 146 ? -6.276  5.247   -7.131  1.00 11.85 ? 138 SER A CA  1 
ATOM   1057 C  C   . SER A 1 146 ? -6.289  3.799   -6.629  1.00 12.04 ? 138 SER A C   1 
ATOM   1058 O  O   . SER A 1 146 ? -6.655  2.896   -7.389  1.00 12.85 ? 138 SER A O   1 
ATOM   1059 C  CB  . SER A 1 146 ? -4.966  5.584   -7.879  1.00 12.19 ? 138 SER A CB  1 
ATOM   1060 O  OG  . SER A 1 146 ? -3.819  5.084   -7.174  1.00 13.41 ? 138 SER A OG  1 
ATOM   1061 N  N   . THR A 1 147 ? -5.887  3.556   -5.369  1.00 10.94 ? 139 THR A N   1 
ATOM   1062 C  CA  . THR A 1 147 ? -5.853  2.170   -4.854  1.00 12.68 ? 139 THR A CA  1 
ATOM   1063 C  C   . THR A 1 147 ? -7.241  1.556   -4.820  1.00 11.91 ? 139 THR A C   1 
ATOM   1064 O  O   . THR A 1 147 ? -7.384  0.339   -4.839  1.00 15.10 ? 139 THR A O   1 
ATOM   1065 C  CB  . THR A 1 147 ? -5.246  2.037   -3.429  1.00 13.44 ? 139 THR A CB  1 
ATOM   1066 O  OG1 . THR A 1 147 ? -6.159  2.569   -2.447  1.00 16.04 ? 139 THR A OG1 1 
ATOM   1067 C  CG2 . THR A 1 147 ? -3.948  2.806   -3.283  1.00 13.29 ? 139 THR A CG2 1 
ATOM   1068 N  N   . LEU A 1 148 ? -8.253  2.415   -4.768  1.00 10.66 ? 140 LEU A N   1 
ATOM   1069 C  CA  . LEU A 1 148 ? -9.646  1.967   -4.618  1.00 12.63 ? 140 LEU A CA  1 
ATOM   1070 C  C   . LEU A 1 148 ? -10.267 1.473   -5.917  1.00 14.84 ? 140 LEU A C   1 
ATOM   1071 O  O   . LEU A 1 148 ? -11.354 0.870   -5.905  1.00 15.84 ? 140 LEU A O   1 
ATOM   1072 C  CB  . LEU A 1 148 ? -10.492 3.096   -4.023  1.00 12.75 ? 140 LEU A CB  1 
ATOM   1073 C  CG  . LEU A 1 148 ? -9.981  3.691   -2.720  1.00 13.36 ? 140 LEU A CG  1 
ATOM   1074 C  CD1 . LEU A 1 148 ? -10.973 4.781   -2.269  1.00 16.08 ? 140 LEU A CD1 1 
ATOM   1075 C  CD2 . LEU A 1 148 ? -9.804  2.618   -1.636  1.00 13.81 ? 140 LEU A CD2 1 
ATOM   1076 N  N   . LEU A 1 149 ? -9.563  1.683   -7.031  1.00 13.85 ? 141 LEU A N   1 
ATOM   1077 C  CA  . LEU A 1 149 ? -10.138 1.474   -8.352  1.00 14.84 ? 141 LEU A CA  1 
ATOM   1078 C  C   . LEU A 1 149 ? -9.653  0.223   -9.065  1.00 19.33 ? 141 LEU A C   1 
ATOM   1079 O  O   . LEU A 1 149 ? -10.172 -0.119  -10.107 1.00 20.30 ? 141 LEU A O   1 
ATOM   1080 C  CB  . LEU A 1 149 ? -9.864  2.670   -9.255  1.00 14.21 ? 141 LEU A CB  1 
ATOM   1081 C  CG  . LEU A 1 149 ? -10.431 4.013   -8.773  1.00 14.14 ? 141 LEU A CG  1 
ATOM   1082 C  CD1 . LEU A 1 149 ? -9.907  5.103   -9.698  1.00 18.76 ? 141 LEU A CD1 1 
ATOM   1083 C  CD2 . LEU A 1 149 ? -11.951 3.933   -8.800  1.00 17.76 ? 141 LEU A CD2 1 
ATOM   1084 N  N   . VAL A 1 150 ? -8.642  -0.425  -8.507  1.00 21.96 ? 142 VAL A N   1 
ATOM   1085 C  CA  . VAL A 1 150 ? -7.974  -1.538  -9.171  1.00 23.06 ? 142 VAL A CA  1 
ATOM   1086 C  C   . VAL A 1 150 ? -8.600  -2.861  -8.708  1.00 25.18 ? 142 VAL A C   1 
ATOM   1087 O  O   . VAL A 1 150 ? -9.316  -2.908  -7.728  1.00 26.18 ? 142 VAL A O   1 
ATOM   1088 C  CB  . VAL A 1 150 ? -6.421  -1.482  -8.928  1.00 22.47 ? 142 VAL A CB  1 
ATOM   1089 C  CG1 . VAL A 1 150 ? -5.803  -0.147  -9.423  1.00 22.23 ? 142 VAL A CG1 1 
ATOM   1090 C  CG2 . VAL A 1 150 ? -6.070  -1.674  -7.467  1.00 21.03 ? 142 VAL A CG2 1 
ATOM   1091 N  N   . ASN A 1 151 ? -8.342  -3.954  -9.420  1.00 28.00 ? 143 ASN A N   1 
ATOM   1092 C  CA  . ASN A 1 151 ? -8.941  -5.229  -9.018  1.00 28.41 ? 143 ASN A CA  1 
ATOM   1093 C  C   . ASN A 1 151 ? -7.963  -6.118  -8.257  1.00 25.25 ? 143 ASN A C   1 
ATOM   1094 O  O   . ASN A 1 151 ? -8.101  -7.338  -8.194  1.00 28.98 ? 143 ASN A O   1 
ATOM   1095 C  CB  . ASN A 1 151 ? -9.528  -5.961  -10.235 1.00 31.98 ? 143 ASN A CB  1 
ATOM   1096 C  CG  . ASN A 1 151 ? -8.485  -6.257  -11.308 1.00 32.98 ? 143 ASN A CG  1 
ATOM   1097 O  OD1 . ASN A 1 151 ? -7.311  -5.852  -11.208 1.00 24.42 ? 143 ASN A OD1 1 
ATOM   1098 N  ND2 . ASN A 1 151 ? -8.913  -6.983  -12.347 1.00 34.37 ? 143 ASN A ND2 1 
ATOM   1099 N  N   . ALA A 1 152 ? -6.956  -5.476  -7.678  1.00 25.10 ? 144 ALA A N   1 
ATOM   1100 C  CA  . ALA A 1 152 ? -5.908  -6.184  -6.958  1.00 18.94 ? 144 ALA A CA  1 
ATOM   1101 C  C   . ALA A 1 152 ? -6.443  -6.923  -5.755  1.00 16.86 ? 144 ALA A C   1 
ATOM   1102 O  O   . ALA A 1 152 ? -7.459  -6.542  -5.167  1.00 18.08 ? 144 ALA A O   1 
ATOM   1103 C  CB  . ALA A 1 152 ? -4.832  -5.206  -6.536  1.00 16.93 ? 144 ALA A CB  1 
ATOM   1104 N  N   . GLU A 1 153 ? -5.742  -7.999  -5.389  1.00 17.75 ? 145 GLU A N   1 
ATOM   1105 C  CA  . GLU A 1 153 ? -6.079  -8.789  -4.215  1.00 17.49 ? 145 GLU A CA  1 
ATOM   1106 C  C   . GLU A 1 153 ? -5.126  -8.578  -3.044  1.00 17.13 ? 145 GLU A C   1 
ATOM   1107 O  O   . GLU A 1 153 ? -5.452  -8.953  -1.916  1.00 18.32 ? 145 GLU A O   1 
ATOM   1108 C  CB  . GLU A 1 153 ? -6.127  -10.289 -4.561  1.00 20.57 ? 145 GLU A CB  1 
ATOM   1109 C  CG  . GLU A 1 153 ? -7.288  -10.665 -5.470  1.00 24.90 ? 145 GLU A CG  1 
ATOM   1110 C  CD  . GLU A 1 153 ? -7.148  -12.059 -6.057  1.00 27.63 ? 145 GLU A CD  1 
ATOM   1111 O  OE1 . GLU A 1 153 ? -6.650  -12.969 -5.348  1.00 26.88 ? 145 GLU A OE1 1 
ATOM   1112 O  OE2 . GLU A 1 153 ? -7.538  -12.244 -7.234  1.00 32.14 ? 145 GLU A OE2 1 
ATOM   1113 N  N   . ILE A 1 154 ? -3.968  -7.966  -3.311  1.00 13.05 ? 146 ILE A N   1 
ATOM   1114 C  CA  . ILE A 1 154 ? -2.975  -7.682  -2.280  1.00 14.50 ? 146 ILE A CA  1 
ATOM   1115 C  C   . ILE A 1 154 ? -2.572  -6.215  -2.438  1.00 13.46 ? 146 ILE A C   1 
ATOM   1116 O  O   . ILE A 1 154 ? -2.074  -5.825  -3.498  1.00 14.55 ? 146 ILE A O   1 
ATOM   1117 C  CB  . ILE A 1 154 ? -1.742  -8.596  -2.413  1.00 16.67 ? 146 ILE A CB  1 
ATOM   1118 C  CG1 . ILE A 1 154 ? -2.179  -10.071 -2.363  1.00 18.80 ? 146 ILE A CG1 1 
ATOM   1119 C  CG2 . ILE A 1 154 ? -0.718  -8.313  -1.311  1.00 15.75 ? 146 ILE A CG2 1 
ATOM   1120 C  CD1 . ILE A 1 154 ? -1.130  -11.042 -2.881  1.00 19.93 ? 146 ILE A CD1 1 
ATOM   1121 N  N   . TYR A 1 155 ? -2.794  -5.453  -1.371  1.00 12.50 ? 147 TYR A N   1 
ATOM   1122 C  CA  . TYR A 1 155 ? -2.470  -4.013  -1.304  1.00 11.92 ? 147 TYR A CA  1 
ATOM   1123 C  C   . TYR A 1 155 ? -1.348  -3.797  -0.317  1.00 13.99 ? 147 TYR A C   1 
ATOM   1124 O  O   . TYR A 1 155 ? -1.447  -4.214  0.817   1.00 13.80 ? 147 TYR A O   1 
ATOM   1125 C  CB  . TYR A 1 155 ? -3.693  -3.161  -0.893  1.00 12.00 ? 147 TYR A CB  1 
ATOM   1126 C  CG  . TYR A 1 155 ? -4.817  -3.305  -1.895  1.00 10.57 ? 147 TYR A CG  1 
ATOM   1127 C  CD1 . TYR A 1 155 ? -4.918  -2.426  -2.977  1.00 12.50 ? 147 TYR A CD1 1 
ATOM   1128 C  CD2 . TYR A 1 155 ? -5.758  -4.341  -1.788  1.00 13.99 ? 147 TYR A CD2 1 
ATOM   1129 C  CE1 . TYR A 1 155 ? -5.905  -2.583  -3.933  1.00 12.99 ? 147 TYR A CE1 1 
ATOM   1130 C  CE2 . TYR A 1 155 ? -6.750  -4.486  -2.745  1.00 14.43 ? 147 TYR A CE2 1 
ATOM   1131 C  CZ  . TYR A 1 155 ? -6.815  -3.613  -3.807  1.00 16.08 ? 147 TYR A CZ  1 
ATOM   1132 O  OH  . TYR A 1 155 ? -7.796  -3.754  -4.763  1.00 19.40 ? 147 TYR A OH  1 
ATOM   1133 N  N   . VAL A 1 156 ? -0.251  -3.203  -0.786  1.00 11.20 ? 148 VAL A N   1 
ATOM   1134 C  CA  . VAL A 1 156 ? 0.921   -3.003  0.062   1.00 11.16 ? 148 VAL A CA  1 
ATOM   1135 C  C   . VAL A 1 156 ? 1.274   -1.522  -0.013  1.00 12.60 ? 148 VAL A C   1 
ATOM   1136 O  O   . VAL A 1 156 ? 1.657   -1.028  -1.081  1.00 11.70 ? 148 VAL A O   1 
ATOM   1137 C  CB  . VAL A 1 156 ? 2.112   -3.885  -0.417  1.00 12.35 ? 148 VAL A CB  1 
ATOM   1138 C  CG1 . VAL A 1 156 ? 3.331   -3.740  0.494   1.00 13.92 ? 148 VAL A CG1 1 
ATOM   1139 C  CG2 . VAL A 1 156 ? 1.696   -5.338  -0.547  1.00 14.24 ? 148 VAL A CG2 1 
ATOM   1140 N  N   . LEU A 1 157 ? 1.075   -0.816  1.101   1.00 12.06 ? 149 LEU A N   1 
ATOM   1141 C  CA  . LEU A 1 157 ? 1.154   0.663   1.111   1.00 11.00 ? 149 LEU A CA  1 
ATOM   1142 C  C   . LEU A 1 157 ? 2.243   1.097   2.090   1.00 11.20 ? 149 LEU A C   1 
ATOM   1143 O  O   . LEU A 1 157 ? 2.102   0.943   3.323   1.00 12.66 ? 149 LEU A O   1 
ATOM   1144 C  CB  . LEU A 1 157 ? -0.201  1.277   1.502   1.00 12.35 ? 149 LEU A CB  1 
ATOM   1145 C  CG  . LEU A 1 157 ? -1.457  0.670   0.872   1.00 13.15 ? 149 LEU A CG  1 
ATOM   1146 C  CD1 . LEU A 1 157 ? -2.644  1.459   1.359   1.00 14.38 ? 149 LEU A CD1 1 
ATOM   1147 C  CD2 . LEU A 1 157 ? -1.419  0.753   -0.644  1.00 12.28 ? 149 LEU A CD2 1 
ATOM   1148 N  N   . ASP A 1 158 ? 3.341   1.624   1.549   1.00 11.31 ? 150 ASP A N   1 
ATOM   1149 C  CA  . ASP A 1 158 ? 4.457   2.106   2.375   1.00 11.73 ? 150 ASP A CA  1 
ATOM   1150 C  C   . ASP A 1 158 ? 4.204   3.560   2.773   1.00 15.52 ? 150 ASP A C   1 
ATOM   1151 O  O   . ASP A 1 158 ? 4.126   4.426   1.891   1.00 13.94 ? 150 ASP A O   1 
ATOM   1152 C  CB  . ASP A 1 158 ? 5.737   1.982   1.552   1.00 12.67 ? 150 ASP A CB  1 
ATOM   1153 C  CG  . ASP A 1 158 ? 7.007   2.085   2.385   1.00 15.23 ? 150 ASP A CG  1 
ATOM   1154 O  OD1 . ASP A 1 158 ? 6.952   2.055   3.637   1.00 16.58 ? 150 ASP A OD1 1 
ATOM   1155 O  OD2 . ASP A 1 158 ? 8.119   2.212   1.842   1.00 15.15 ? 150 ASP A OD2 1 
ATOM   1156 N  N   . ASP A 1 159 ? 4.026   3.822   4.084   1.00 12.58 ? 151 ASP A N   1 
ATOM   1157 C  CA  . ASP A 1 159 ? 3.733   5.167   4.603   1.00 13.03 ? 151 ASP A CA  1 
ATOM   1158 C  C   . ASP A 1 159 ? 2.526   5.796   3.851   1.00 11.21 ? 151 ASP A C   1 
ATOM   1159 O  O   . ASP A 1 159 ? 2.643   6.846   3.224   1.00 12.71 ? 151 ASP A O   1 
ATOM   1160 C  CB  . ASP A 1 159 ? 5.002   6.029   4.502   1.00 14.56 ? 151 ASP A CB  1 
ATOM   1161 C  CG  . ASP A 1 159 ? 5.055   7.156   5.522   1.00 22.11 ? 151 ASP A CG  1 
ATOM   1162 O  OD1 . ASP A 1 159 ? 4.084   7.379   6.265   1.00 24.03 ? 151 ASP A OD1 1 
ATOM   1163 O  OD2 . ASP A 1 159 ? 6.055   7.908   5.617   1.00 27.17 ? 151 ASP A OD2 1 
ATOM   1164 N  N   . PRO A 1 160 ? 1.368   5.141   3.915   1.00 12.75 ? 152 PRO A N   1 
ATOM   1165 C  CA  . PRO A 1 160 ? 0.218   5.525   3.086   1.00 11.30 ? 152 PRO A CA  1 
ATOM   1166 C  C   . PRO A 1 160 ? -0.197  6.983   3.192   1.00 12.65 ? 152 PRO A C   1 
ATOM   1167 O  O   . PRO A 1 160 ? -0.541  7.544   2.138   1.00 12.14 ? 152 PRO A O   1 
ATOM   1168 C  CB  . PRO A 1 160 ? -0.909  4.569   3.548   1.00 11.21 ? 152 PRO A CB  1 
ATOM   1169 C  CG  . PRO A 1 160 ? -0.425  4.035   4.896   1.00 14.29 ? 152 PRO A CG  1 
ATOM   1170 C  CD  . PRO A 1 160 ? 1.069   3.983   4.790   1.00 14.75 ? 152 PRO A CD  1 
ATOM   1171 N  N   . VAL A 1 161 ? -0.136  7.589   4.390   1.00 12.36 ? 153 VAL A N   1 
ATOM   1172 C  CA  . VAL A 1 161 ? -0.645  8.971   4.517   1.00 12.04 ? 153 VAL A CA  1 
ATOM   1173 C  C   . VAL A 1 161 ? 0.483   10.004  4.678   1.00 14.23 ? 153 VAL A C   1 
ATOM   1174 O  O   . VAL A 1 161 ? 0.285   11.097  5.231   1.00 13.25 ? 153 VAL A O   1 
ATOM   1175 C  CB  . VAL A 1 161 ? -1.724  9.103   5.596   1.00 13.49 ? 153 VAL A CB  1 
ATOM   1176 C  CG1 . VAL A 1 161 ? -3.045  8.440   5.124   1.00 12.74 ? 153 VAL A CG1 1 
ATOM   1177 C  CG2 . VAL A 1 161 ? -1.222  8.497   6.897   1.00 13.85 ? 153 VAL A CG2 1 
ATOM   1178 N  N   . VAL A 1 162 ? 1.678   9.652   4.191   1.00 11.87 ? 154 VAL A N   1 
ATOM   1179 C  CA  . VAL A 1 162 ? 2.763   10.630  4.086   1.00 10.31 ? 154 VAL A CA  1 
ATOM   1180 C  C   . VAL A 1 162 ? 2.277   11.954  3.467   1.00 16.59 ? 154 VAL A C   1 
ATOM   1181 O  O   . VAL A 1 162 ? 1.454   11.958  2.546   1.00 13.47 ? 154 VAL A O   1 
ATOM   1182 C  CB  . VAL A 1 162 ? 3.975   10.030  3.301   1.00 15.63 ? 154 VAL A CB  1 
ATOM   1183 C  CG1 . VAL A 1 162 ? 3.627   9.734   1.826   1.00 13.44 ? 154 VAL A CG1 1 
ATOM   1184 C  CG2 . VAL A 1 162 ? 5.202   10.916  3.404   1.00 17.74 ? 154 VAL A CG2 1 
ATOM   1185 N  N   . ALA A 1 163 ? 2.771   13.081  3.996   1.00 14.17 ? 155 ALA A N   1 
ATOM   1186 C  CA  . ALA A 1 163 ? 2.482   14.418  3.448   1.00 11.65 ? 155 ALA A CA  1 
ATOM   1187 C  C   . ALA A 1 163 ? 1.092   14.987  3.756   1.00 12.25 ? 155 ALA A C   1 
ATOM   1188 O  O   . ALA A 1 163 ? 0.879   16.193  3.631   1.00 15.36 ? 155 ALA A O   1 
ATOM   1189 C  CB  . ALA A 1 163 ? 2.770   14.511  1.910   1.00 16.18 ? 155 ALA A CB  1 
ATOM   1190 N  N   . ILE A 1 164 ? 0.167   14.122  4.167   1.00 13.38 ? 156 ILE A N   1 
ATOM   1191 C  CA  . ILE A 1 164 ? -1.178  14.553  4.532   1.00 15.65 ? 156 ILE A CA  1 
ATOM   1192 C  C   . ILE A 1 164 ? -1.139  15.218  5.908   1.00 18.00 ? 156 ILE A C   1 
ATOM   1193 O  O   . ILE A 1 164 ? -0.456  14.748  6.808   1.00 20.17 ? 156 ILE A O   1 
ATOM   1194 C  CB  . ILE A 1 164 ? -2.154  13.359  4.470   1.00 14.54 ? 156 ILE A CB  1 
ATOM   1195 C  CG1 . ILE A 1 164 ? -2.308  12.908  3.007   1.00 15.01 ? 156 ILE A CG1 1 
ATOM   1196 C  CG2 . ILE A 1 164 ? -3.497  13.703  5.143   1.00 16.50 ? 156 ILE A CG2 1 
ATOM   1197 C  CD1 . ILE A 1 164 ? -3.095  11.577  2.798   1.00 15.30 ? 156 ILE A CD1 1 
ATOM   1198 N  N   . ASP A 1 165 ? -1.879  16.321  6.029   1.00 21.72 ? 157 ASP A N   1 
ATOM   1199 C  CA  . ASP A 1 165 ? -1.987  17.089  7.275   1.00 26.31 ? 157 ASP A CA  1 
ATOM   1200 C  C   . ASP A 1 165 ? -2.213  16.156  8.469   1.00 28.40 ? 157 ASP A C   1 
ATOM   1201 O  O   . ASP A 1 165 ? -3.088  15.289  8.425   1.00 24.91 ? 157 ASP A O   1 
ATOM   1202 C  CB  . ASP A 1 165 ? -3.132  18.094  7.144   1.00 26.60 ? 157 ASP A CB  1 
ATOM   1203 N  N   . GLU A 1 166 ? -1.417  16.351  9.521   1.00 29.70 ? 158 GLU A N   1 
ATOM   1204 C  CA  . GLU A 1 166 ? -1.433  15.511  10.717  1.00 31.33 ? 158 GLU A CA  1 
ATOM   1205 C  C   . GLU A 1 166 ? -2.827  15.299  11.314  1.00 30.35 ? 158 GLU A C   1 
ATOM   1206 O  O   . GLU A 1 166 ? -3.181  14.183  11.696  1.00 29.22 ? 158 GLU A O   1 
ATOM   1207 C  CB  . GLU A 1 166 ? -0.470  16.071  11.778  1.00 36.19 ? 158 GLU A CB  1 
ATOM   1208 C  CG  . GLU A 1 166 ? -0.154  15.121  12.927  1.00 38.92 ? 158 GLU A CG  1 
ATOM   1209 C  CD  . GLU A 1 166 ? 0.707   13.925  12.526  1.00 41.12 ? 158 GLU A CD  1 
ATOM   1210 O  OE1 . GLU A 1 166 ? 1.732   14.102  11.833  1.00 42.42 ? 158 GLU A OE1 1 
ATOM   1211 O  OE2 . GLU A 1 166 ? 0.369   12.793  12.925  1.00 43.29 ? 158 GLU A OE2 1 
ATOM   1212 N  N   . ASP A 1 167 ? -3.611  16.370  11.394  1.00 31.15 ? 159 ASP A N   1 
ATOM   1213 C  CA  . ASP A 1 167 ? -4.962  16.280  11.926  1.00 31.24 ? 159 ASP A CA  1 
ATOM   1214 C  C   . ASP A 1 167 ? -5.966  15.620  10.963  1.00 30.78 ? 159 ASP A C   1 
ATOM   1215 O  O   . ASP A 1 167 ? -7.128  15.429  11.330  1.00 31.08 ? 159 ASP A O   1 
ATOM   1216 C  CB  . ASP A 1 167 ? -5.449  17.677  12.366  1.00 34.41 ? 159 ASP A CB  1 
ATOM   1217 N  N   . SER A 1 168 ? -5.522  15.245  9.752   1.00 26.39 ? 160 SER A N   1 
ATOM   1218 C  CA  . SER A 1 168 ? -6.386  14.544  8.780   1.00 24.03 ? 160 SER A CA  1 
ATOM   1219 C  C   . SER A 1 168 ? -5.908  13.126  8.466   1.00 18.85 ? 160 SER A C   1 
ATOM   1220 O  O   . SER A 1 168 ? -6.624  12.366  7.833   1.00 20.46 ? 160 SER A O   1 
ATOM   1221 C  CB  . SER A 1 168 ? -6.469  15.318  7.455   1.00 30.06 ? 160 SER A CB  1 
ATOM   1222 O  OG  . SER A 1 168 ? -6.892  16.653  7.660   1.00 33.17 ? 160 SER A OG  1 
ATOM   1223 N  N   . LYS A 1 169 ? -4.709  12.792  8.911   1.00 18.60 ? 161 LYS A N   1 
ATOM   1224 C  CA  . LYS A 1 169 ? -4.067  11.500  8.570   1.00 20.01 ? 161 LYS A CA  1 
ATOM   1225 C  C   . LYS A 1 169 ? -4.944  10.282  8.895   1.00 21.04 ? 161 LYS A C   1 
ATOM   1226 O  O   . LYS A 1 169 ? -5.176  9.407   8.043   1.00 19.54 ? 161 LYS A O   1 
ATOM   1227 C  CB  . LYS A 1 169 ? -2.736  11.353  9.308   1.00 20.55 ? 161 LYS A CB  1 
ATOM   1228 C  CG  . LYS A 1 169 ? -1.599  12.059  8.666   1.00 20.48 ? 161 LYS A CG  1 
ATOM   1229 C  CD  . LYS A 1 169 ? -0.292  11.623  9.304   1.00 23.34 ? 161 LYS A CD  1 
ATOM   1230 C  CE  . LYS A 1 169 ? 0.810   12.587  8.934   1.00 25.16 ? 161 LYS A CE  1 
ATOM   1231 N  NZ  . LYS A 1 169 ? 1.282   12.323  7.548   1.00 24.72 ? 161 LYS A NZ  1 
ATOM   1232 N  N   . HIS A 1 170 ? -5.434  10.221  10.133  1.00 18.88 ? 162 HIS A N   1 
ATOM   1233 C  CA  . HIS A 1 170 ? -6.199  9.055   10.572  1.00 21.63 ? 162 HIS A CA  1 
ATOM   1234 C  C   . HIS A 1 170 ? -7.560  8.930   9.880   1.00 21.27 ? 162 HIS A C   1 
ATOM   1235 O  O   . HIS A 1 170 ? -7.970  7.822   9.527   1.00 21.19 ? 162 HIS A O   1 
ATOM   1236 C  CB  . HIS A 1 170 ? -6.339  9.036   12.105  1.00 24.46 ? 162 HIS A CB  1 
ATOM   1237 C  CG  . HIS A 1 170 ? -5.037  8.866   12.822  1.00 27.34 ? 162 HIS A CG  1 
ATOM   1238 N  ND1 . HIS A 1 170 ? -4.229  7.762   12.650  1.00 26.42 ? 162 HIS A ND1 1 
ATOM   1239 C  CD2 . HIS A 1 170 ? -4.396  9.667   13.708  1.00 30.64 ? 162 HIS A CD2 1 
ATOM   1240 C  CE1 . HIS A 1 170 ? -3.143  7.891   13.393  1.00 29.97 ? 162 HIS A CE1 1 
ATOM   1241 N  NE2 . HIS A 1 170 ? -3.223  9.035   14.050  1.00 31.41 ? 162 HIS A NE2 1 
ATOM   1242 N  N   . LYS A 1 171 ? -8.256  10.053  9.672   1.00 18.54 ? 163 LYS A N   1 
ATOM   1243 C  CA  . LYS A 1 171 ? -9.522  10.029  8.961   1.00 19.21 ? 163 LYS A CA  1 
ATOM   1244 C  C   . LYS A 1 171 ? -9.353  9.413   7.585   1.00 18.78 ? 163 LYS A C   1 
ATOM   1245 O  O   . LYS A 1 171 ? -10.131 8.543   7.177   1.00 19.80 ? 163 LYS A O   1 
ATOM   1246 C  CB  . LYS A 1 171 ? -10.104 11.453  8.808   1.00 20.42 ? 163 LYS A CB  1 
ATOM   1247 C  CG  . LYS A 1 171 ? -11.488 11.434  8.169   1.00 24.79 ? 163 LYS A CG  1 
ATOM   1248 C  CD  . LYS A 1 171 ? -12.148 12.811  8.155   1.00 29.03 ? 163 LYS A CD  1 
ATOM   1249 C  CE  . LYS A 1 171 ? -13.404 12.787  7.285   1.00 33.37 ? 163 LYS A CE  1 
ATOM   1250 N  NZ  . LYS A 1 171 ? -13.986 14.154  7.102   1.00 37.66 ? 163 LYS A NZ  1 
ATOM   1251 N  N   . VAL A 1 172 ? -8.309  9.840   6.877   1.00 15.66 ? 164 VAL A N   1 
ATOM   1252 C  CA  . VAL A 1 172 ? -8.090  9.396   5.501   1.00 15.60 ? 164 VAL A CA  1 
ATOM   1253 C  C   . VAL A 1 172 ? -7.699  7.915   5.483   1.00 15.11 ? 164 VAL A C   1 
ATOM   1254 O  O   . VAL A 1 172 ? -8.220  7.118   4.689   1.00 14.46 ? 164 VAL A O   1 
ATOM   1255 C  CB  . VAL A 1 172 ? -6.993  10.256  4.802   1.00 18.04 ? 164 VAL A CB  1 
ATOM   1256 C  CG1 . VAL A 1 172 ? -6.559  9.627   3.450   1.00 19.01 ? 164 VAL A CG1 1 
ATOM   1257 C  CG2 . VAL A 1 172 ? -7.503  11.682  4.603   1.00 21.15 ? 164 VAL A CG2 1 
ATOM   1258 N  N   . LEU A 1 173 ? -6.774  7.548   6.357   1.00 13.48 ? 165 LEU A N   1 
ATOM   1259 C  CA  . LEU A 1 173 ? -6.294  6.167   6.378   1.00 12.85 ? 165 LEU A CA  1 
ATOM   1260 C  C   . LEU A 1 173 ? -7.418  5.221   6.738   1.00 15.15 ? 165 LEU A C   1 
ATOM   1261 O  O   . LEU A 1 173 ? -7.582  4.203   6.080   1.00 17.03 ? 165 LEU A O   1 
ATOM   1262 C  CB  . LEU A 1 173 ? -5.081  5.990   7.302   1.00 14.20 ? 165 LEU A CB  1 
ATOM   1263 C  CG  . LEU A 1 173 ? -4.345  4.641   7.261   1.00 13.09 ? 165 LEU A CG  1 
ATOM   1264 C  CD1 . LEU A 1 173 ? -4.006  4.232   5.812   1.00 15.27 ? 165 LEU A CD1 1 
ATOM   1265 C  CD2 . LEU A 1 173 ? -3.066  4.708   8.082   1.00 14.88 ? 165 LEU A CD2 1 
ATOM   1266 N  N   . LYS A 1 174 ? -8.230  5.583   7.739   1.00 17.06 ? 166 LYS A N   1 
ATOM   1267 C  CA  . LYS A 1 174 ? -9.360  4.733   8.118   1.00 18.68 ? 166 LYS A CA  1 
ATOM   1268 C  C   . LYS A 1 174 ? -10.326 4.555   6.957   1.00 18.15 ? 166 LYS A C   1 
ATOM   1269 O  O   . LYS A 1 174 ? -10.827 3.460   6.733   1.00 19.79 ? 166 LYS A O   1 
ATOM   1270 C  CB  . LYS A 1 174 ? -10.108 5.301   9.339   1.00 20.58 ? 166 LYS A CB  1 
ATOM   1271 C  CG  . LYS A 1 174 ? -9.368  5.135   10.662  1.00 23.46 ? 166 LYS A CG  1 
ATOM   1272 C  CD  . LYS A 1 174 ? -10.073 5.950   11.781  1.00 30.24 ? 166 LYS A CD  1 
ATOM   1273 N  N   . SER A 1 175 ? -10.598 5.638   6.222   1.00 15.98 ? 167 SER A N   1 
ATOM   1274 C  CA  . SER A 1 175 ? -11.505 5.582   5.067   1.00 16.62 ? 167 SER A CA  1 
ATOM   1275 C  C   . SER A 1 175 ? -11.016 4.591   3.986   1.00 16.39 ? 167 SER A C   1 
ATOM   1276 O  O   . SER A 1 175 ? -11.790 3.765   3.458   1.00 16.30 ? 167 SER A O   1 
ATOM   1277 C  CB  A SER A 1 175 ? -11.715 6.974   4.489   0.65 18.57 ? 167 SER A CB  1 
ATOM   1278 C  CB  B SER A 1 175 ? -11.644 6.989   4.465   0.35 15.69 ? 167 SER A CB  1 
ATOM   1279 O  OG  A SER A 1 175 ? -12.619 7.695   5.306   0.65 22.32 ? 167 SER A OG  1 
ATOM   1280 O  OG  B SER A 1 175 ? -12.495 7.025   3.327   0.35 14.75 ? 167 SER A OG  1 
ATOM   1281 N  N   . ILE A 1 176 ? -9.711  4.649   3.696   1.00 13.48 ? 168 ILE A N   1 
ATOM   1282 C  CA  . ILE A 1 176 ? -9.101  3.778   2.692   1.00 12.56 ? 168 ILE A CA  1 
ATOM   1283 C  C   . ILE A 1 176 ? -9.110  2.333   3.152   1.00 12.66 ? 168 ILE A C   1 
ATOM   1284 O  O   . ILE A 1 176 ? -9.506  1.424   2.387   1.00 15.01 ? 168 ILE A O   1 
ATOM   1285 C  CB  . ILE A 1 176 ? -7.632  4.247   2.408   1.00 13.83 ? 168 ILE A CB  1 
ATOM   1286 C  CG1 . ILE A 1 176 ? -7.644  5.621   1.722   1.00 13.45 ? 168 ILE A CG1 1 
ATOM   1287 C  CG2 . ILE A 1 176 ? -6.861  3.204   1.584   1.00 16.30 ? 168 ILE A CG2 1 
ATOM   1288 C  CD1 . ILE A 1 176 ? -8.285  5.631   0.330   1.00 15.17 ? 168 ILE A CD1 1 
ATOM   1289 N  N   . LEU A 1 177 ? -8.673  2.113   4.383   1.00 13.82 ? 169 LEU A N   1 
ATOM   1290 C  CA  . LEU A 1 177 ? -8.572  0.746   4.903   1.00 13.96 ? 169 LEU A CA  1 
ATOM   1291 C  C   . LEU A 1 177 ? -9.928  0.073   4.965   1.00 15.61 ? 169 LEU A C   1 
ATOM   1292 O  O   . LEU A 1 177 ? -10.042 -1.120  4.701   1.00 18.04 ? 169 LEU A O   1 
ATOM   1293 C  CB  . LEU A 1 177 ? -7.931  0.742   6.274   1.00 15.94 ? 169 LEU A CB  1 
ATOM   1294 C  CG  . LEU A 1 177 ? -6.453  1.139   6.326   1.00 17.43 ? 169 LEU A CG  1 
ATOM   1295 C  CD1 . LEU A 1 177 ? -5.935  1.121   7.758   1.00 16.68 ? 169 LEU A CD1 1 
ATOM   1296 C  CD2 . LEU A 1 177 ? -5.602  0.251   5.407   1.00 15.98 ? 169 LEU A CD2 1 
ATOM   1297 N  N   . GLU A 1 178 ? -10.961 0.839   5.277   1.00 16.56 ? 170 GLU A N   1 
ATOM   1298 C  CA  . GLU A 1 178 ? -12.300 0.259   5.381   1.00 18.38 ? 170 GLU A CA  1 
ATOM   1299 C  C   . GLU A 1 178 ? -12.755 -0.319  4.042   1.00 19.82 ? 170 GLU A C   1 
ATOM   1300 O  O   . GLU A 1 178 ? -13.393 -1.383  4.010   1.00 21.08 ? 170 GLU A O   1 
ATOM   1301 C  CB  . GLU A 1 178 ? -13.298 1.282   5.940   1.00 22.96 ? 170 GLU A CB  1 
ATOM   1302 C  CG  . GLU A 1 178 ? -13.170 1.445   7.439   1.00 28.86 ? 170 GLU A CG  1 
ATOM   1303 N  N   . ILE A 1 179 ? -12.383 0.342   2.942   1.00 16.68 ? 171 ILE A N   1 
ATOM   1304 C  CA  . ILE A 1 179 ? -12.713 -0.132  1.601   1.00 16.50 ? 171 ILE A CA  1 
ATOM   1305 C  C   . ILE A 1 179 ? -11.793 -1.277  1.153   1.00 17.40 ? 171 ILE A C   1 
ATOM   1306 O  O   . ILE A 1 179 ? -12.267 -2.319  0.689   1.00 18.34 ? 171 ILE A O   1 
ATOM   1307 C  CB  . ILE A 1 179 ? -12.667 1.035   0.581   1.00 15.76 ? 171 ILE A CB  1 
ATOM   1308 C  CG1 . ILE A 1 179 ? -13.722 2.092   0.925   1.00 18.10 ? 171 ILE A CG1 1 
ATOM   1309 C  CG2 . ILE A 1 179 ? -12.792 0.494   -0.850  1.00 15.62 ? 171 ILE A CG2 1 
ATOM   1310 C  CD1 . ILE A 1 179 ? -13.487 3.422   0.268   1.00 18.04 ? 171 ILE A CD1 1 
ATOM   1311 N  N   . LEU A 1 180 ? -10.474 -1.085  1.291   1.00 14.97 ? 172 LEU A N   1 
ATOM   1312 C  CA  . LEU A 1 180 ? -9.506  -2.075  0.828   1.00 14.81 ? 172 LEU A CA  1 
ATOM   1313 C  C   . LEU A 1 180 ? -9.591  -3.422  1.560   1.00 16.44 ? 172 LEU A C   1 
ATOM   1314 O  O   . LEU A 1 180 ? -9.395  -4.468  0.933   1.00 16.55 ? 172 LEU A O   1 
ATOM   1315 C  CB  . LEU A 1 180 ? -8.077  -1.515  0.926   1.00 14.63 ? 172 LEU A CB  1 
ATOM   1316 C  CG  . LEU A 1 180 ? -7.747  -0.358  -0.043  1.00 14.12 ? 172 LEU A CG  1 
ATOM   1317 C  CD1 . LEU A 1 180 ? -6.255  -0.005  0.125   1.00 10.22 ? 172 LEU A CD1 1 
ATOM   1318 C  CD2 . LEU A 1 180 ? -8.053  -0.690  -1.506  1.00 15.63 ? 172 LEU A CD2 1 
ATOM   1319 N  N   . LYS A 1 181 ? -9.898  -3.409  2.850   1.00 16.10 ? 173 LYS A N   1 
ATOM   1320 C  CA  . LYS A 1 181 ? -9.887  -4.681  3.587   1.00 16.96 ? 173 LYS A CA  1 
ATOM   1321 C  C   . LYS A 1 181 ? -11.056 -5.574  3.150   1.00 18.79 ? 173 LYS A C   1 
ATOM   1322 O  O   . LYS A 1 181 ? -11.048 -6.773  3.417   1.00 20.33 ? 173 LYS A O   1 
ATOM   1323 C  CB  . LYS A 1 181 ? -9.883  -4.451  5.099   1.00 20.76 ? 173 LYS A CB  1 
ATOM   1324 C  CG  . LYS A 1 181 ? -11.219 -4.017  5.676   1.00 20.70 ? 173 LYS A CG  1 
ATOM   1325 C  CD  . LYS A 1 181 ? -11.100 -3.796  7.204   1.00 22.47 ? 173 LYS A CD  1 
ATOM   1326 N  N   . GLU A 1 182 ? -12.051 -4.990  2.488   1.00 18.30 ? 174 GLU A N   1 
ATOM   1327 C  CA  . GLU A 1 182 ? -13.136 -5.784  1.891   1.00 21.26 ? 174 GLU A CA  1 
ATOM   1328 C  C   . GLU A 1 182 ? -12.748 -6.427  0.555   1.00 23.23 ? 174 GLU A C   1 
ATOM   1329 O  O   . GLU A 1 182 ? -13.375 -7.395  0.114   1.00 27.04 ? 174 GLU A O   1 
ATOM   1330 C  CB  . GLU A 1 182 ? -14.397 -4.925  1.719   1.00 24.22 ? 174 GLU A CB  1 
ATOM   1331 C  CG  . GLU A 1 182 ? -15.031 -4.478  3.031   1.00 26.92 ? 174 GLU A CG  1 
ATOM   1332 N  N   . LYS A 1 183 ? -11.711 -5.884  -0.089  1.00 19.69 ? 175 LYS A N   1 
ATOM   1333 C  CA  . LYS A 1 183 ? -11.281 -6.322  -1.416  1.00 22.93 ? 175 LYS A CA  1 
ATOM   1334 C  C   . LYS A 1 183 ? -10.125 -7.319  -1.380  1.00 22.31 ? 175 LYS A C   1 
ATOM   1335 O  O   . LYS A 1 183 ? -9.961  -8.121  -2.299  1.00 24.51 ? 175 LYS A O   1 
ATOM   1336 C  CB  . LYS A 1 183 ? -10.847 -5.111  -2.267  1.00 23.89 ? 175 LYS A CB  1 
ATOM   1337 C  CG  . LYS A 1 183 ? -11.921 -4.065  -2.497  1.00 28.68 ? 175 LYS A CG  1 
ATOM   1338 C  CD  . LYS A 1 183 ? -11.389 -2.994  -3.442  1.00 29.01 ? 175 LYS A CD  1 
ATOM   1339 C  CE  . LYS A 1 183 ? -12.434 -2.530  -4.430  1.00 30.71 ? 175 LYS A CE  1 
ATOM   1340 N  NZ  . LYS A 1 183 ? -11.822 -1.930  -5.651  1.00 28.63 ? 175 LYS A NZ  1 
ATOM   1341 N  N   . GLY A 1 184 ? -9.312  -7.273  -0.329  1.00 20.74 ? 176 GLY A N   1 
ATOM   1342 C  CA  . GLY A 1 184 ? -8.115  -8.087  -0.346  1.00 19.67 ? 176 GLY A CA  1 
ATOM   1343 C  C   . GLY A 1 184 ? -7.295  -8.003  0.915   1.00 16.10 ? 176 GLY A C   1 
ATOM   1344 O  O   . GLY A 1 184 ? -7.773  -7.559  1.945   1.00 19.71 ? 176 GLY A O   1 
ATOM   1345 N  N   . ILE A 1 185 ? -6.065  -8.491  0.812   1.00 17.22 ? 177 ILE A N   1 
ATOM   1346 C  CA  . ILE A 1 185 ? -5.112  -8.397  1.896   1.00 16.24 ? 177 ILE A CA  1 
ATOM   1347 C  C   . ILE A 1 185 ? -4.559  -6.973  1.856   1.00 13.26 ? 177 ILE A C   1 
ATOM   1348 O  O   . ILE A 1 185 ? -4.322  -6.454  0.764   1.00 17.08 ? 177 ILE A O   1 
ATOM   1349 C  CB  . ILE A 1 185 ? -4.033  -9.468  1.696   1.00 18.64 ? 177 ILE A CB  1 
ATOM   1350 C  CG1 . ILE A 1 185 ? -4.608  -10.812 2.180   1.00 23.79 ? 177 ILE A CG1 1 
ATOM   1351 C  CG2 . ILE A 1 185 ? -2.758  -9.138  2.465   1.00 20.72 ? 177 ILE A CG2 1 
ATOM   1352 C  CD1 . ILE A 1 185 ? -3.808  -11.994 1.779   1.00 22.63 ? 177 ILE A CD1 1 
ATOM   1353 N  N   . VAL A 1 186 ? -4.427  -6.346  3.028   1.00 14.42 ? 178 VAL A N   1 
ATOM   1354 C  CA  . VAL A 1 186 ? -3.803  -5.020  3.161   1.00 14.54 ? 178 VAL A CA  1 
ATOM   1355 C  C   . VAL A 1 186 ? -2.659  -5.034  4.165   1.00 15.12 ? 178 VAL A C   1 
ATOM   1356 O  O   . VAL A 1 186 ? -2.823  -5.448  5.319   1.00 15.90 ? 178 VAL A O   1 
ATOM   1357 C  CB  . VAL A 1 186 ? -4.833  -3.940  3.567   1.00 18.11 ? 178 VAL A CB  1 
ATOM   1358 C  CG1 . VAL A 1 186 ? -4.234  -2.538  3.430   1.00 16.56 ? 178 VAL A CG1 1 
ATOM   1359 C  CG2 . VAL A 1 186 ? -6.093  -4.060  2.710   1.00 16.01 ? 178 VAL A CG2 1 
ATOM   1360 N  N   . ILE A 1 187 ? -1.493  -4.578  3.709   1.00 12.53 ? 179 ILE A N   1 
ATOM   1361 C  CA  . ILE A 1 187 ? -0.290  -4.445  4.496   1.00 12.78 ? 179 ILE A CA  1 
ATOM   1362 C  C   . ILE A 1 187 ? 0.161   -3.002  4.358   1.00 12.74 ? 179 ILE A C   1 
ATOM   1363 O  O   . ILE A 1 187 ? 0.284   -2.492  3.249   1.00 15.21 ? 179 ILE A O   1 
ATOM   1364 C  CB  . ILE A 1 187 ? 0.813   -5.386  3.967   1.00 14.15 ? 179 ILE A CB  1 
ATOM   1365 C  CG1 . ILE A 1 187 ? 0.386   -6.845  4.186   1.00 15.45 ? 179 ILE A CG1 1 
ATOM   1366 C  CG2 . ILE A 1 187 ? 2.165   -5.098  4.632   1.00 15.08 ? 179 ILE A CG2 1 
ATOM   1367 C  CD1 . ILE A 1 187 ? 0.958   -7.844  3.149   1.00 18.64 ? 179 ILE A CD1 1 
ATOM   1368 N  N   . ILE A 1 188 ? 0.387   -2.347  5.485   1.00 12.27 ? 180 ILE A N   1 
ATOM   1369 C  CA  . ILE A 1 188 ? 0.884   -0.974  5.465   1.00 10.68 ? 180 ILE A CA  1 
ATOM   1370 C  C   . ILE A 1 188 ? 2.103   -0.873  6.370   1.00 14.07 ? 180 ILE A C   1 
ATOM   1371 O  O   . ILE A 1 188 ? 2.416   -1.809  7.131   1.00 13.95 ? 180 ILE A O   1 
ATOM   1372 C  CB  . ILE A 1 188 ? -0.231  0.059   5.898   1.00 12.11 ? 180 ILE A CB  1 
ATOM   1373 C  CG1 . ILE A 1 188 ? -0.590  -0.124  7.379   1.00 14.45 ? 180 ILE A CG1 1 
ATOM   1374 C  CG2 . ILE A 1 188 ? -1.489  -0.082  5.024   1.00 13.06 ? 180 ILE A CG2 1 
ATOM   1375 C  CD1 . ILE A 1 188 ? -1.390  1.048   7.950   1.00 14.88 ? 180 ILE A CD1 1 
ATOM   1376 N  N   . SER A 1 189 ? 2.815   0.244   6.260   1.00 13.55 ? 181 SER A N   1 
ATOM   1377 C  CA  . SER A 1 189 ? 3.900   0.553   7.193   1.00 11.97 ? 181 SER A CA  1 
ATOM   1378 C  C   . SER A 1 189 ? 3.666   1.909   7.819   1.00 15.52 ? 181 SER A C   1 
ATOM   1379 O  O   . SER A 1 189 ? 3.058   2.797   7.210   1.00 14.64 ? 181 SER A O   1 
ATOM   1380 C  CB  . SER A 1 189 ? 5.252   0.559   6.469   1.00 14.45 ? 181 SER A CB  1 
ATOM   1381 O  OG  . SER A 1 189 ? 5.352   1.739   5.669   1.00 17.11 ? 181 SER A OG  1 
ATOM   1382 N  N   . SER A 1 190 ? 4.156   2.071   9.042   1.00 14.98 ? 182 SER A N   1 
ATOM   1383 C  CA  . SER A 1 190 ? 4.039   3.342   9.742   1.00 17.81 ? 182 SER A CA  1 
ATOM   1384 C  C   . SER A 1 190 ? 5.105   3.444   10.829  1.00 18.80 ? 182 SER A C   1 
ATOM   1385 O  O   . SER A 1 190 ? 5.928   2.545   10.964  1.00 17.72 ? 182 SER A O   1 
ATOM   1386 C  CB  . SER A 1 190 ? 2.641   3.493   10.335  1.00 24.05 ? 182 SER A CB  1 
ATOM   1387 O  OG  . SER A 1 190 ? 2.415   2.519   11.321  1.00 26.82 ? 182 SER A OG  1 
ATOM   1388 N  N   . ARG A 1 191 ? 5.107   4.557   11.569  1.00 19.45 ? 183 ARG A N   1 
ATOM   1389 C  CA  . ARG A 1 191 ? 6.099   4.754   12.628  1.00 19.78 ? 183 ARG A CA  1 
ATOM   1390 C  C   . ARG A 1 191 ? 5.584   4.353   14.019  1.00 24.44 ? 183 ARG A C   1 
ATOM   1391 O  O   . ARG A 1 191 ? 6.334   4.426   14.992  1.00 26.16 ? 183 ARG A O   1 
ATOM   1392 C  CB  . ARG A 1 191 ? 6.562   6.216   12.652  1.00 23.21 ? 183 ARG A CB  1 
ATOM   1393 C  CG  . ARG A 1 191 ? 7.684   6.512   11.693  1.00 28.16 ? 183 ARG A CG  1 
ATOM   1394 C  CD  . ARG A 1 191 ? 7.733   7.958   11.240  1.00 30.45 ? 183 ARG A CD  1 
ATOM   1395 N  NE  . ARG A 1 191 ? 7.980   7.989   9.809   1.00 41.78 ? 183 ARG A NE  1 
ATOM   1396 C  CZ  . ARG A 1 191 ? 7.045   8.121   8.881   1.00 41.11 ? 183 ARG A CZ  1 
ATOM   1397 N  NH1 . ARG A 1 191 ? 5.771   8.303   9.209   1.00 43.28 ? 183 ARG A NH1 1 
ATOM   1398 N  NH2 . ARG A 1 191 ? 7.402   8.107   7.610   1.00 43.70 ? 183 ARG A NH2 1 
ATOM   1399 N  N   . GLU A 1 192 ? 4.316   3.956   14.098  1.00 21.56 ? 184 GLU A N   1 
ATOM   1400 C  CA  . GLU A 1 192 ? 3.635   3.717   15.370  1.00 27.86 ? 184 GLU A CA  1 
ATOM   1401 C  C   . GLU A 1 192 ? 2.543   2.655   15.211  1.00 22.55 ? 184 GLU A C   1 
ATOM   1402 O  O   . GLU A 1 192 ? 2.045   2.430   14.101  1.00 22.97 ? 184 GLU A O   1 
ATOM   1403 C  CB  . GLU A 1 192 ? 3.016   5.040   15.899  1.00 32.02 ? 184 GLU A CB  1 
ATOM   1404 C  CG  . GLU A 1 192 ? 1.713   5.433   15.193  1.00 38.57 ? 184 GLU A CG  1 
ATOM   1405 C  CD  . GLU A 1 192 ? 1.350   6.915   15.269  1.00 44.46 ? 184 GLU A CD  1 
ATOM   1406 O  OE1 . GLU A 1 192 ? 1.811   7.611   16.203  1.00 47.57 ? 184 GLU A OE1 1 
ATOM   1407 O  OE2 . GLU A 1 192 ? 0.572   7.383   14.390  1.00 44.83 ? 184 GLU A OE2 1 
ATOM   1408 N  N   . GLU A 1 193 ? 2.152   2.015   16.317  1.00 20.78 ? 185 GLU A N   1 
ATOM   1409 C  CA  . GLU A 1 193 ? 0.979   1.149   16.304  1.00 23.83 ? 185 GLU A CA  1 
ATOM   1410 C  C   . GLU A 1 193 ? -0.306  1.949   16.053  1.00 22.26 ? 185 GLU A C   1 
ATOM   1411 O  O   . GLU A 1 193 ? -0.425  3.121   16.459  1.00 26.62 ? 185 GLU A O   1 
ATOM   1412 N  N   . LEU A 1 194 ? -1.260  1.314   15.385  1.00 22.28 ? 186 LEU A N   1 
ATOM   1413 C  CA  . LEU A 1 194 ? -2.541  1.933   15.067  1.00 22.57 ? 186 LEU A CA  1 
ATOM   1414 C  C   . LEU A 1 194 ? -3.685  1.104   15.629  1.00 24.84 ? 186 LEU A C   1 
ATOM   1415 O  O   . LEU A 1 194 ? -3.806  -0.085  15.330  1.00 23.65 ? 186 LEU A O   1 
ATOM   1416 C  CB  . LEU A 1 194 ? -2.705  2.077   13.552  1.00 22.09 ? 186 LEU A CB  1 
ATOM   1417 C  CG  . LEU A 1 194 ? -1.711  3.031   12.887  1.00 22.40 ? 186 LEU A CG  1 
ATOM   1418 C  CD1 . LEU A 1 194 ? -1.832  2.894   11.374  1.00 23.60 ? 186 LEU A CD1 1 
ATOM   1419 C  CD2 . LEU A 1 194 ? -1.938  4.482   13.309  1.00 25.64 ? 186 LEU A CD2 1 
ATOM   1420 N  N   . SER A 1 195 ? -4.525  1.757   16.429  1.00 26.87 ? 187 SER A N   1 
ATOM   1421 C  CA  . SER A 1 195 ? -5.645  1.112   17.114  1.00 28.47 ? 187 SER A CA  1 
ATOM   1422 C  C   . SER A 1 195 ? -6.638  0.489   16.132  1.00 27.16 ? 187 SER A C   1 
ATOM   1423 O  O   . SER A 1 195 ? -7.261  -0.534  16.432  1.00 26.65 ? 187 SER A O   1 
ATOM   1424 C  CB  . SER A 1 195 ? -6.360  2.134   18.010  1.00 28.81 ? 187 SER A CB  1 
ATOM   1425 O  OG  . SER A 1 195 ? -7.059  3.105   17.228  1.00 28.21 ? 187 SER A OG  1 
ATOM   1426 N  N   . TYR A 1 196 ? -6.774  1.111   14.960  1.00 24.90 ? 188 TYR A N   1 
ATOM   1427 C  CA  . TYR A 1 196 ? -7.711  0.661   13.936  1.00 21.92 ? 188 TYR A CA  1 
ATOM   1428 C  C   . TYR A 1 196 ? -7.148  -0.370  12.940  1.00 23.99 ? 188 TYR A C   1 
ATOM   1429 O  O   . TYR A 1 196 ? -7.854  -0.801  12.017  1.00 24.95 ? 188 TYR A O   1 
ATOM   1430 C  CB  . TYR A 1 196 ? -8.321  1.861   13.197  1.00 24.21 ? 188 TYR A CB  1 
ATOM   1431 C  CG  . TYR A 1 196 ? -7.323  2.863   12.661  1.00 20.87 ? 188 TYR A CG  1 
ATOM   1432 C  CD1 . TYR A 1 196 ? -6.693  2.658   11.427  1.00 22.56 ? 188 TYR A CD1 1 
ATOM   1433 C  CD2 . TYR A 1 196 ? -7.031  4.042   13.364  1.00 21.40 ? 188 TYR A CD2 1 
ATOM   1434 C  CE1 . TYR A 1 196 ? -5.773  3.597   10.912  1.00 21.40 ? 188 TYR A CE1 1 
ATOM   1435 C  CE2 . TYR A 1 196 ? -6.112  4.980   12.868  1.00 22.52 ? 188 TYR A CE2 1 
ATOM   1436 C  CZ  . TYR A 1 196 ? -5.492  4.749   11.628  1.00 24.10 ? 188 TYR A CZ  1 
ATOM   1437 O  OH  . TYR A 1 196 ? -4.600  5.670   11.123  1.00 24.71 ? 188 TYR A OH  1 
ATOM   1438 N  N   . CYS A 1 197 ? -5.893  -0.780  13.137  1.00 23.27 ? 189 CYS A N   1 
ATOM   1439 C  CA  . CYS A 1 197 ? -5.346  -1.904  12.379  1.00 22.67 ? 189 CYS A CA  1 
ATOM   1440 C  C   . CYS A 1 197 ? -5.477  -3.172  13.213  1.00 22.75 ? 189 CYS A C   1 
ATOM   1441 O  O   . CYS A 1 197 ? -5.177  -3.185  14.406  1.00 24.14 ? 189 CYS A O   1 
ATOM   1442 C  CB  . CYS A 1 197 ? -3.881  -1.680  12.000  1.00 20.81 ? 189 CYS A CB  1 
ATOM   1443 S  SG  . CYS A 1 197 ? -3.664  -0.395  10.749  1.00 22.76 ? 189 CYS A SG  1 
ATOM   1444 N  N   . ASP A 1 198 ? -5.909  -4.229  12.545  1.00 20.44 ? 190 ASP A N   1 
ATOM   1445 C  CA  . ASP A 1 198 ? -6.178  -5.512  13.165  1.00 22.26 ? 190 ASP A CA  1 
ATOM   1446 C  C   . ASP A 1 198 ? -4.913  -6.135  13.753  1.00 22.70 ? 190 ASP A C   1 
ATOM   1447 O  O   . ASP A 1 198 ? -4.946  -6.717  14.843  1.00 22.83 ? 190 ASP A O   1 
ATOM   1448 C  CB  . ASP A 1 198 ? -6.824  -6.408  12.118  1.00 24.97 ? 190 ASP A CB  1 
ATOM   1449 C  CG  . ASP A 1 198 ? -8.021  -5.733  11.475  1.00 31.10 ? 190 ASP A CG  1 
ATOM   1450 O  OD1 . ASP A 1 198 ? -7.861  -4.996  10.450  1.00 25.19 ? 190 ASP A OD1 1 
ATOM   1451 O  OD2 . ASP A 1 198 ? -9.165  -5.844  11.968  1.00 30.85 ? 190 ASP A OD2 1 
ATOM   1452 N  N   . VAL A 1 199 ? -3.796  -5.990  13.042  1.00 17.84 ? 191 VAL A N   1 
ATOM   1453 C  CA  . VAL A 1 199 ? -2.512  -6.564  13.458  1.00 17.98 ? 191 VAL A CA  1 
ATOM   1454 C  C   . VAL A 1 199 ? -1.471  -5.464  13.434  1.00 20.04 ? 191 VAL A C   1 
ATOM   1455 O  O   . VAL A 1 199 ? -1.332  -4.800  12.414  1.00 20.27 ? 191 VAL A O   1 
ATOM   1456 C  CB  . VAL A 1 199 ? -2.054  -7.691  12.505  1.00 19.62 ? 191 VAL A CB  1 
ATOM   1457 C  CG1 . VAL A 1 199 ? -0.660  -8.206  12.875  1.00 23.50 ? 191 VAL A CG1 1 
ATOM   1458 C  CG2 . VAL A 1 199 ? -3.084  -8.841  12.437  1.00 20.31 ? 191 VAL A CG2 1 
ATOM   1459 N  N   . ASN A 1 200 ? -0.784  -5.245  14.557  1.00 19.63 ? 192 ASN A N   1 
ATOM   1460 C  CA  . ASN A 1 200 ? 0.378   -4.358  14.613  1.00 20.96 ? 192 ASN A CA  1 
ATOM   1461 C  C   . ASN A 1 200 ? 1.640   -5.164  14.884  1.00 22.25 ? 192 ASN A C   1 
ATOM   1462 O  O   . ASN A 1 200 ? 1.731   -5.865  15.899  1.00 24.83 ? 192 ASN A O   1 
ATOM   1463 C  CB  . ASN A 1 200 ? 0.204   -3.250  15.664  1.00 22.03 ? 192 ASN A CB  1 
ATOM   1464 C  CG  . ASN A 1 200 ? -0.881  -2.251  15.276  1.00 23.01 ? 192 ASN A CG  1 
ATOM   1465 O  OD1 . ASN A 1 200 ? -0.647  -1.353  14.477  1.00 22.89 ? 192 ASN A OD1 1 
ATOM   1466 N  ND2 . ASN A 1 200 ? -2.081  -2.422  15.830  1.00 23.64 ? 192 ASN A ND2 1 
ATOM   1467 N  N   . GLU A 1 201 ? 2.608   -5.086  13.972  1.00 19.15 ? 193 GLU A N   1 
ATOM   1468 C  CA  . GLU A 1 201 ? 3.867   -5.817  14.133  1.00 20.33 ? 193 GLU A CA  1 
ATOM   1469 C  C   . GLU A 1 201 ? 5.008   -4.845  14.286  1.00 20.76 ? 193 GLU A C   1 
ATOM   1470 O  O   . GLU A 1 201 ? 5.423   -4.190  13.310  1.00 18.54 ? 193 GLU A O   1 
ATOM   1471 C  CB  . GLU A 1 201 ? 4.168   -6.720  12.923  1.00 22.83 ? 193 GLU A CB  1 
ATOM   1472 C  CG  . GLU A 1 201 ? 3.445   -8.053  12.851  1.00 29.79 ? 193 GLU A CG  1 
ATOM   1473 C  CD  . GLU A 1 201 ? 3.907   -9.082  13.880  1.00 33.15 ? 193 GLU A CD  1 
ATOM   1474 O  OE1 . GLU A 1 201 ? 5.098   -9.108  14.270  1.00 30.38 ? 193 GLU A OE1 1 
ATOM   1475 O  OE2 . GLU A 1 201 ? 3.051   -9.893  14.285  1.00 36.61 ? 193 GLU A OE2 1 
ATOM   1476 N  N   . ASN A 1 202 ? 5.531   -4.745  15.510  1.00 19.48 ? 194 ASN A N   1 
ATOM   1477 C  CA  . ASN A 1 202 ? 6.714   -3.933  15.763  1.00 20.71 ? 194 ASN A CA  1 
ATOM   1478 C  C   . ASN A 1 202 ? 7.939   -4.590  15.156  1.00 21.02 ? 194 ASN A C   1 
ATOM   1479 O  O   . ASN A 1 202 ? 8.314   -5.705  15.535  1.00 19.70 ? 194 ASN A O   1 
ATOM   1480 C  CB  . ASN A 1 202 ? 6.916   -3.739  17.275  1.00 22.33 ? 194 ASN A CB  1 
ATOM   1481 C  CG  . ASN A 1 202 ? 7.924   -2.658  17.597  1.00 22.61 ? 194 ASN A CG  1 
ATOM   1482 O  OD1 . ASN A 1 202 ? 8.944   -2.505  16.914  1.00 24.57 ? 194 ASN A OD1 1 
ATOM   1483 N  ND2 . ASN A 1 202 ? 7.640   -1.886  18.652  1.00 27.78 ? 194 ASN A ND2 1 
ATOM   1484 N  N   . LEU A 1 203 ? 8.575   -3.902  14.210  1.00 19.45 ? 195 LEU A N   1 
ATOM   1485 C  CA  . LEU A 1 203 ? 9.715   -4.477  13.505  1.00 18.77 ? 195 LEU A CA  1 
ATOM   1486 C  C   . LEU A 1 203 ? 11.003  -4.615  14.343  1.00 18.16 ? 195 LEU A C   1 
ATOM   1487 O  O   . LEU A 1 203 ? 11.935  -5.309  13.928  1.00 19.18 ? 195 LEU A O   1 
ATOM   1488 C  CB  . LEU A 1 203 ? 9.985   -3.718  12.202  1.00 19.55 ? 195 LEU A CB  1 
ATOM   1489 C  CG  . LEU A 1 203 ? 8.910   -3.905  11.126  1.00 19.60 ? 195 LEU A CG  1 
ATOM   1490 C  CD1 . LEU A 1 203 ? 9.362   -3.159  9.845   1.00 19.19 ? 195 LEU A CD1 1 
ATOM   1491 C  CD2 . LEU A 1 203 ? 8.666   -5.389  10.844  1.00 17.96 ? 195 LEU A CD2 1 
ATOM   1492 N  N   . HIS A 1 204 ? 11.054  -3.968  15.508  1.00 22.32 ? 196 HIS A N   1 
ATOM   1493 C  CA  . HIS A 1 204 ? 12.179  -4.153  16.433  1.00 24.44 ? 196 HIS A CA  1 
ATOM   1494 C  C   . HIS A 1 204 ? 12.373  -5.639  16.770  1.00 24.60 ? 196 HIS A C   1 
ATOM   1495 O  O   . HIS A 1 204 ? 13.497  -6.068  16.989  1.00 26.81 ? 196 HIS A O   1 
ATOM   1496 C  CB  A HIS A 1 204 ? 11.986  -3.318  17.709  0.65 30.33 ? 196 HIS A CB  1 
ATOM   1497 C  CB  B HIS A 1 204 ? 11.978  -3.330  17.711  0.35 23.26 ? 196 HIS A CB  1 
ATOM   1498 C  CG  A HIS A 1 204 ? 13.088  -3.471  18.718  0.65 35.11 ? 196 HIS A CG  1 
ATOM   1499 C  CG  B HIS A 1 204 ? 12.280  -1.871  17.549  0.35 22.06 ? 196 HIS A CG  1 
ATOM   1500 N  ND1 A HIS A 1 204 ? 14.386  -3.073  18.475  0.65 37.22 ? 196 HIS A ND1 1 
ATOM   1501 N  ND1 B HIS A 1 204 ? 11.332  -0.889  17.744  0.35 22.70 ? 196 HIS A ND1 1 
ATOM   1502 C  CD2 A HIS A 1 204 ? 13.079  -3.970  19.977  0.65 37.53 ? 196 HIS A CD2 1 
ATOM   1503 C  CD2 B HIS A 1 204 ? 13.425  -1.226  17.216  0.35 21.68 ? 196 HIS A CD2 1 
ATOM   1504 C  CE1 A HIS A 1 204 ? 15.129  -3.324  19.539  0.65 37.83 ? 196 HIS A CE1 1 
ATOM   1505 C  CE1 B HIS A 1 204 ? 11.879  0.297   17.537  0.35 20.80 ? 196 HIS A CE1 1 
ATOM   1506 N  NE2 A HIS A 1 204 ? 14.360  -3.870  20.464  0.65 38.18 ? 196 HIS A NE2 1 
ATOM   1507 N  NE2 B HIS A 1 204 ? 13.147  0.120   17.212  0.35 19.82 ? 196 HIS A NE2 1 
ATOM   1508 N  N   . LYS A 1 205 ? 11.281  -6.405  16.770  1.00 27.47 ? 197 LYS A N   1 
ATOM   1509 C  CA  . LYS A 1 205 ? 11.284  -7.864  17.024  1.00 28.12 ? 197 LYS A CA  1 
ATOM   1510 C  C   . LYS A 1 205 ? 12.152  -8.659  16.057  1.00 26.50 ? 197 LYS A C   1 
ATOM   1511 O  O   . LYS A 1 205 ? 12.608  -9.775  16.370  1.00 24.92 ? 197 LYS A O   1 
ATOM   1512 C  CB  . LYS A 1 205 ? 9.866   -8.422  16.904  1.00 29.23 ? 197 LYS A CB  1 
ATOM   1513 C  CG  . LYS A 1 205 ? 8.885   -7.955  17.954  1.00 36.40 ? 197 LYS A CG  1 
ATOM   1514 C  CD  . LYS A 1 205 ? 7.735   -8.947  18.097  1.00 39.11 ? 197 LYS A CD  1 
ATOM   1515 C  CE  . LYS A 1 205 ? 6.640   -8.683  17.070  1.00 39.05 ? 197 LYS A CE  1 
ATOM   1516 N  NZ  . LYS A 1 205 ? 5.707   -9.854  16.913  1.00 41.55 ? 197 LYS A NZ  1 
ATOM   1517 N  N   . TYR A 1 206 ? 12.348  -8.099  14.869  1.00 22.33 ? 198 TYR A N   1 
ATOM   1518 C  CA  . TYR A 1 206 ? 13.010  -8.798  13.776  1.00 21.55 ? 198 TYR A CA  1 
ATOM   1519 C  C   . TYR A 1 206 ? 14.310  -8.141  13.333  1.00 21.01 ? 198 TYR A C   1 
ATOM   1520 O  O   . TYR A 1 206 ? 14.972  -8.633  12.437  1.00 21.33 ? 198 TYR A O   1 
ATOM   1521 C  CB  . TYR A 1 206 ? 12.058  -8.867  12.574  1.00 17.78 ? 198 TYR A CB  1 
ATOM   1522 C  CG  . TYR A 1 206 ? 10.713  -9.458  12.904  1.00 18.79 ? 198 TYR A CG  1 
ATOM   1523 C  CD1 . TYR A 1 206 ? 10.587  -10.812 13.234  1.00 21.64 ? 198 TYR A CD1 1 
ATOM   1524 C  CD2 . TYR A 1 206 ? 9.558   -8.667  12.903  1.00 20.55 ? 198 TYR A CD2 1 
ATOM   1525 C  CE1 . TYR A 1 206 ? 9.350   -11.366 13.533  1.00 22.73 ? 198 TYR A CE1 1 
ATOM   1526 C  CE2 . TYR A 1 206 ? 8.318   -9.219  13.200  1.00 23.31 ? 198 TYR A CE2 1 
ATOM   1527 C  CZ  . TYR A 1 206 ? 8.223   -10.568 13.518  1.00 24.90 ? 198 TYR A CZ  1 
ATOM   1528 O  OH  . TYR A 1 206 ? 7.001   -11.113 13.818  1.00 25.32 ? 198 TYR A OH  1 
ATOM   1529 N  N   . SER A 1 207 ? 14.659  -7.013  13.948  1.00 24.47 ? 199 SER A N   1 
ATOM   1530 C  CA  . SER A 1 207 ? 15.775  -6.197  13.467  1.00 27.63 ? 199 SER A CA  1 
ATOM   1531 C  C   . SER A 1 207 ? 17.138  -6.832  13.761  1.00 32.23 ? 199 SER A C   1 
ATOM   1532 O  O   . SER A 1 207 ? 17.353  -7.358  14.850  1.00 35.03 ? 199 SER A O   1 
ATOM   1533 C  CB  . SER A 1 207 ? 15.705  -4.786  14.062  1.00 27.89 ? 199 SER A CB  1 
ATOM   1534 O  OG  . SER A 1 207 ? 16.789  -4.013  13.583  1.00 28.72 ? 199 SER A OG  1 
ATOM   1535 N  N   . THR A 1 208 ? 18.050  -6.773  12.787  1.00 36.16 ? 200 THR A N   1 
ATOM   1536 C  CA  . THR A 1 208 ? 19.391  -7.345  12.940  1.00 41.08 ? 200 THR A CA  1 
ATOM   1537 C  C   . THR A 1 208 ? 20.263  -6.451  13.824  1.00 43.93 ? 200 THR A C   1 
ATOM   1538 O  O   . THR A 1 208 ? 20.278  -5.228  13.655  1.00 47.07 ? 200 THR A O   1 
ATOM   1539 C  CB  . THR A 1 208 ? 20.061  -7.554  11.563  1.00 41.71 ? 200 THR A CB  1 
ATOM   1540 O  OG1 . THR A 1 208 ? 19.418  -8.635  10.882  1.00 45.03 ? 200 THR A OG1 1 
ATOM   1541 C  CG2 . THR A 1 208 ? 21.500  -8.056  11.730  1.00 43.74 ? 200 THR A CG2 1 
HETATM 1542 CL CL  . CL  B 2 .   ? 12.506  1.908   6.575   1.00 24.30 ? 207 CL  A CL  1 
HETATM 1543 NA NA  . NA  C 3 .   ? -4.743  22.673  -14.126 1.00 25.55 ? 208 NA  A NA  1 
HETATM 1544 CL CL  . CL  D 2 .   ? -3.700  17.020  2.849   1.00 25.79 ? 209 CL  A CL  1 
HETATM 1545 O  O   . HOH E 4 .   ? 14.832  -15.627 8.222   1.00 15.17 ? 210 HOH A O   1 
HETATM 1546 O  O   . HOH E 4 .   ? -9.114  -1.486  -5.447  1.00 19.60 ? 211 HOH A O   1 
HETATM 1547 O  O   . HOH E 4 .   ? -3.641  21.125  -3.322  1.00 18.30 ? 212 HOH A O   1 
HETATM 1548 O  O   . HOH E 4 .   ? 14.590  -9.069  0.619   1.00 15.49 ? 213 HOH A O   1 
HETATM 1549 O  O   . HOH E 4 .   ? 8.172   12.024  -2.158  1.00 17.43 ? 214 HOH A O   1 
HETATM 1550 O  O   . HOH E 4 .   ? 4.514   7.642   -5.751  1.00 15.27 ? 215 HOH A O   1 
HETATM 1551 O  O   . HOH E 4 .   ? 3.265   -18.655 7.781   1.00 20.78 ? 216 HOH A O   1 
HETATM 1552 O  O   . HOH E 4 .   ? 1.599   6.875   6.672   1.00 19.27 ? 217 HOH A O   1 
HETATM 1553 O  O   . HOH E 4 .   ? -8.557  18.356  -17.177 1.00 20.24 ? 218 HOH A O   1 
HETATM 1554 O  O   . HOH E 4 .   ? 7.201   14.597  -1.172  1.00 17.55 ? 219 HOH A O   1 
HETATM 1555 O  O   . HOH E 4 .   ? -15.533 18.797  -9.146  1.00 20.55 ? 220 HOH A O   1 
HETATM 1556 O  O   . HOH E 4 .   ? -1.106  5.475   -7.613  1.00 16.69 ? 221 HOH A O   1 
HETATM 1557 O  O   . HOH E 4 .   ? -9.340  2.946   -16.808 1.00 17.69 ? 222 HOH A O   1 
HETATM 1558 O  O   . HOH E 4 .   ? -5.864  8.428   -18.626 1.00 21.37 ? 223 HOH A O   1 
HETATM 1559 O  O   . HOH E 4 .   ? -9.240  15.697  -17.327 1.00 21.96 ? 224 HOH A O   1 
HETATM 1560 O  O   . HOH E 4 .   ? -4.979  -8.277  5.302   1.00 22.06 ? 225 HOH A O   1 
HETATM 1561 O  O   . HOH E 4 .   ? 2.433   7.754   -10.010 1.00 17.70 ? 226 HOH A O   1 
HETATM 1562 O  O   . HOH E 4 .   ? 9.762   -11.143 -3.462  1.00 22.53 ? 227 HOH A O   1 
HETATM 1563 O  O   . HOH E 4 .   ? 3.308   19.602  -4.735  1.00 16.75 ? 228 HOH A O   1 
HETATM 1564 O  O   . HOH E 4 .   ? -13.218 -2.891  -16.231 1.00 22.95 ? 229 HOH A O   1 
HETATM 1565 O  O   . HOH E 4 .   ? 0.368   -23.221 6.354   1.00 24.88 ? 230 HOH A O   1 
HETATM 1566 O  O   . HOH E 4 .   ? 4.455   -6.194  17.738  1.00 27.10 ? 231 HOH A O   1 
HETATM 1567 O  O   . HOH E 4 .   ? -6.091  5.793   -19.311 1.00 25.02 ? 232 HOH A O   1 
HETATM 1568 O  O   . HOH E 4 .   ? -12.604 8.056   8.265   1.00 27.77 ? 233 HOH A O   1 
HETATM 1569 O  O   . HOH E 4 .   ? 5.609   14.013  -8.454  1.00 26.36 ? 234 HOH A O   1 
HETATM 1570 O  O   . HOH E 4 .   ? -11.457 10.631  4.340   1.00 25.44 ? 235 HOH A O   1 
HETATM 1571 O  O   . HOH E 4 .   ? 6.944   -13.631 13.068  1.00 25.28 ? 236 HOH A O   1 
HETATM 1572 O  O   . HOH E 4 .   ? 8.996   5.116   15.227  1.00 26.40 ? 237 HOH A O   1 
HETATM 1573 O  O   . HOH E 4 .   ? -0.461  -19.729 0.987   1.00 23.31 ? 238 HOH A O   1 
HETATM 1574 O  O   . HOH E 4 .   ? 6.373   4.084   7.297   1.00 22.84 ? 239 HOH A O   1 
HETATM 1575 O  O   . HOH E 4 .   ? 2.900   -3.491  18.089  1.00 26.92 ? 240 HOH A O   1 
HETATM 1576 O  O   . HOH E 4 .   ? 3.405   -12.844 -11.823 1.00 25.18 ? 241 HOH A O   1 
HETATM 1577 O  O   . HOH E 4 .   ? -16.577 20.342  -12.786 1.00 31.13 ? 242 HOH A O   1 
HETATM 1578 O  O   . HOH E 4 .   ? 5.131   -2.368  -10.766 1.00 23.11 ? 243 HOH A O   1 
HETATM 1579 O  O   . HOH E 4 .   ? -3.880  -10.644 8.834   1.00 27.56 ? 244 HOH A O   1 
HETATM 1580 O  O   . HOH E 4 .   ? -8.073  12.456  11.232  1.00 26.99 ? 245 HOH A O   1 
HETATM 1581 O  O   . HOH E 4 .   ? 11.133  4.678   5.987   1.00 28.02 ? 246 HOH A O   1 
HETATM 1582 O  O   . HOH E 4 .   ? -15.251 3.907   -7.021  1.00 24.72 ? 247 HOH A O   1 
HETATM 1583 O  O   . HOH E 4 .   ? -17.557 7.809   -1.827  1.00 28.63 ? 248 HOH A O   1 
HETATM 1584 O  O   . HOH E 4 .   ? -15.429 6.316   2.009   1.00 25.79 ? 249 HOH A O   1 
HETATM 1585 O  O   . HOH E 4 .   ? -2.348  3.165   -18.114 1.00 20.96 ? 250 HOH A O   1 
HETATM 1586 O  O   . HOH E 4 .   ? 1.057   -21.991 1.668   1.00 26.28 ? 251 HOH A O   1 
HETATM 1587 O  O   . HOH E 4 .   ? 16.126  -8.453  -5.816  1.00 37.06 ? 252 HOH A O   1 
HETATM 1588 O  O   . HOH E 4 .   ? 9.073   -16.224 -1.970  1.00 24.40 ? 253 HOH A O   1 
HETATM 1589 O  O   . HOH E 4 .   ? 11.452  -17.488 -1.687  1.00 22.27 ? 254 HOH A O   1 
HETATM 1590 O  O   . HOH E 4 .   ? 0.125   19.165  1.460   1.00 25.22 ? 255 HOH A O   1 
HETATM 1591 O  O   . HOH E 4 .   ? 17.487  -9.155  -2.210  1.00 30.35 ? 256 HOH A O   1 
HETATM 1592 O  O   . HOH E 4 .   ? 2.277   -18.390 10.640  1.00 29.68 ? 257 HOH A O   1 
HETATM 1593 O  O   . HOH E 4 .   ? 0.403   -14.679 12.051  1.00 25.69 ? 258 HOH A O   1 
HETATM 1594 O  O   . HOH E 4 .   ? -14.395 -0.197  -12.778 1.00 31.11 ? 259 HOH A O   1 
HETATM 1595 O  O   . HOH E 4 .   ? 12.828  -18.033 10.973  1.00 27.90 ? 260 HOH A O   1 
HETATM 1596 O  O   . HOH E 4 .   ? 14.695  -17.591 0.053   1.00 27.75 ? 261 HOH A O   1 
HETATM 1597 O  O   . HOH E 4 .   ? -19.456 10.310  -5.570  1.00 27.13 ? 262 HOH A O   1 
HETATM 1598 O  O   . HOH E 4 .   ? -17.759 3.318   -6.593  1.00 28.69 ? 263 HOH A O   1 
HETATM 1599 O  O   . HOH E 4 .   ? -5.240  12.603  12.240  1.00 26.68 ? 264 HOH A O   1 
HETATM 1600 O  O   . HOH E 4 .   ? 3.063   17.866  3.000   1.00 26.54 ? 265 HOH A O   1 
HETATM 1601 O  O   . HOH E 4 .   ? -15.097 14.358  -4.061  1.00 21.27 ? 266 HOH A O   1 
HETATM 1602 O  O   . HOH E 4 .   ? 7.025   1.893   16.257  1.00 28.15 ? 267 HOH A O   1 
HETATM 1603 O  O   . HOH E 4 .   ? -3.937  4.542   17.146  1.00 30.96 ? 268 HOH A O   1 
HETATM 1604 O  O   . HOH E 4 .   ? -15.372 4.980   -2.291  1.00 26.73 ? 269 HOH A O   1 
HETATM 1605 O  O   . HOH E 4 .   ? 7.426   14.609  -4.736  1.00 25.69 ? 270 HOH A O   1 
HETATM 1606 O  O   . HOH E 4 .   ? 15.266  -16.149 -2.148  1.00 32.05 ? 271 HOH A O   1 
HETATM 1607 O  O   . HOH E 4 .   ? 4.720   16.180  -7.299  1.00 30.58 ? 272 HOH A O   1 
HETATM 1608 O  O   . HOH E 4 .   ? -1.350  -6.610  17.018  1.00 31.28 ? 273 HOH A O   1 
HETATM 1609 O  O   . HOH E 4 .   ? 5.681   16.791  -21.478 1.00 32.34 ? 274 HOH A O   1 
HETATM 1610 O  O   . HOH E 4 .   ? 2.142   9.702   7.867   1.00 25.25 ? 275 HOH A O   1 
HETATM 1611 O  O   . HOH E 4 .   ? 8.405   3.704   5.156   1.00 30.73 ? 276 HOH A O   1 
HETATM 1612 O  O   . HOH E 4 .   ? 4.986   -2.244  19.947  1.00 31.55 ? 277 HOH A O   1 
HETATM 1613 O  O   . HOH E 4 .   ? 16.448  -3.342  11.000  1.00 24.54 ? 278 HOH A O   1 
HETATM 1614 O  O   . HOH E 4 .   ? -4.857  14.795  -18.380 1.00 23.54 ? 279 HOH A O   1 
HETATM 1615 O  O   . HOH E 4 .   ? -10.516 13.261  4.699   1.00 28.01 ? 280 HOH A O   1 
HETATM 1616 O  O   . HOH E 4 .   ? 3.734   2.295   18.764  1.00 30.45 ? 281 HOH A O   1 
HETATM 1617 O  O   . HOH E 4 .   ? -1.464  -11.290 10.291  1.00 27.30 ? 282 HOH A O   1 
HETATM 1618 O  O   . HOH E 4 .   ? -17.061 22.568  -11.102 1.00 21.98 ? 283 HOH A O   1 
HETATM 1619 O  O   . HOH E 4 .   ? -13.037 0.051   -10.310 1.00 28.03 ? 284 HOH A O   1 
HETATM 1620 O  O   . HOH E 4 .   ? 15.070  -20.198 3.036   1.00 25.61 ? 285 HOH A O   1 
HETATM 1621 O  O   . HOH E 4 .   ? -10.077 19.383  -5.133  1.00 30.17 ? 286 HOH A O   1 
HETATM 1622 O  O   . HOH E 4 .   ? 3.193   6.758   11.404  1.00 37.53 ? 287 HOH A O   1 
HETATM 1623 O  O   . HOH E 4 .   ? 18.288  -13.646 -2.614  1.00 32.07 ? 288 HOH A O   1 
HETATM 1624 O  O   . HOH E 4 .   ? -2.804  0.795   -19.460 1.00 24.07 ? 289 HOH A O   1 
HETATM 1625 O  O   . HOH E 4 .   ? -7.502  -7.095  4.491   1.00 26.42 ? 290 HOH A O   1 
HETATM 1626 O  O   . HOH E 4 .   ? -3.726  4.733   -20.031 1.00 25.97 ? 291 HOH A O   1 
HETATM 1627 O  O   . HOH E 4 .   ? -4.249  -22.390 -4.850  1.00 27.56 ? 292 HOH A O   1 
HETATM 1628 O  O   . HOH E 4 .   ? -3.685  -23.438 -7.340  1.00 27.12 ? 293 HOH A O   1 
HETATM 1629 O  O   . HOH E 4 .   ? 11.285  -21.580 5.303   1.00 34.89 ? 294 HOH A O   1 
HETATM 1630 O  O   . HOH E 4 .   ? -13.781 0.827   -4.129  1.00 34.08 ? 295 HOH A O   1 
HETATM 1631 O  O   . HOH E 4 .   ? -14.200 3.496   -4.307  1.00 31.07 ? 296 HOH A O   1 
HETATM 1632 O  O   . HOH E 4 .   ? -15.443 21.611  -8.885  1.00 26.24 ? 297 HOH A O   1 
HETATM 1633 O  O   . HOH E 4 .   ? -15.941 -0.948  -17.062 1.00 32.50 ? 298 HOH A O   1 
HETATM 1634 O  O   . HOH E 4 .   ? -7.885  18.449  -7.348  1.00 28.61 ? 299 HOH A O   1 
HETATM 1635 O  O   . HOH E 4 .   ? 8.572   2.810   -0.759  1.00 17.21 ? 300 HOH A O   1 
HETATM 1636 O  O   . HOH E 4 .   ? 18.831  -14.142 7.941   1.00 31.51 ? 301 HOH A O   1 
HETATM 1637 O  O   . HOH E 4 .   ? -14.515 4.304   3.616   1.00 23.41 ? 302 HOH A O   1 
HETATM 1638 O  O   . HOH E 4 .   ? 1.527   0.987   -8.030  1.00 22.93 ? 303 HOH A O   1 
HETATM 1639 O  O   . HOH E 4 .   ? 2.176   -1.946  -7.901  1.00 20.09 ? 304 HOH A O   1 
HETATM 1640 O  O   . HOH E 4 .   ? -7.014  -11.429 -1.161  1.00 32.29 ? 305 HOH A O   1 
# 
